data_1SQZ
# 
_entry.id   1SQZ 
# 
_audit_conform.dict_name       mmcif_pdbx.dic 
_audit_conform.dict_version    5.398 
_audit_conform.dict_location   http://mmcif.pdb.org/dictionaries/ascii/mmcif_pdbx.dic 
# 
loop_
_database_2.database_id 
_database_2.database_code 
_database_2.pdbx_database_accession 
_database_2.pdbx_DOI 
PDB   1SQZ         pdb_00001sqz 10.2210/pdb1sqz/pdb 
RCSB  RCSB021936   ?            ?                   
WWPDB D_1000021936 ?            ?                   
# 
loop_
_pdbx_audit_revision_history.ordinal 
_pdbx_audit_revision_history.data_content_type 
_pdbx_audit_revision_history.major_revision 
_pdbx_audit_revision_history.minor_revision 
_pdbx_audit_revision_history.revision_date 
1 'Structure model' 1 0 2004-04-13 
2 'Structure model' 1 1 2008-04-29 
3 'Structure model' 1 2 2011-07-13 
4 'Structure model' 1 3 2012-12-12 
5 'Structure model' 1 4 2023-08-23 
6 'Structure model' 1 5 2024-11-06 
# 
_pdbx_audit_revision_details.ordinal             1 
_pdbx_audit_revision_details.revision_ordinal    1 
_pdbx_audit_revision_details.data_content_type   'Structure model' 
_pdbx_audit_revision_details.provider            repository 
_pdbx_audit_revision_details.type                'Initial release' 
_pdbx_audit_revision_details.description         ? 
_pdbx_audit_revision_details.details             ? 
# 
loop_
_pdbx_audit_revision_group.ordinal 
_pdbx_audit_revision_group.revision_ordinal 
_pdbx_audit_revision_group.data_content_type 
_pdbx_audit_revision_group.group 
1  2 'Structure model' 'Version format compliance' 
2  3 'Structure model' 'Atomic model'              
3  3 'Structure model' 'Database references'       
4  3 'Structure model' 'Derived calculations'      
5  3 'Structure model' 'Non-polymer description'   
6  3 'Structure model' 'Structure summary'         
7  3 'Structure model' 'Version format compliance' 
8  4 'Structure model' Other                       
9  5 'Structure model' 'Data collection'           
10 5 'Structure model' 'Database references'       
11 5 'Structure model' 'Derived calculations'      
12 5 'Structure model' 'Refinement description'    
13 6 'Structure model' 'Structure summary'         
# 
loop_
_pdbx_audit_revision_category.ordinal 
_pdbx_audit_revision_category.revision_ordinal 
_pdbx_audit_revision_category.data_content_type 
_pdbx_audit_revision_category.category 
1 5 'Structure model' chem_comp_atom                
2 5 'Structure model' chem_comp_bond                
3 5 'Structure model' database_2                    
4 5 'Structure model' diffrn_source                 
5 5 'Structure model' pdbx_initial_refinement_model 
6 5 'Structure model' struct_conn                   
7 5 'Structure model' struct_site                   
8 6 'Structure model' pdbx_entry_details            
9 6 'Structure model' pdbx_modification_feature     
# 
loop_
_pdbx_audit_revision_item.ordinal 
_pdbx_audit_revision_item.revision_ordinal 
_pdbx_audit_revision_item.data_content_type 
_pdbx_audit_revision_item.item 
1 5 'Structure model' '_database_2.pdbx_DOI'                 
2 5 'Structure model' '_database_2.pdbx_database_accession'  
3 5 'Structure model' '_diffrn_source.pdbx_synchrotron_site' 
4 5 'Structure model' '_struct_conn.pdbx_leaving_atom_flag'  
5 5 'Structure model' '_struct_site.pdbx_auth_asym_id'       
6 5 'Structure model' '_struct_site.pdbx_auth_comp_id'       
7 5 'Structure model' '_struct_site.pdbx_auth_seq_id'        
# 
_pdbx_database_status.status_code                     REL 
_pdbx_database_status.entry_id                        1SQZ 
_pdbx_database_status.recvd_initial_deposition_date   2004-03-22 
_pdbx_database_status.deposit_site                    RCSB 
_pdbx_database_status.process_site                    RCSB 
_pdbx_database_status.SG_entry                        . 
_pdbx_database_status.status_code_sf                  ? 
_pdbx_database_status.status_code_mr                  ? 
_pdbx_database_status.status_code_cs                  ? 
_pdbx_database_status.pdb_format_compatible           Y 
_pdbx_database_status.status_code_nmr_data            ? 
_pdbx_database_status.methods_development_category    ? 
# 
_pdbx_database_related.db_name        PDB 
_pdbx_database_related.db_id          1FB2 
_pdbx_database_related.details        'Structure Of Phospholipase A2 From Daboia Russelli Pulchella At 1.95' 
_pdbx_database_related.content_type   unspecified 
# 
loop_
_audit_author.name 
_audit_author.pdbx_ordinal 
'Singh, N.'          1 
'Prem Kumar, R.'     2 
'Somvanshi, R.K.'    3 
'Bilgrami, S.'       4 
'Ethayathulla, A.S.' 5 
'Sharma, S.'         6 
'Dey, S.'            7 
'Singh, T.P.'        8 
# 
_citation.id                        primary 
_citation.title                     
;Design of specific inhibitors of Phopholipase A2: Crystal structure of the complex formed between GroupII Phopholipase A2 and a designed peptide Dehydro-Ile-Ala-Arg-Ser at 1.2A resolution
;
_citation.journal_abbrev            'To be Published' 
_citation.journal_volume            ? 
_citation.page_first                ? 
_citation.page_last                 ? 
_citation.year                      ? 
_citation.journal_id_ASTM           ? 
_citation.country                   ? 
_citation.journal_id_ISSN           ? 
_citation.journal_id_CSD            0353 
_citation.book_publisher            ? 
_citation.pdbx_database_id_PubMed   ? 
_citation.pdbx_database_id_DOI      ? 
# 
loop_
_citation_author.citation_id 
_citation_author.name 
_citation_author.ordinal 
_citation_author.identifier_ORCID 
primary 'Singh, N.'          1 ? 
primary 'Prem Kumar, R.'     2 ? 
primary 'Somvanshi, R.K.'    3 ? 
primary 'Bilgrami, S.'       4 ? 
primary 'Ethayathulla, A.S.' 5 ? 
primary 'Sharma, S.'         6 ? 
primary 'Dey, S.'            7 ? 
primary 'Singh, T.P.'        8 ? 
# 
loop_
_entity.id 
_entity.type 
_entity.src_method 
_entity.pdbx_description 
_entity.formula_weight 
_entity.pdbx_number_of_molecules 
_entity.pdbx_ec 
_entity.pdbx_mutation 
_entity.pdbx_fragment 
_entity.details 
1 polymer     nat 'Phospholipase A2'  13629.767 1   3.1.1.4 ? ? ? 
2 polymer     syn 'synthetic peptide' 599.100   1   ?       ? ? ? 
3 non-polymer syn 'SULFATE ION'       96.063    3   ?       ? ? ? 
4 water       nat water               18.015    270 ?       ? ? ? 
# 
_entity_name_com.entity_id   1 
_entity_name_com.name        'Phosphatidylcholine 2-acylhydrolase' 
# 
loop_
_entity_poly.entity_id 
_entity_poly.type 
_entity_poly.nstd_linkage 
_entity_poly.nstd_monomer 
_entity_poly.pdbx_seq_one_letter_code 
_entity_poly.pdbx_seq_one_letter_code_can 
_entity_poly.pdbx_strand_id 
_entity_poly.pdbx_target_identifier 
1 'polypeptide(L)' no no  
;SLLEFGKMILEETGKLAIPSYSSYGCYCGWGGKGTPKDATDRCCFVHDCCYGNLPDCNPKSDRYKYKRVNGAIVCEKGTS
CENRICECDKAAAICFRQNLNTYSKKYMLYPDFLCKGELKC
;
;SLLEFGKMILEETGKLAIPSYSSYGCYCGWGGKGTPKDATDRCCFVHDCCYGNLPDCNPKSDRYKYKRVNGAIVCEKGTS
CENRICECDKAAAICFRQNLNTYSKKYMLYPDFLCKGELKC
;
A ? 
2 'polypeptide(L)' no yes '(PHQ)IARS' XIARS B ? 
# 
loop_
_pdbx_entity_nonpoly.entity_id 
_pdbx_entity_nonpoly.name 
_pdbx_entity_nonpoly.comp_id 
3 'SULFATE ION' SO4 
4 water         HOH 
# 
loop_
_entity_poly_seq.entity_id 
_entity_poly_seq.num 
_entity_poly_seq.mon_id 
_entity_poly_seq.hetero 
1 1   SER n 
1 2   LEU n 
1 3   LEU n 
1 4   GLU n 
1 5   PHE n 
1 6   GLY n 
1 7   LYS n 
1 8   MET n 
1 9   ILE n 
1 10  LEU n 
1 11  GLU n 
1 12  GLU n 
1 13  THR n 
1 14  GLY n 
1 15  LYS n 
1 16  LEU n 
1 17  ALA n 
1 18  ILE n 
1 19  PRO n 
1 20  SER n 
1 21  TYR n 
1 22  SER n 
1 23  SER n 
1 24  TYR n 
1 25  GLY n 
1 26  CYS n 
1 27  TYR n 
1 28  CYS n 
1 29  GLY n 
1 30  TRP n 
1 31  GLY n 
1 32  GLY n 
1 33  LYS n 
1 34  GLY n 
1 35  THR n 
1 36  PRO n 
1 37  LYS n 
1 38  ASP n 
1 39  ALA n 
1 40  THR n 
1 41  ASP n 
1 42  ARG n 
1 43  CYS n 
1 44  CYS n 
1 45  PHE n 
1 46  VAL n 
1 47  HIS n 
1 48  ASP n 
1 49  CYS n 
1 50  CYS n 
1 51  TYR n 
1 52  GLY n 
1 53  ASN n 
1 54  LEU n 
1 55  PRO n 
1 56  ASP n 
1 57  CYS n 
1 58  ASN n 
1 59  PRO n 
1 60  LYS n 
1 61  SER n 
1 62  ASP n 
1 63  ARG n 
1 64  TYR n 
1 65  LYS n 
1 66  TYR n 
1 67  LYS n 
1 68  ARG n 
1 69  VAL n 
1 70  ASN n 
1 71  GLY n 
1 72  ALA n 
1 73  ILE n 
1 74  VAL n 
1 75  CYS n 
1 76  GLU n 
1 77  LYS n 
1 78  GLY n 
1 79  THR n 
1 80  SER n 
1 81  CYS n 
1 82  GLU n 
1 83  ASN n 
1 84  ARG n 
1 85  ILE n 
1 86  CYS n 
1 87  GLU n 
1 88  CYS n 
1 89  ASP n 
1 90  LYS n 
1 91  ALA n 
1 92  ALA n 
1 93  ALA n 
1 94  ILE n 
1 95  CYS n 
1 96  PHE n 
1 97  ARG n 
1 98  GLN n 
1 99  ASN n 
1 100 LEU n 
1 101 ASN n 
1 102 THR n 
1 103 TYR n 
1 104 SER n 
1 105 LYS n 
1 106 LYS n 
1 107 TYR n 
1 108 MET n 
1 109 LEU n 
1 110 TYR n 
1 111 PRO n 
1 112 ASP n 
1 113 PHE n 
1 114 LEU n 
1 115 CYS n 
1 116 LYS n 
1 117 GLY n 
1 118 GLU n 
1 119 LEU n 
1 120 LYS n 
1 121 CYS n 
2 1   PHQ n 
2 2   ILE n 
2 3   ALA n 
2 4   ARG n 
2 5   SER n 
# 
_entity_src_nat.entity_id                  1 
_entity_src_nat.pdbx_src_id                1 
_entity_src_nat.pdbx_alt_source_flag       sample 
_entity_src_nat.pdbx_beg_seq_num           ? 
_entity_src_nat.pdbx_end_seq_num           ? 
_entity_src_nat.common_name                ? 
_entity_src_nat.pdbx_organism_scientific   'Daboia russellii russellii' 
_entity_src_nat.pdbx_ncbi_taxonomy_id      31159 
_entity_src_nat.genus                      Daboia 
_entity_src_nat.species                    'Daboia russellii' 
_entity_src_nat.strain                     russellii 
_entity_src_nat.tissue                     ? 
_entity_src_nat.tissue_fraction            ? 
_entity_src_nat.pdbx_secretion             ? 
_entity_src_nat.pdbx_fragment              ? 
_entity_src_nat.pdbx_variant               ? 
_entity_src_nat.pdbx_cell_line             ? 
_entity_src_nat.pdbx_atcc                  ? 
_entity_src_nat.pdbx_cellular_location     ? 
_entity_src_nat.pdbx_organ                 ? 
_entity_src_nat.pdbx_organelle             ? 
_entity_src_nat.pdbx_cell                  ? 
_entity_src_nat.pdbx_plasmid_name          ? 
_entity_src_nat.pdbx_plasmid_details       ? 
_entity_src_nat.details                    ? 
# 
_pdbx_entity_src_syn.entity_id              2 
_pdbx_entity_src_syn.pdbx_src_id            1 
_pdbx_entity_src_syn.pdbx_alt_source_flag   sample 
_pdbx_entity_src_syn.pdbx_beg_seq_num       ? 
_pdbx_entity_src_syn.pdbx_end_seq_num       ? 
_pdbx_entity_src_syn.organism_scientific    ? 
_pdbx_entity_src_syn.organism_common_name   ? 
_pdbx_entity_src_syn.ncbi_taxonomy_id       ? 
_pdbx_entity_src_syn.details                'solid phase synthesis' 
# 
loop_
_chem_comp.id 
_chem_comp.type 
_chem_comp.mon_nstd_flag 
_chem_comp.name 
_chem_comp.pdbx_synonyms 
_chem_comp.formula 
_chem_comp.formula_weight 
ALA 'L-peptide linking' y ALANINE                  ? 'C3 H7 N O2'     89.093  
ARG 'L-peptide linking' y ARGININE                 ? 'C6 H15 N4 O2 1' 175.209 
ASN 'L-peptide linking' y ASPARAGINE               ? 'C4 H8 N2 O3'    132.118 
ASP 'L-peptide linking' y 'ASPARTIC ACID'          ? 'C4 H7 N O4'     133.103 
CYS 'L-peptide linking' y CYSTEINE                 ? 'C3 H7 N O2 S'   121.158 
GLN 'L-peptide linking' y GLUTAMINE                ? 'C5 H10 N2 O3'   146.144 
GLU 'L-peptide linking' y 'GLUTAMIC ACID'          ? 'C5 H9 N O4'     147.129 
GLY 'peptide linking'   y GLYCINE                  ? 'C2 H5 N O2'     75.067  
HIS 'L-peptide linking' y HISTIDINE                ? 'C6 H10 N3 O2 1' 156.162 
HOH non-polymer         . WATER                    ? 'H2 O'           18.015  
ILE 'L-peptide linking' y ISOLEUCINE               ? 'C6 H13 N O2'    131.173 
LEU 'L-peptide linking' y LEUCINE                  ? 'C6 H13 N O2'    131.173 
LYS 'L-peptide linking' y LYSINE                   ? 'C6 H15 N2 O2 1' 147.195 
MET 'L-peptide linking' y METHIONINE               ? 'C5 H11 N O2 S'  149.211 
PHE 'L-peptide linking' y PHENYLALANINE            ? 'C9 H11 N O2'    165.189 
PHQ non-polymer         . 'benzyl chlorocarbonate' ? 'C8 H7 Cl O2'    170.593 
PRO 'L-peptide linking' y PROLINE                  ? 'C5 H9 N O2'     115.130 
SER 'L-peptide linking' y SERINE                   ? 'C3 H7 N O3'     105.093 
SO4 non-polymer         . 'SULFATE ION'            ? 'O4 S -2'        96.063  
THR 'L-peptide linking' y THREONINE                ? 'C4 H9 N O3'     119.119 
TRP 'L-peptide linking' y TRYPTOPHAN               ? 'C11 H12 N2 O2'  204.225 
TYR 'L-peptide linking' y TYROSINE                 ? 'C9 H11 N O3'    181.189 
VAL 'L-peptide linking' y VALINE                   ? 'C5 H11 N O2'    117.146 
# 
loop_
_pdbx_poly_seq_scheme.asym_id 
_pdbx_poly_seq_scheme.entity_id 
_pdbx_poly_seq_scheme.seq_id 
_pdbx_poly_seq_scheme.mon_id 
_pdbx_poly_seq_scheme.ndb_seq_num 
_pdbx_poly_seq_scheme.pdb_seq_num 
_pdbx_poly_seq_scheme.auth_seq_num 
_pdbx_poly_seq_scheme.pdb_mon_id 
_pdbx_poly_seq_scheme.auth_mon_id 
_pdbx_poly_seq_scheme.pdb_strand_id 
_pdbx_poly_seq_scheme.pdb_ins_code 
_pdbx_poly_seq_scheme.hetero 
A 1 1   SER 1   1   1   SER SER A . n 
A 1 2   LEU 2   2   2   LEU LEU A . n 
A 1 3   LEU 3   3   3   LEU LEU A . n 
A 1 4   GLU 4   4   4   GLU GLU A . n 
A 1 5   PHE 5   5   5   PHE PHE A . n 
A 1 6   GLY 6   6   6   GLY GLY A . n 
A 1 7   LYS 7   7   7   LYS LYS A . n 
A 1 8   MET 8   8   8   MET MET A . n 
A 1 9   ILE 9   9   9   ILE ILE A . n 
A 1 10  LEU 10  10  10  LEU LEU A . n 
A 1 11  GLU 11  11  11  GLU GLU A . n 
A 1 12  GLU 12  12  12  GLU GLU A . n 
A 1 13  THR 13  13  13  THR THR A . n 
A 1 14  GLY 14  14  14  GLY GLY A . n 
A 1 15  LYS 15  16  16  LYS LYS A . n 
A 1 16  LEU 16  17  17  LEU LEU A . n 
A 1 17  ALA 17  18  18  ALA ALA A . n 
A 1 18  ILE 18  19  19  ILE ILE A . n 
A 1 19  PRO 19  20  20  PRO PRO A . n 
A 1 20  SER 20  21  21  SER SER A . n 
A 1 21  TYR 21  22  22  TYR TYR A . n 
A 1 22  SER 22  23  23  SER SER A . n 
A 1 23  SER 23  24  24  SER SER A . n 
A 1 24  TYR 24  25  25  TYR TYR A . n 
A 1 25  GLY 25  26  26  GLY GLY A . n 
A 1 26  CYS 26  27  27  CYS CYS A . n 
A 1 27  TYR 27  28  28  TYR TYR A . n 
A 1 28  CYS 28  29  29  CYS CYS A . n 
A 1 29  GLY 29  30  30  GLY GLY A . n 
A 1 30  TRP 30  31  31  TRP TRP A . n 
A 1 31  GLY 31  32  32  GLY GLY A . n 
A 1 32  GLY 32  33  33  GLY GLY A . n 
A 1 33  LYS 33  34  34  LYS LYS A . n 
A 1 34  GLY 34  35  35  GLY GLY A . n 
A 1 35  THR 35  36  36  THR THR A . n 
A 1 36  PRO 36  37  37  PRO PRO A . n 
A 1 37  LYS 37  38  38  LYS LYS A . n 
A 1 38  ASP 38  39  39  ASP ASP A . n 
A 1 39  ALA 39  40  40  ALA ALA A . n 
A 1 40  THR 40  41  41  THR THR A . n 
A 1 41  ASP 41  42  42  ASP ASP A . n 
A 1 42  ARG 42  43  43  ARG ARG A . n 
A 1 43  CYS 43  44  44  CYS CYS A . n 
A 1 44  CYS 44  45  45  CYS CYS A . n 
A 1 45  PHE 45  46  46  PHE PHE A . n 
A 1 46  VAL 46  47  47  VAL VAL A . n 
A 1 47  HIS 47  48  48  HIS HIS A . n 
A 1 48  ASP 48  49  49  ASP ASP A . n 
A 1 49  CYS 49  50  50  CYS CYS A . n 
A 1 50  CYS 50  51  51  CYS CYS A . n 
A 1 51  TYR 51  52  52  TYR TYR A . n 
A 1 52  GLY 52  53  53  GLY GLY A . n 
A 1 53  ASN 53  54  54  ASN ASN A . n 
A 1 54  LEU 54  55  55  LEU LEU A . n 
A 1 55  PRO 55  56  56  PRO PRO A . n 
A 1 56  ASP 56  59  59  ASP ASP A . n 
A 1 57  CYS 57  61  61  CYS CYS A . n 
A 1 58  ASN 58  67  67  ASN ASN A . n 
A 1 59  PRO 59  68  68  PRO PRO A . n 
A 1 60  LYS 60  69  69  LYS LYS A . n 
A 1 61  SER 61  70  70  SER SER A . n 
A 1 62  ASP 62  71  71  ASP ASP A . n 
A 1 63  ARG 63  72  72  ARG ARG A . n 
A 1 64  TYR 64  73  73  TYR TYR A . n 
A 1 65  LYS 65  74  74  LYS LYS A . n 
A 1 66  TYR 66  75  75  TYR TYR A . n 
A 1 67  LYS 67  76  76  LYS LYS A . n 
A 1 68  ARG 68  77  77  ARG ARG A . n 
A 1 69  VAL 69  78  78  VAL VAL A . n 
A 1 70  ASN 70  79  79  ASN ASN A . n 
A 1 71  GLY 71  80  80  GLY GLY A . n 
A 1 72  ALA 72  81  81  ALA ALA A . n 
A 1 73  ILE 73  82  82  ILE ILE A . n 
A 1 74  VAL 74  83  83  VAL VAL A . n 
A 1 75  CYS 75  84  84  CYS CYS A . n 
A 1 76  GLU 76  85  85  GLU GLU A . n 
A 1 77  LYS 77  86  86  LYS LYS A . n 
A 1 78  GLY 78  88  88  GLY GLY A . n 
A 1 79  THR 79  89  89  THR THR A . n 
A 1 80  SER 80  90  90  SER SER A . n 
A 1 81  CYS 81  91  91  CYS CYS A . n 
A 1 82  GLU 82  92  92  GLU GLU A . n 
A 1 83  ASN 83  93  93  ASN ASN A . n 
A 1 84  ARG 84  94  94  ARG ARG A . n 
A 1 85  ILE 85  95  95  ILE ILE A . n 
A 1 86  CYS 86  96  96  CYS CYS A . n 
A 1 87  GLU 87  97  97  GLU GLU A . n 
A 1 88  CYS 88  98  98  CYS CYS A . n 
A 1 89  ASP 89  99  99  ASP ASP A . n 
A 1 90  LYS 90  100 100 LYS LYS A . n 
A 1 91  ALA 91  101 101 ALA ALA A . n 
A 1 92  ALA 92  102 102 ALA ALA A . n 
A 1 93  ALA 93  103 103 ALA ALA A . n 
A 1 94  ILE 94  104 104 ILE ILE A . n 
A 1 95  CYS 95  105 105 CYS CYS A . n 
A 1 96  PHE 96  106 106 PHE PHE A . n 
A 1 97  ARG 97  107 107 ARG ARG A . n 
A 1 98  GLN 98  108 108 GLN GLN A . n 
A 1 99  ASN 99  109 109 ASN ASN A . n 
A 1 100 LEU 100 110 110 LEU LEU A . n 
A 1 101 ASN 101 111 111 ASN ASN A . n 
A 1 102 THR 102 112 112 THR THR A . n 
A 1 103 TYR 103 113 113 TYR TYR A . n 
A 1 104 SER 104 114 114 SER SER A . n 
A 1 105 LYS 105 115 115 LYS LYS A . n 
A 1 106 LYS 106 116 116 LYS LYS A . n 
A 1 107 TYR 107 117 117 TYR TYR A . n 
A 1 108 MET 108 118 118 MET MET A . n 
A 1 109 LEU 109 119 119 LEU LEU A . n 
A 1 110 TYR 110 120 120 TYR TYR A . n 
A 1 111 PRO 111 121 121 PRO PRO A . n 
A 1 112 ASP 112 122 122 ASP ASP A . n 
A 1 113 PHE 113 124 124 PHE PHE A . n 
A 1 114 LEU 114 125 125 LEU LEU A . n 
A 1 115 CYS 115 126 126 CYS CYS A . n 
A 1 116 LYS 116 127 127 LYS LYS A . n 
A 1 117 GLY 117 128 128 GLY GLY A . n 
A 1 118 GLU 118 129 129 GLU GLU A . n 
A 1 119 LEU 119 130 130 LEU LEU A . n 
A 1 120 LYS 120 131 131 LYS LYS A . n 
A 1 121 CYS 121 133 133 CYS CYS A . n 
B 2 1   PHQ 1   1   1   PHQ CBZ B . n 
B 2 2   ILE 2   2   2   ILE ILE B . n 
B 2 3   ALA 3   3   3   ALA ALA B . n 
B 2 4   ARG 4   4   4   ARG ARG B . n 
B 2 5   SER 5   5   5   SER SER B . n 
# 
loop_
_pdbx_nonpoly_scheme.asym_id 
_pdbx_nonpoly_scheme.entity_id 
_pdbx_nonpoly_scheme.mon_id 
_pdbx_nonpoly_scheme.ndb_seq_num 
_pdbx_nonpoly_scheme.pdb_seq_num 
_pdbx_nonpoly_scheme.auth_seq_num 
_pdbx_nonpoly_scheme.pdb_mon_id 
_pdbx_nonpoly_scheme.auth_mon_id 
_pdbx_nonpoly_scheme.pdb_strand_id 
_pdbx_nonpoly_scheme.pdb_ins_code 
C 3 SO4 1   301 301 SO4 SO4 A . 
D 3 SO4 1   302 302 SO4 SO4 A . 
E 3 SO4 1   303 303 SO4 SO4 A . 
F 4 HOH 1   304 1   HOH HOH A . 
F 4 HOH 2   305 2   HOH HOH A . 
F 4 HOH 3   306 3   HOH HOH A . 
F 4 HOH 4   307 4   HOH HOH A . 
F 4 HOH 5   308 5   HOH HOH A . 
F 4 HOH 6   309 6   HOH HOH A . 
F 4 HOH 7   310 7   HOH HOH A . 
F 4 HOH 8   311 8   HOH HOH A . 
F 4 HOH 9   312 9   HOH HOH A . 
F 4 HOH 10  313 10  HOH HOH A . 
F 4 HOH 11  314 11  HOH HOH A . 
F 4 HOH 12  315 12  HOH HOH A . 
F 4 HOH 13  316 13  HOH HOH A . 
F 4 HOH 14  317 14  HOH HOH A . 
F 4 HOH 15  318 15  HOH HOH A . 
F 4 HOH 16  319 16  HOH HOH A . 
F 4 HOH 17  320 17  HOH HOH A . 
F 4 HOH 18  321 18  HOH HOH A . 
F 4 HOH 19  322 19  HOH HOH A . 
F 4 HOH 20  323 20  HOH HOH A . 
F 4 HOH 21  324 21  HOH HOH A . 
F 4 HOH 22  325 22  HOH HOH A . 
F 4 HOH 23  326 23  HOH HOH A . 
F 4 HOH 24  327 24  HOH HOH A . 
F 4 HOH 25  328 25  HOH HOH A . 
F 4 HOH 26  329 26  HOH HOH A . 
F 4 HOH 27  330 27  HOH HOH A . 
F 4 HOH 28  331 28  HOH HOH A . 
F 4 HOH 29  332 29  HOH HOH A . 
F 4 HOH 30  333 30  HOH HOH A . 
F 4 HOH 31  334 31  HOH HOH A . 
F 4 HOH 32  335 32  HOH HOH A . 
F 4 HOH 33  336 33  HOH HOH A . 
F 4 HOH 34  337 34  HOH HOH A . 
F 4 HOH 35  338 35  HOH HOH A . 
F 4 HOH 36  339 36  HOH HOH A . 
F 4 HOH 37  340 37  HOH HOH A . 
F 4 HOH 38  341 38  HOH HOH A . 
F 4 HOH 39  342 39  HOH HOH A . 
F 4 HOH 40  343 40  HOH HOH A . 
F 4 HOH 41  344 41  HOH HOH A . 
F 4 HOH 42  345 42  HOH HOH A . 
F 4 HOH 43  346 43  HOH HOH A . 
F 4 HOH 44  347 44  HOH HOH A . 
F 4 HOH 45  348 45  HOH HOH A . 
F 4 HOH 46  349 46  HOH HOH A . 
F 4 HOH 47  350 47  HOH HOH A . 
F 4 HOH 48  351 48  HOH HOH A . 
F 4 HOH 49  352 49  HOH HOH A . 
F 4 HOH 50  353 50  HOH HOH A . 
F 4 HOH 51  354 51  HOH HOH A . 
F 4 HOH 52  355 52  HOH HOH A . 
F 4 HOH 53  356 53  HOH HOH A . 
F 4 HOH 54  357 54  HOH HOH A . 
F 4 HOH 55  358 55  HOH HOH A . 
F 4 HOH 56  359 56  HOH HOH A . 
F 4 HOH 57  360 57  HOH HOH A . 
F 4 HOH 58  361 58  HOH HOH A . 
F 4 HOH 59  362 59  HOH HOH A . 
F 4 HOH 60  363 60  HOH HOH A . 
F 4 HOH 61  364 61  HOH HOH A . 
F 4 HOH 62  365 62  HOH HOH A . 
F 4 HOH 63  366 63  HOH HOH A . 
F 4 HOH 64  367 64  HOH HOH A . 
F 4 HOH 65  368 65  HOH HOH A . 
F 4 HOH 66  369 66  HOH HOH A . 
F 4 HOH 67  370 67  HOH HOH A . 
F 4 HOH 68  371 68  HOH HOH A . 
F 4 HOH 69  372 69  HOH HOH A . 
F 4 HOH 70  373 70  HOH HOH A . 
F 4 HOH 71  374 71  HOH HOH A . 
F 4 HOH 72  375 72  HOH HOH A . 
F 4 HOH 73  376 73  HOH HOH A . 
F 4 HOH 74  377 74  HOH HOH A . 
F 4 HOH 75  378 75  HOH HOH A . 
F 4 HOH 76  379 76  HOH HOH A . 
F 4 HOH 77  380 77  HOH HOH A . 
F 4 HOH 78  381 78  HOH HOH A . 
F 4 HOH 79  382 79  HOH HOH A . 
F 4 HOH 80  383 80  HOH HOH A . 
F 4 HOH 81  384 81  HOH HOH A . 
F 4 HOH 82  385 82  HOH HOH A . 
F 4 HOH 83  386 83  HOH HOH A . 
F 4 HOH 84  387 84  HOH HOH A . 
F 4 HOH 85  388 85  HOH HOH A . 
F 4 HOH 86  389 86  HOH HOH A . 
F 4 HOH 87  390 87  HOH HOH A . 
F 4 HOH 88  391 88  HOH HOH A . 
F 4 HOH 89  392 89  HOH HOH A . 
F 4 HOH 90  393 90  HOH HOH A . 
F 4 HOH 91  394 91  HOH HOH A . 
F 4 HOH 92  395 92  HOH HOH A . 
F 4 HOH 93  396 93  HOH HOH A . 
F 4 HOH 94  397 94  HOH HOH A . 
F 4 HOH 95  398 95  HOH HOH A . 
F 4 HOH 96  399 96  HOH HOH A . 
F 4 HOH 97  400 97  HOH HOH A . 
F 4 HOH 98  401 98  HOH HOH A . 
F 4 HOH 99  402 99  HOH HOH A . 
F 4 HOH 100 403 100 HOH HOH A . 
F 4 HOH 101 404 101 HOH HOH A . 
F 4 HOH 102 405 102 HOH HOH A . 
F 4 HOH 103 406 103 HOH HOH A . 
F 4 HOH 104 407 104 HOH HOH A . 
F 4 HOH 105 408 105 HOH HOH A . 
F 4 HOH 106 409 106 HOH HOH A . 
F 4 HOH 107 410 107 HOH HOH A . 
F 4 HOH 108 411 108 HOH HOH A . 
F 4 HOH 109 412 109 HOH HOH A . 
F 4 HOH 110 413 110 HOH HOH A . 
F 4 HOH 111 414 111 HOH HOH A . 
F 4 HOH 112 415 112 HOH HOH A . 
F 4 HOH 113 416 113 HOH HOH A . 
F 4 HOH 114 417 114 HOH HOH A . 
F 4 HOH 115 418 115 HOH HOH A . 
F 4 HOH 116 419 116 HOH HOH A . 
F 4 HOH 117 420 117 HOH HOH A . 
F 4 HOH 118 421 118 HOH HOH A . 
F 4 HOH 119 422 119 HOH HOH A . 
F 4 HOH 120 423 120 HOH HOH A . 
F 4 HOH 121 424 121 HOH HOH A . 
F 4 HOH 122 425 123 HOH HOH A . 
F 4 HOH 123 426 124 HOH HOH A . 
F 4 HOH 124 427 125 HOH HOH A . 
F 4 HOH 125 428 126 HOH HOH A . 
F 4 HOH 126 429 127 HOH HOH A . 
F 4 HOH 127 430 128 HOH HOH A . 
F 4 HOH 128 431 129 HOH HOH A . 
F 4 HOH 129 432 130 HOH HOH A . 
F 4 HOH 130 433 131 HOH HOH A . 
F 4 HOH 131 434 132 HOH HOH A . 
F 4 HOH 132 435 133 HOH HOH A . 
F 4 HOH 133 436 134 HOH HOH A . 
F 4 HOH 134 437 135 HOH HOH A . 
F 4 HOH 135 438 136 HOH HOH A . 
F 4 HOH 136 439 137 HOH HOH A . 
F 4 HOH 137 440 138 HOH HOH A . 
F 4 HOH 138 441 140 HOH HOH A . 
F 4 HOH 139 442 141 HOH HOH A . 
F 4 HOH 140 443 142 HOH HOH A . 
F 4 HOH 141 444 143 HOH HOH A . 
F 4 HOH 142 445 144 HOH HOH A . 
F 4 HOH 143 446 145 HOH HOH A . 
F 4 HOH 144 447 146 HOH HOH A . 
F 4 HOH 145 448 147 HOH HOH A . 
F 4 HOH 146 449 148 HOH HOH A . 
F 4 HOH 147 450 149 HOH HOH A . 
F 4 HOH 148 451 150 HOH HOH A . 
F 4 HOH 149 452 151 HOH HOH A . 
F 4 HOH 150 453 152 HOH HOH A . 
F 4 HOH 151 454 153 HOH HOH A . 
F 4 HOH 152 455 154 HOH HOH A . 
F 4 HOH 153 456 155 HOH HOH A . 
F 4 HOH 154 457 156 HOH HOH A . 
F 4 HOH 155 458 157 HOH HOH A . 
F 4 HOH 156 459 158 HOH HOH A . 
F 4 HOH 157 460 159 HOH HOH A . 
F 4 HOH 158 461 160 HOH HOH A . 
F 4 HOH 159 462 161 HOH HOH A . 
F 4 HOH 160 463 162 HOH HOH A . 
F 4 HOH 161 464 163 HOH HOH A . 
F 4 HOH 162 465 164 HOH HOH A . 
F 4 HOH 163 466 165 HOH HOH A . 
F 4 HOH 164 467 166 HOH HOH A . 
F 4 HOH 165 468 167 HOH HOH A . 
F 4 HOH 166 469 168 HOH HOH A . 
F 4 HOH 167 470 169 HOH HOH A . 
F 4 HOH 168 471 170 HOH HOH A . 
F 4 HOH 169 472 171 HOH HOH A . 
F 4 HOH 170 473 172 HOH HOH A . 
F 4 HOH 171 474 173 HOH HOH A . 
F 4 HOH 172 475 174 HOH HOH A . 
F 4 HOH 173 476 175 HOH HOH A . 
F 4 HOH 174 477 176 HOH HOH A . 
F 4 HOH 175 478 177 HOH HOH A . 
F 4 HOH 176 479 178 HOH HOH A . 
F 4 HOH 177 480 179 HOH HOH A . 
F 4 HOH 178 481 180 HOH HOH A . 
F 4 HOH 179 482 181 HOH HOH A . 
F 4 HOH 180 483 182 HOH HOH A . 
F 4 HOH 181 484 183 HOH HOH A . 
F 4 HOH 182 485 184 HOH HOH A . 
F 4 HOH 183 486 185 HOH HOH A . 
F 4 HOH 184 487 186 HOH HOH A . 
F 4 HOH 185 488 187 HOH HOH A . 
F 4 HOH 186 489 188 HOH HOH A . 
F 4 HOH 187 490 189 HOH HOH A . 
F 4 HOH 188 491 190 HOH HOH A . 
F 4 HOH 189 492 191 HOH HOH A . 
F 4 HOH 190 493 192 HOH HOH A . 
F 4 HOH 191 494 193 HOH HOH A . 
F 4 HOH 192 495 194 HOH HOH A . 
F 4 HOH 193 496 195 HOH HOH A . 
F 4 HOH 194 497 196 HOH HOH A . 
F 4 HOH 195 498 197 HOH HOH A . 
F 4 HOH 196 499 198 HOH HOH A . 
F 4 HOH 197 500 199 HOH HOH A . 
F 4 HOH 198 501 200 HOH HOH A . 
F 4 HOH 199 502 201 HOH HOH A . 
F 4 HOH 200 503 202 HOH HOH A . 
F 4 HOH 201 504 203 HOH HOH A . 
F 4 HOH 202 505 204 HOH HOH A . 
F 4 HOH 203 506 205 HOH HOH A . 
F 4 HOH 204 507 206 HOH HOH A . 
F 4 HOH 205 508 207 HOH HOH A . 
F 4 HOH 206 509 208 HOH HOH A . 
F 4 HOH 207 510 209 HOH HOH A . 
F 4 HOH 208 511 210 HOH HOH A . 
F 4 HOH 209 512 211 HOH HOH A . 
F 4 HOH 210 513 212 HOH HOH A . 
F 4 HOH 211 514 213 HOH HOH A . 
F 4 HOH 212 515 214 HOH HOH A . 
F 4 HOH 213 516 215 HOH HOH A . 
F 4 HOH 214 517 216 HOH HOH A . 
F 4 HOH 215 518 217 HOH HOH A . 
F 4 HOH 216 519 218 HOH HOH A . 
F 4 HOH 217 520 219 HOH HOH A . 
F 4 HOH 218 521 220 HOH HOH A . 
F 4 HOH 219 522 221 HOH HOH A . 
F 4 HOH 220 523 222 HOH HOH A . 
F 4 HOH 221 524 223 HOH HOH A . 
F 4 HOH 222 525 224 HOH HOH A . 
F 4 HOH 223 526 225 HOH HOH A . 
F 4 HOH 224 527 226 HOH HOH A . 
F 4 HOH 225 528 227 HOH HOH A . 
F 4 HOH 226 529 228 HOH HOH A . 
F 4 HOH 227 530 229 HOH HOH A . 
F 4 HOH 228 531 230 HOH HOH A . 
F 4 HOH 229 532 231 HOH HOH A . 
F 4 HOH 230 533 232 HOH HOH A . 
F 4 HOH 231 534 233 HOH HOH A . 
F 4 HOH 232 535 234 HOH HOH A . 
F 4 HOH 233 536 235 HOH HOH A . 
F 4 HOH 234 537 236 HOH HOH A . 
F 4 HOH 235 538 237 HOH HOH A . 
F 4 HOH 236 539 238 HOH HOH A . 
F 4 HOH 237 540 239 HOH HOH A . 
F 4 HOH 238 541 241 HOH HOH A . 
F 4 HOH 239 542 242 HOH HOH A . 
F 4 HOH 240 543 243 HOH HOH A . 
F 4 HOH 241 544 244 HOH HOH A . 
F 4 HOH 242 545 245 HOH HOH A . 
F 4 HOH 243 546 246 HOH HOH A . 
F 4 HOH 244 547 247 HOH HOH A . 
F 4 HOH 245 548 248 HOH HOH A . 
F 4 HOH 246 549 249 HOH HOH A . 
F 4 HOH 247 550 250 HOH HOH A . 
F 4 HOH 248 551 251 HOH HOH A . 
F 4 HOH 249 552 252 HOH HOH A . 
F 4 HOH 250 553 253 HOH HOH A . 
F 4 HOH 251 554 254 HOH HOH A . 
F 4 HOH 252 555 255 HOH HOH A . 
F 4 HOH 253 556 256 HOH HOH A . 
F 4 HOH 254 557 257 HOH HOH A . 
F 4 HOH 255 558 258 HOH HOH A . 
F 4 HOH 256 559 259 HOH HOH A . 
F 4 HOH 257 560 260 HOH HOH A . 
F 4 HOH 258 561 261 HOH HOH A . 
F 4 HOH 259 562 262 HOH HOH A . 
F 4 HOH 260 563 263 HOH HOH A . 
F 4 HOH 261 564 264 HOH HOH A . 
F 4 HOH 262 565 265 HOH HOH A . 
F 4 HOH 263 566 266 HOH HOH A . 
F 4 HOH 264 567 267 HOH HOH A . 
F 4 HOH 265 568 268 HOH HOH A . 
F 4 HOH 266 569 269 HOH HOH A . 
F 4 HOH 267 570 270 HOH HOH A . 
F 4 HOH 268 571 271 HOH HOH A . 
F 4 HOH 269 572 272 HOH HOH A . 
F 4 HOH 270 573 273 HOH HOH A . 
# 
loop_
_software.name 
_software.classification 
_software.version 
_software.citation_id 
_software.pdbx_ordinal 
REFMAC    refinement       5.0 ? 1 
HKL-2000  'data reduction' .   ? 2 
SCALEPACK 'data scaling'   .   ? 3 
AMoRE     phasing          .   ? 4 
# 
_cell.entry_id           1SQZ 
_cell.length_a           52.549 
_cell.length_b           52.549 
_cell.length_c           47.833 
_cell.angle_alpha        90.00 
_cell.angle_beta         90.00 
_cell.angle_gamma        90.00 
_cell.Z_PDB              4 
_cell.pdbx_unique_axis   ? 
_cell.length_a_esd       ? 
_cell.length_b_esd       ? 
_cell.length_c_esd       ? 
_cell.angle_alpha_esd    ? 
_cell.angle_beta_esd     ? 
_cell.angle_gamma_esd    ? 
# 
_symmetry.entry_id                         1SQZ 
_symmetry.space_group_name_H-M             'P 43' 
_symmetry.pdbx_full_space_group_name_H-M   ? 
_symmetry.cell_setting                     ? 
_symmetry.Int_Tables_number                78 
_symmetry.space_group_name_Hall            ? 
# 
_exptl.entry_id          1SQZ 
_exptl.method            'X-RAY DIFFRACTION' 
_exptl.crystals_number   1 
# 
_exptl_crystal.id                    1 
_exptl_crystal.density_meas          ? 
_exptl_crystal.density_percent_sol   50 
_exptl_crystal.description           ? 
_exptl_crystal.density_Matthews      2.5 
_exptl_crystal.F_000                 ? 
_exptl_crystal.preparation           ? 
# 
_exptl_crystal_grow.crystal_id      1 
_exptl_crystal_grow.method          'VAPOR DIFFUSION, HANGING DROP' 
_exptl_crystal_grow.temp            297 
_exptl_crystal_grow.temp_details    ? 
_exptl_crystal_grow.pH              7.8 
_exptl_crystal_grow.pdbx_details    '0.2M Ammonium sulphate,50% PEG, pH 7.8, VAPOR DIFFUSION, HANGING DROP, temperature 297K' 
_exptl_crystal_grow.pdbx_pH_range   . 
# 
_diffrn.id                     1 
_diffrn.ambient_temp           203 
_diffrn.ambient_temp_details   ? 
_diffrn.crystal_id             1 
# 
_diffrn_detector.diffrn_id              1 
_diffrn_detector.detector               CCD 
_diffrn_detector.type                   MARRESEARCH 
_diffrn_detector.pdbx_collection_date   2003-09-29 
_diffrn_detector.details                MIRROR 
# 
_diffrn_radiation.diffrn_id                        1 
_diffrn_radiation.wavelength_id                    1 
_diffrn_radiation.pdbx_monochromatic_or_laue_m_l   M 
_diffrn_radiation.monochromator                    GRAPHITE 
_diffrn_radiation.pdbx_diffrn_protocol             'SINGLE WAVELENGTH' 
_diffrn_radiation.pdbx_scattering_type             x-ray 
# 
_diffrn_radiation_wavelength.id           1 
_diffrn_radiation_wavelength.wavelength   0.803 
_diffrn_radiation_wavelength.wt           1.0 
# 
_diffrn_source.diffrn_id                   1 
_diffrn_source.source                      SYNCHROTRON 
_diffrn_source.type                        'EMBL/DESY, HAMBURG BEAMLINE X31' 
_diffrn_source.pdbx_synchrotron_site       'EMBL/DESY, HAMBURG' 
_diffrn_source.pdbx_synchrotron_beamline   X31 
_diffrn_source.pdbx_wavelength             ? 
_diffrn_source.pdbx_wavelength_list        0.803 
# 
_reflns.entry_id                     1SQZ 
_reflns.observed_criterion_sigma_F   0.0 
_reflns.observed_criterion_sigma_I   0.0 
_reflns.d_resolution_high            1.2 
_reflns.d_resolution_low             20.0 
_reflns.number_all                   40325 
_reflns.number_obs                   40325 
_reflns.percent_possible_obs         99.5 
_reflns.pdbx_Rmerge_I_obs            ? 
_reflns.pdbx_Rsym_value              0.082 
_reflns.pdbx_netI_over_sigmaI        17.3 
_reflns.B_iso_Wilson_estimate        10.3 
_reflns.pdbx_redundancy              19.4 
_reflns.R_free_details               ? 
_reflns.limit_h_max                  ? 
_reflns.limit_h_min                  ? 
_reflns.limit_k_max                  ? 
_reflns.limit_k_min                  ? 
_reflns.limit_l_max                  ? 
_reflns.limit_l_min                  ? 
_reflns.observed_criterion_F_max     ? 
_reflns.observed_criterion_F_min     ? 
_reflns.pdbx_chi_squared             ? 
_reflns.pdbx_scaling_rejects         ? 
_reflns.pdbx_ordinal                 1 
_reflns.pdbx_diffrn_id               1 
# 
_reflns_shell.d_res_high             1.20 
_reflns_shell.d_res_low              1.24 
_reflns_shell.percent_possible_all   100 
_reflns_shell.Rmerge_I_obs           ? 
_reflns_shell.pdbx_Rsym_value        0.09 
_reflns_shell.meanI_over_sigI_obs    14.0 
_reflns_shell.pdbx_redundancy        ? 
_reflns_shell.percent_possible_obs   ? 
_reflns_shell.number_unique_all      ? 
_reflns_shell.number_measured_all    ? 
_reflns_shell.number_measured_obs    ? 
_reflns_shell.number_unique_obs      ? 
_reflns_shell.pdbx_chi_squared       ? 
_reflns_shell.pdbx_ordinal           1 
_reflns_shell.pdbx_diffrn_id         1 
# 
_refine.entry_id                                 1SQZ 
_refine.ls_number_reflns_obs                     39501 
_refine.ls_number_reflns_all                     40325 
_refine.pdbx_ls_sigma_I                          ? 
_refine.pdbx_ls_sigma_F                          ? 
_refine.pdbx_data_cutoff_high_absF               ? 
_refine.pdbx_data_cutoff_low_absF                ? 
_refine.pdbx_data_cutoff_high_rms_absF           ? 
_refine.ls_d_res_low                             17.68 
_refine.ls_d_res_high                            1.20 
_refine.ls_percent_reflns_obs                    100.00 
_refine.ls_R_factor_obs                          0.20949 
_refine.ls_R_factor_all                          0.2147 
_refine.ls_R_factor_R_work                       0.20934 
_refine.ls_R_factor_R_free                       0.21705 
_refine.ls_R_factor_R_free_error                 ? 
_refine.ls_R_factor_R_free_error_details         ? 
_refine.ls_percent_reflns_R_free                 2.0 
_refine.ls_number_reflns_R_free                  824 
_refine.ls_number_parameters                     ? 
_refine.ls_number_restraints                     ? 
_refine.occupancy_min                            ? 
_refine.occupancy_max                            ? 
_refine.correlation_coeff_Fo_to_Fc               0.957 
_refine.correlation_coeff_Fo_to_Fc_free          0.951 
_refine.B_iso_mean                               14.267 
_refine.aniso_B[1][1]                            0.21 
_refine.aniso_B[2][2]                            0.21 
_refine.aniso_B[3][3]                            -0.43 
_refine.aniso_B[1][2]                            0.00 
_refine.aniso_B[1][3]                            0.00 
_refine.aniso_B[2][3]                            0.00 
_refine.solvent_model_details                    'BABINET MODEL WITH MASK' 
_refine.solvent_model_param_ksol                 ? 
_refine.solvent_model_param_bsol                 ? 
_refine.pdbx_solvent_vdw_probe_radii             1.40 
_refine.pdbx_solvent_ion_probe_radii             0.80 
_refine.pdbx_solvent_shrinkage_radii             0.80 
_refine.pdbx_ls_cross_valid_method               THROUGHOUT 
_refine.details                                  'HYDROGENS HAVE BEEN ADDED IN THE RIDING POSITIONS' 
_refine.pdbx_starting_model                      1FB2 
_refine.pdbx_method_to_determine_struct          'MOLECULAR REPLACEMENT' 
_refine.pdbx_isotropic_thermal_model             ? 
_refine.pdbx_stereochemistry_target_values       'MAXIMUM LIKELIHOOD' 
_refine.pdbx_stereochem_target_val_spec_case     ? 
_refine.pdbx_R_Free_selection_details            RANDOM 
_refine.pdbx_overall_ESU_R                       0.049 
_refine.pdbx_overall_ESU_R_Free                  0.048 
_refine.overall_SU_ML                            0.040 
_refine.overall_SU_B                             0.853 
_refine.ls_redundancy_reflns_obs                 ? 
_refine.B_iso_min                                ? 
_refine.B_iso_max                                ? 
_refine.overall_SU_R_Cruickshank_DPI             ? 
_refine.overall_SU_R_free                        ? 
_refine.pdbx_refine_id                           'X-RAY DIFFRACTION' 
_refine.pdbx_overall_phase_error                 ? 
_refine.ls_wR_factor_R_free                      ? 
_refine.ls_wR_factor_R_work                      ? 
_refine.overall_FOM_free_R_set                   ? 
_refine.overall_FOM_work_R_set                   ? 
_refine.pdbx_diffrn_id                           1 
_refine.pdbx_TLS_residual_ADP_flag               ? 
_refine.pdbx_overall_SU_R_free_Cruickshank_DPI   ? 
_refine.pdbx_overall_SU_R_Blow_DPI               ? 
_refine.pdbx_overall_SU_R_free_Blow_DPI          ? 
# 
_refine_analyze.entry_id                        1SQZ 
_refine_analyze.Luzzati_coordinate_error_obs    0.1531 
_refine_analyze.Luzzati_sigma_a_obs             ? 
_refine_analyze.Luzzati_d_res_low_obs           ? 
_refine_analyze.Luzzati_coordinate_error_free   ? 
_refine_analyze.Luzzati_sigma_a_free            ? 
_refine_analyze.Luzzati_d_res_low_free          ? 
_refine_analyze.number_disordered_residues      ? 
_refine_analyze.occupancy_sum_non_hydrogen      ? 
_refine_analyze.occupancy_sum_hydrogen          ? 
_refine_analyze.pdbx_Luzzati_d_res_high_obs     ? 
_refine_analyze.pdbx_refine_id                  'X-RAY DIFFRACTION' 
# 
_refine_hist.pdbx_refine_id                   'X-RAY DIFFRACTION' 
_refine_hist.cycle_id                         LAST 
_refine_hist.pdbx_number_atoms_protein        984 
_refine_hist.pdbx_number_atoms_nucleic_acid   0 
_refine_hist.pdbx_number_atoms_ligand         15 
_refine_hist.number_atoms_solvent             270 
_refine_hist.number_atoms_total               1269 
_refine_hist.d_res_high                       1.20 
_refine_hist.d_res_low                        17.68 
# 
loop_
_refine_ls_restr.type 
_refine_ls_restr.dev_ideal 
_refine_ls_restr.dev_ideal_target 
_refine_ls_restr.weight 
_refine_ls_restr.number 
_refine_ls_restr.pdbx_refine_id 
_refine_ls_restr.pdbx_restraint_function 
r_bond_refined_d         0.011  0.021  ? 1050 'X-RAY DIFFRACTION' ? 
r_bond_other_d           0.002  0.020  ? 887  'X-RAY DIFFRACTION' ? 
r_angle_refined_deg      1.542  2.001  ? 1421 'X-RAY DIFFRACTION' ? 
r_angle_other_deg        0.833  3.000  ? 2093 'X-RAY DIFFRACTION' ? 
r_dihedral_angle_1_deg   2.917  3.000  ? 132  'X-RAY DIFFRACTION' ? 
r_dihedral_angle_2_deg   ?      ?      ? ?    'X-RAY DIFFRACTION' ? 
r_dihedral_angle_3_deg   16.249 15.000 ? 201  'X-RAY DIFFRACTION' ? 
r_dihedral_angle_4_deg   ?      ?      ? ?    'X-RAY DIFFRACTION' ? 
r_chiral_restr           0.086  0.200  ? 141  'X-RAY DIFFRACTION' ? 
r_gen_planes_refined     0.007  0.020  ? 1126 'X-RAY DIFFRACTION' ? 
r_gen_planes_other       0.005  0.020  ? 216  'X-RAY DIFFRACTION' ? 
r_nbd_refined            0.409  0.300  ? 326  'X-RAY DIFFRACTION' ? 
r_nbd_other              0.216  0.300  ? 964  'X-RAY DIFFRACTION' ? 
r_nbtor_refined          ?      ?      ? ?    'X-RAY DIFFRACTION' ? 
r_nbtor_other            ?      ?      ? ?    'X-RAY DIFFRACTION' ? 
r_xyhbond_nbd_refined    0.163  0.500  ? 116  'X-RAY DIFFRACTION' ? 
r_xyhbond_nbd_other      0.039  0.500  ? 1    'X-RAY DIFFRACTION' ? 
r_metal_ion_refined      ?      ?      ? ?    'X-RAY DIFFRACTION' ? 
r_metal_ion_other        ?      ?      ? ?    'X-RAY DIFFRACTION' ? 
r_symmetry_vdw_refined   0.300  0.300  ? 28   'X-RAY DIFFRACTION' ? 
r_symmetry_vdw_other     0.323  0.300  ? 58   'X-RAY DIFFRACTION' ? 
r_symmetry_hbond_refined 0.239  0.500  ? 13   'X-RAY DIFFRACTION' ? 
r_symmetry_hbond_other   ?      ?      ? ?    'X-RAY DIFFRACTION' ? 
r_mcbond_it              0.779  1.500  ? 637  'X-RAY DIFFRACTION' ? 
r_mcbond_other           ?      ?      ? ?    'X-RAY DIFFRACTION' ? 
r_mcangle_it             1.401  2.000  ? 1026 'X-RAY DIFFRACTION' ? 
r_scbond_it              1.660  3.000  ? 413  'X-RAY DIFFRACTION' ? 
r_scangle_it             2.452  4.500  ? 395  'X-RAY DIFFRACTION' ? 
r_rigid_bond_restr       ?      ?      ? ?    'X-RAY DIFFRACTION' ? 
r_sphericity_free        ?      ?      ? ?    'X-RAY DIFFRACTION' ? 
r_sphericity_bonded      ?      ?      ? ?    'X-RAY DIFFRACTION' ? 
# 
_refine_ls_shell.pdbx_total_number_of_bins_used   20 
_refine_ls_shell.d_res_high                       1.200 
_refine_ls_shell.d_res_low                        1.231 
_refine_ls_shell.number_reflns_R_work             2912 
_refine_ls_shell.R_factor_R_work                  0.278 
_refine_ls_shell.percent_reflns_obs               ? 
_refine_ls_shell.R_factor_R_free                  0.264 
_refine_ls_shell.R_factor_R_free_error            ? 
_refine_ls_shell.percent_reflns_R_free            ? 
_refine_ls_shell.number_reflns_R_free             57 
_refine_ls_shell.number_reflns_obs                ? 
_refine_ls_shell.redundancy_reflns_obs            ? 
_refine_ls_shell.number_reflns_all                ? 
_refine_ls_shell.pdbx_refine_id                   'X-RAY DIFFRACTION' 
_refine_ls_shell.R_factor_all                     ? 
# 
_struct.entry_id                  1SQZ 
_struct.title                     
;Design of specific inhibitors of Phopholipase A2: Crystal structure of the complex formed between Group II Phopholipase A2 and a designed peptide Dehydro-Ile-Ala-Arg-Ser at 1.2A resolution
;
_struct.pdbx_model_details        ? 
_struct.pdbx_CASP_flag            ? 
_struct.pdbx_model_type_details   ? 
# 
_struct_keywords.entry_id        1SQZ 
_struct_keywords.pdbx_keywords   'HYDROLASE/HYDROLASE INHIBITOR' 
_struct_keywords.text            'PHOSPHOLIPASE A2, DEHYDRO-IARS, TOXIN, HYDROLASE-HYDROLASE INHIBITOR COMPLEX' 
# 
loop_
_struct_asym.id 
_struct_asym.pdbx_blank_PDB_chainid_flag 
_struct_asym.pdbx_modified 
_struct_asym.entity_id 
_struct_asym.details 
A N N 1 ? 
B N N 2 ? 
C N N 3 ? 
D N N 3 ? 
E N N 3 ? 
F N N 4 ? 
# 
loop_
_struct_ref.id 
_struct_ref.db_name 
_struct_ref.db_code 
_struct_ref.pdbx_db_accession 
_struct_ref.entity_id 
_struct_ref.pdbx_seq_one_letter_code 
_struct_ref.pdbx_align_begin 
_struct_ref.pdbx_db_isoform 
1 UNP PA28_DABRR P59071 1 
;SLLEFGKMILEETGKLAIPSYSSYGCYCGWGGKGTPKDATDRCCFVHDCCYGNLPDCNPKSDRYKYKRVNGAIVCEKGTS
CENRICECDKAAAICFRQNLNTYSKKYMLYPDFLCKGELKC
;
1 ? 
2 PDB 1SQZ       1SQZ   2 ? ? ? 
# 
loop_
_struct_ref_seq.align_id 
_struct_ref_seq.ref_id 
_struct_ref_seq.pdbx_PDB_id_code 
_struct_ref_seq.pdbx_strand_id 
_struct_ref_seq.seq_align_beg 
_struct_ref_seq.pdbx_seq_align_beg_ins_code 
_struct_ref_seq.seq_align_end 
_struct_ref_seq.pdbx_seq_align_end_ins_code 
_struct_ref_seq.pdbx_db_accession 
_struct_ref_seq.db_align_beg 
_struct_ref_seq.pdbx_db_align_beg_ins_code 
_struct_ref_seq.db_align_end 
_struct_ref_seq.pdbx_db_align_end_ins_code 
_struct_ref_seq.pdbx_auth_seq_align_beg 
_struct_ref_seq.pdbx_auth_seq_align_end 
1 1 1SQZ A 1 ? 111 ? P59071 1 ? 121 ? 1 121 
2 2 1SQZ B 1 ? 5   ? 1SQZ   1 ? 5   ? 1 5   
# 
_pdbx_struct_assembly.id                   1 
_pdbx_struct_assembly.details              author_and_software_defined_assembly 
_pdbx_struct_assembly.method_details       PISA 
_pdbx_struct_assembly.oligomeric_details   dimeric 
_pdbx_struct_assembly.oligomeric_count     2 
# 
loop_
_pdbx_struct_assembly_prop.biol_id 
_pdbx_struct_assembly_prop.type 
_pdbx_struct_assembly_prop.value 
_pdbx_struct_assembly_prop.details 
1 'ABSA (A^2)' 1170 ? 
1 MORE         -32  ? 
1 'SSA (A^2)'  7730 ? 
# 
_pdbx_struct_assembly_gen.assembly_id       1 
_pdbx_struct_assembly_gen.oper_expression   1 
_pdbx_struct_assembly_gen.asym_id_list      A,B,C,D,E,F 
# 
_pdbx_struct_oper_list.id                   1 
_pdbx_struct_oper_list.type                 'identity operation' 
_pdbx_struct_oper_list.name                 1_555 
_pdbx_struct_oper_list.symmetry_operation   x,y,z 
_pdbx_struct_oper_list.matrix[1][1]         1.0000000000 
_pdbx_struct_oper_list.matrix[1][2]         0.0000000000 
_pdbx_struct_oper_list.matrix[1][3]         0.0000000000 
_pdbx_struct_oper_list.vector[1]            0.0000000000 
_pdbx_struct_oper_list.matrix[2][1]         0.0000000000 
_pdbx_struct_oper_list.matrix[2][2]         1.0000000000 
_pdbx_struct_oper_list.matrix[2][3]         0.0000000000 
_pdbx_struct_oper_list.vector[2]            0.0000000000 
_pdbx_struct_oper_list.matrix[3][1]         0.0000000000 
_pdbx_struct_oper_list.matrix[3][2]         0.0000000000 
_pdbx_struct_oper_list.matrix[3][3]         1.0000000000 
_pdbx_struct_oper_list.vector[3]            0.0000000000 
# 
_struct_biol.id                    1 
_struct_biol.details               'The biological Unit is Monomer' 
_struct_biol.pdbx_parent_biol_id   ? 
# 
loop_
_struct_conf.conf_type_id 
_struct_conf.id 
_struct_conf.pdbx_PDB_helix_id 
_struct_conf.beg_label_comp_id 
_struct_conf.beg_label_asym_id 
_struct_conf.beg_label_seq_id 
_struct_conf.pdbx_beg_PDB_ins_code 
_struct_conf.end_label_comp_id 
_struct_conf.end_label_asym_id 
_struct_conf.end_label_seq_id 
_struct_conf.pdbx_end_PDB_ins_code 
_struct_conf.beg_auth_comp_id 
_struct_conf.beg_auth_asym_id 
_struct_conf.beg_auth_seq_id 
_struct_conf.end_auth_comp_id 
_struct_conf.end_auth_asym_id 
_struct_conf.end_auth_seq_id 
_struct_conf.pdbx_PDB_helix_class 
_struct_conf.details 
_struct_conf.pdbx_PDB_helix_length 
HELX_P HELX_P1 1 SER A 1   ? GLY A 14  ? SER A 1   GLY A 14  1 ? 14 
HELX_P HELX_P2 2 LEU A 16  ? TYR A 21  ? LEU A 17  TYR A 22  1 ? 6  
HELX_P HELX_P3 3 ASP A 38  ? ASN A 53  ? ASP A 39  ASN A 54  1 ? 16 
HELX_P HELX_P4 4 THR A 79  ? ASN A 99  ? THR A 89  ASN A 109 1 ? 21 
HELX_P HELX_P5 5 LEU A 100 ? TYR A 103 ? LEU A 110 TYR A 113 5 ? 4  
HELX_P HELX_P6 6 SER A 104 ? MET A 108 ? SER A 114 MET A 118 5 ? 5  
HELX_P HELX_P7 7 PRO A 111 ? CYS A 115 ? PRO A 121 CYS A 126 5 ? 5  
# 
_struct_conf_type.id          HELX_P 
_struct_conf_type.criteria    ? 
_struct_conf_type.reference   ? 
# 
loop_
_struct_conn.id 
_struct_conn.conn_type_id 
_struct_conn.pdbx_leaving_atom_flag 
_struct_conn.pdbx_PDB_id 
_struct_conn.ptnr1_label_asym_id 
_struct_conn.ptnr1_label_comp_id 
_struct_conn.ptnr1_label_seq_id 
_struct_conn.ptnr1_label_atom_id 
_struct_conn.pdbx_ptnr1_label_alt_id 
_struct_conn.pdbx_ptnr1_PDB_ins_code 
_struct_conn.pdbx_ptnr1_standard_comp_id 
_struct_conn.ptnr1_symmetry 
_struct_conn.ptnr2_label_asym_id 
_struct_conn.ptnr2_label_comp_id 
_struct_conn.ptnr2_label_seq_id 
_struct_conn.ptnr2_label_atom_id 
_struct_conn.pdbx_ptnr2_label_alt_id 
_struct_conn.pdbx_ptnr2_PDB_ins_code 
_struct_conn.ptnr1_auth_asym_id 
_struct_conn.ptnr1_auth_comp_id 
_struct_conn.ptnr1_auth_seq_id 
_struct_conn.ptnr2_auth_asym_id 
_struct_conn.ptnr2_auth_comp_id 
_struct_conn.ptnr2_auth_seq_id 
_struct_conn.ptnr2_symmetry 
_struct_conn.pdbx_ptnr3_label_atom_id 
_struct_conn.pdbx_ptnr3_label_seq_id 
_struct_conn.pdbx_ptnr3_label_comp_id 
_struct_conn.pdbx_ptnr3_label_asym_id 
_struct_conn.pdbx_ptnr3_label_alt_id 
_struct_conn.pdbx_ptnr3_PDB_ins_code 
_struct_conn.details 
_struct_conn.pdbx_dist_value 
_struct_conn.pdbx_value_order 
_struct_conn.pdbx_role 
disulf1 disulf ?    ? A CYS 26 SG ? ? ? 1_555 A CYS 115 SG ? ? A CYS 27 A CYS 126 1_555 ? ? ? ? ? ? ? 2.086 ? ? 
disulf2 disulf ?    ? A CYS 28 SG ? ? ? 1_555 A CYS 44  SG ? ? A CYS 29 A CYS 45  1_555 ? ? ? ? ? ? ? 2.042 ? ? 
disulf3 disulf ?    ? A CYS 43 SG ? ? ? 1_555 A CYS 95  SG ? ? A CYS 44 A CYS 105 1_555 ? ? ? ? ? ? ? 2.048 ? ? 
disulf4 disulf ?    ? A CYS 49 SG ? ? ? 1_555 A CYS 121 SG ? ? A CYS 50 A CYS 133 1_555 ? ? ? ? ? ? ? 2.020 ? ? 
disulf5 disulf ?    ? A CYS 50 SG ? ? ? 1_555 A CYS 88  SG ? ? A CYS 51 A CYS 98  1_555 ? ? ? ? ? ? ? 2.031 ? ? 
disulf6 disulf ?    ? A CYS 57 SG ? ? ? 1_555 A CYS 81  SG ? ? A CYS 61 A CYS 91  1_555 ? ? ? ? ? ? ? 2.051 ? ? 
disulf7 disulf ?    ? A CYS 75 SG ? ? ? 1_555 A CYS 86  SG ? ? A CYS 84 A CYS 96  1_555 ? ? ? ? ? ? ? 2.061 ? ? 
covale1 covale both ? B PHQ 1  C1 ? ? ? 1_555 B ILE 2   N  ? ? B PHQ 1  B ILE 2   1_555 ? ? ? ? ? ? ? 1.316 ? ? 
covale2 covale one  ? B PHQ 1  O1 ? ? ? 1_555 B ILE 2   N  ? ? B PHQ 1  B ILE 2   1_555 ? ? ? ? ? ? ? 1.588 ? ? 
# 
loop_
_struct_conn_type.id 
_struct_conn_type.criteria 
_struct_conn_type.reference 
disulf ? ? 
covale ? ? 
# 
loop_
_pdbx_modification_feature.ordinal 
_pdbx_modification_feature.label_comp_id 
_pdbx_modification_feature.label_asym_id 
_pdbx_modification_feature.label_seq_id 
_pdbx_modification_feature.label_alt_id 
_pdbx_modification_feature.modified_residue_label_comp_id 
_pdbx_modification_feature.modified_residue_label_asym_id 
_pdbx_modification_feature.modified_residue_label_seq_id 
_pdbx_modification_feature.modified_residue_label_alt_id 
_pdbx_modification_feature.auth_comp_id 
_pdbx_modification_feature.auth_asym_id 
_pdbx_modification_feature.auth_seq_id 
_pdbx_modification_feature.PDB_ins_code 
_pdbx_modification_feature.symmetry 
_pdbx_modification_feature.modified_residue_auth_comp_id 
_pdbx_modification_feature.modified_residue_auth_asym_id 
_pdbx_modification_feature.modified_residue_auth_seq_id 
_pdbx_modification_feature.modified_residue_PDB_ins_code 
_pdbx_modification_feature.modified_residue_symmetry 
_pdbx_modification_feature.comp_id_linking_atom 
_pdbx_modification_feature.modified_residue_id_linking_atom 
_pdbx_modification_feature.modified_residue_id 
_pdbx_modification_feature.ref_pcm_id 
_pdbx_modification_feature.ref_comp_id 
_pdbx_modification_feature.type 
_pdbx_modification_feature.category 
1 PHQ B 1  ? .   . .   . PHQ B 1  ? 1_555 .   . .   . .     .  .  ? 1 PHQ None 'Non-standard residue' 
2 CYS A 26 ? CYS A 115 ? CYS A 27 ? 1_555 CYS A 126 ? 1_555 SG SG . . .   None 'Disulfide bridge'     
3 CYS A 28 ? CYS A 44  ? CYS A 29 ? 1_555 CYS A 45  ? 1_555 SG SG . . .   None 'Disulfide bridge'     
4 CYS A 43 ? CYS A 95  ? CYS A 44 ? 1_555 CYS A 105 ? 1_555 SG SG . . .   None 'Disulfide bridge'     
5 CYS A 49 ? CYS A 121 ? CYS A 50 ? 1_555 CYS A 133 ? 1_555 SG SG . . .   None 'Disulfide bridge'     
6 CYS A 50 ? CYS A 88  ? CYS A 51 ? 1_555 CYS A 98  ? 1_555 SG SG . . .   None 'Disulfide bridge'     
7 CYS A 57 ? CYS A 81  ? CYS A 61 ? 1_555 CYS A 91  ? 1_555 SG SG . . .   None 'Disulfide bridge'     
8 CYS A 75 ? CYS A 86  ? CYS A 84 ? 1_555 CYS A 96  ? 1_555 SG SG . . .   None 'Disulfide bridge'     
# 
_struct_mon_prot_cis.pdbx_id                1 
_struct_mon_prot_cis.label_comp_id          ILE 
_struct_mon_prot_cis.label_seq_id           18 
_struct_mon_prot_cis.label_asym_id          A 
_struct_mon_prot_cis.label_alt_id           . 
_struct_mon_prot_cis.pdbx_PDB_ins_code      ? 
_struct_mon_prot_cis.auth_comp_id           ILE 
_struct_mon_prot_cis.auth_seq_id            19 
_struct_mon_prot_cis.auth_asym_id           A 
_struct_mon_prot_cis.pdbx_label_comp_id_2   PRO 
_struct_mon_prot_cis.pdbx_label_seq_id_2    19 
_struct_mon_prot_cis.pdbx_label_asym_id_2   A 
_struct_mon_prot_cis.pdbx_PDB_ins_code_2    ? 
_struct_mon_prot_cis.pdbx_auth_comp_id_2    PRO 
_struct_mon_prot_cis.pdbx_auth_seq_id_2     20 
_struct_mon_prot_cis.pdbx_auth_asym_id_2    A 
_struct_mon_prot_cis.pdbx_PDB_model_num     1 
_struct_mon_prot_cis.pdbx_omega_angle       3.24 
# 
_struct_sheet.id               A 
_struct_sheet.type             ? 
_struct_sheet.number_strands   2 
_struct_sheet.details          ? 
# 
_struct_sheet_order.sheet_id     A 
_struct_sheet_order.range_id_1   1 
_struct_sheet_order.range_id_2   2 
_struct_sheet_order.offset       ? 
_struct_sheet_order.sense        anti-parallel 
# 
loop_
_struct_sheet_range.sheet_id 
_struct_sheet_range.id 
_struct_sheet_range.beg_label_comp_id 
_struct_sheet_range.beg_label_asym_id 
_struct_sheet_range.beg_label_seq_id 
_struct_sheet_range.pdbx_beg_PDB_ins_code 
_struct_sheet_range.end_label_comp_id 
_struct_sheet_range.end_label_asym_id 
_struct_sheet_range.end_label_seq_id 
_struct_sheet_range.pdbx_end_PDB_ins_code 
_struct_sheet_range.beg_auth_comp_id 
_struct_sheet_range.beg_auth_asym_id 
_struct_sheet_range.beg_auth_seq_id 
_struct_sheet_range.end_auth_comp_id 
_struct_sheet_range.end_auth_asym_id 
_struct_sheet_range.end_auth_seq_id 
A 1 TYR A 66 ? VAL A 69 ? TYR A 75 VAL A 78 
A 2 ALA A 72 ? CYS A 75 ? ALA A 81 CYS A 84 
# 
_pdbx_struct_sheet_hbond.sheet_id                A 
_pdbx_struct_sheet_hbond.range_id_1              1 
_pdbx_struct_sheet_hbond.range_id_2              2 
_pdbx_struct_sheet_hbond.range_1_label_atom_id   N 
_pdbx_struct_sheet_hbond.range_1_label_comp_id   LYS 
_pdbx_struct_sheet_hbond.range_1_label_asym_id   A 
_pdbx_struct_sheet_hbond.range_1_label_seq_id    67 
_pdbx_struct_sheet_hbond.range_1_PDB_ins_code    ? 
_pdbx_struct_sheet_hbond.range_1_auth_atom_id    N 
_pdbx_struct_sheet_hbond.range_1_auth_comp_id    LYS 
_pdbx_struct_sheet_hbond.range_1_auth_asym_id    A 
_pdbx_struct_sheet_hbond.range_1_auth_seq_id     76 
_pdbx_struct_sheet_hbond.range_2_label_atom_id   O 
_pdbx_struct_sheet_hbond.range_2_label_comp_id   VAL 
_pdbx_struct_sheet_hbond.range_2_label_asym_id   A 
_pdbx_struct_sheet_hbond.range_2_label_seq_id    74 
_pdbx_struct_sheet_hbond.range_2_PDB_ins_code    ? 
_pdbx_struct_sheet_hbond.range_2_auth_atom_id    O 
_pdbx_struct_sheet_hbond.range_2_auth_comp_id    VAL 
_pdbx_struct_sheet_hbond.range_2_auth_asym_id    A 
_pdbx_struct_sheet_hbond.range_2_auth_seq_id     83 
# 
loop_
_struct_site.id 
_struct_site.pdbx_evidence_code 
_struct_site.pdbx_auth_asym_id 
_struct_site.pdbx_auth_comp_id 
_struct_site.pdbx_auth_seq_id 
_struct_site.pdbx_auth_ins_code 
_struct_site.pdbx_num_residues 
_struct_site.details 
AC1 Software A SO4 301 ? 6  'BINDING SITE FOR RESIDUE SO4 A 301'            
AC2 Software A SO4 302 ? 6  'BINDING SITE FOR RESIDUE SO4 A 302'            
AC3 Software A SO4 303 ? 11 'BINDING SITE FOR RESIDUE SO4 A 303'            
AC4 Software ? ?   ?   ? 12 'BINDING SITE FOR CHAIN B OF SYNTHETIC PEPTIDE' 
# 
loop_
_struct_site_gen.id 
_struct_site_gen.site_id 
_struct_site_gen.pdbx_num_res 
_struct_site_gen.label_comp_id 
_struct_site_gen.label_asym_id 
_struct_site_gen.label_seq_id 
_struct_site_gen.pdbx_auth_ins_code 
_struct_site_gen.auth_comp_id 
_struct_site_gen.auth_asym_id 
_struct_site_gen.auth_seq_id 
_struct_site_gen.label_atom_id 
_struct_site_gen.label_alt_id 
_struct_site_gen.symmetry 
_struct_site_gen.details 
1  AC1 6  ARG A 42  ? ARG A 43  . ? 1_555 ? 
2  AC1 6  HOH F .   ? HOH A 318 . ? 1_555 ? 
3  AC1 6  HOH F .   ? HOH A 360 . ? 1_555 ? 
4  AC1 6  HOH F .   ? HOH A 393 . ? 1_555 ? 
5  AC1 6  HOH F .   ? HOH A 449 . ? 1_555 ? 
6  AC1 6  PHQ B 1   ? PHQ B 1   . ? 2_565 ? 
7  AC2 6  SER A 104 ? SER A 114 . ? 1_555 ? 
8  AC2 6  LYS A 105 ? LYS A 115 . ? 1_555 ? 
9  AC2 6  LYS A 120 ? LYS A 131 . ? 4_465 ? 
10 AC2 6  HOH F .   ? HOH A 423 . ? 1_555 ? 
11 AC2 6  HOH F .   ? HOH A 512 . ? 1_555 ? 
12 AC2 6  HOH F .   ? HOH A 530 . ? 1_555 ? 
13 AC3 11 GLU A 4   ? GLU A 4   . ? 1_555 ? 
14 AC3 11 ARG A 63  ? ARG A 72  . ? 1_555 ? 
15 AC3 11 LYS A 65  ? LYS A 74  . ? 1_555 ? 
16 AC3 11 HOH F .   ? HOH A 347 . ? 1_555 ? 
17 AC3 11 HOH F .   ? HOH A 352 . ? 1_555 ? 
18 AC3 11 HOH F .   ? HOH A 355 . ? 1_555 ? 
19 AC3 11 HOH F .   ? HOH A 366 . ? 1_555 ? 
20 AC3 11 HOH F .   ? HOH A 372 . ? 1_555 ? 
21 AC3 11 HOH F .   ? HOH A 397 . ? 1_555 ? 
22 AC3 11 HOH F .   ? HOH A 442 . ? 1_555 ? 
23 AC3 11 HOH F .   ? HOH A 448 . ? 1_555 ? 
24 AC4 12 LEU A 2   ? LEU A 2   . ? 1_555 ? 
25 AC4 12 GLY A 29  ? GLY A 30  . ? 1_555 ? 
26 AC4 12 TRP A 30  ? TRP A 31  . ? 1_555 ? 
27 AC4 12 HIS A 47  ? HIS A 48  . ? 1_555 ? 
28 AC4 12 ASP A 48  ? ASP A 49  . ? 1_555 ? 
29 AC4 12 TYR A 51  ? TYR A 52  . ? 1_555 ? 
30 AC4 12 LYS A 60  ? LYS A 69  . ? 1_555 ? 
31 AC4 12 ASN A 101 ? ASN A 111 . ? 2_564 ? 
32 AC4 12 THR A 102 ? THR A 112 . ? 2_564 ? 
33 AC4 12 SO4 C .   ? SO4 A 301 . ? 2_564 ? 
34 AC4 12 HOH F .   ? HOH A 404 . ? 3_654 ? 
35 AC4 12 HOH F .   ? HOH A 571 . ? 1_555 ? 
# 
_pdbx_entry_details.entry_id                   1SQZ 
_pdbx_entry_details.compound_details           ? 
_pdbx_entry_details.source_details             ? 
_pdbx_entry_details.nonpolymer_details         ? 
_pdbx_entry_details.sequence_details           ? 
_pdbx_entry_details.has_ligand_of_interest     ? 
_pdbx_entry_details.has_protein_modification   Y 
# 
loop_
_pdbx_validate_torsion.id 
_pdbx_validate_torsion.PDB_model_num 
_pdbx_validate_torsion.auth_comp_id 
_pdbx_validate_torsion.auth_asym_id 
_pdbx_validate_torsion.auth_seq_id 
_pdbx_validate_torsion.PDB_ins_code 
_pdbx_validate_torsion.label_alt_id 
_pdbx_validate_torsion.phi 
_pdbx_validate_torsion.psi 
1 1 SER A 24 ? ? -143.62 32.71   
2 1 TRP A 31 ? ? 67.85   95.40   
3 1 LEU A 55 ? ? -118.76 64.65   
4 1 ARG B 4  ? ? -68.48  -179.43 
# 
_pdbx_molecule_features.prd_id    PRD_000335 
_pdbx_molecule_features.name      DEHYDRO-ILE-ALA-ARG-SER 
_pdbx_molecule_features.type      Peptide-like 
_pdbx_molecule_features.class     Inhibitor 
_pdbx_molecule_features.details   ? 
# 
_pdbx_molecule.instance_id   1 
_pdbx_molecule.prd_id        PRD_000335 
_pdbx_molecule.asym_id       B 
# 
loop_
_chem_comp_atom.comp_id 
_chem_comp_atom.atom_id 
_chem_comp_atom.type_symbol 
_chem_comp_atom.pdbx_aromatic_flag 
_chem_comp_atom.pdbx_stereo_config 
_chem_comp_atom.pdbx_ordinal 
ALA N    N  N N 1   
ALA CA   C  N S 2   
ALA C    C  N N 3   
ALA O    O  N N 4   
ALA CB   C  N N 5   
ALA OXT  O  N N 6   
ALA H    H  N N 7   
ALA H2   H  N N 8   
ALA HA   H  N N 9   
ALA HB1  H  N N 10  
ALA HB2  H  N N 11  
ALA HB3  H  N N 12  
ALA HXT  H  N N 13  
ARG N    N  N N 14  
ARG CA   C  N S 15  
ARG C    C  N N 16  
ARG O    O  N N 17  
ARG CB   C  N N 18  
ARG CG   C  N N 19  
ARG CD   C  N N 20  
ARG NE   N  N N 21  
ARG CZ   C  N N 22  
ARG NH1  N  N N 23  
ARG NH2  N  N N 24  
ARG OXT  O  N N 25  
ARG H    H  N N 26  
ARG H2   H  N N 27  
ARG HA   H  N N 28  
ARG HB2  H  N N 29  
ARG HB3  H  N N 30  
ARG HG2  H  N N 31  
ARG HG3  H  N N 32  
ARG HD2  H  N N 33  
ARG HD3  H  N N 34  
ARG HE   H  N N 35  
ARG HH11 H  N N 36  
ARG HH12 H  N N 37  
ARG HH21 H  N N 38  
ARG HH22 H  N N 39  
ARG HXT  H  N N 40  
ASN N    N  N N 41  
ASN CA   C  N S 42  
ASN C    C  N N 43  
ASN O    O  N N 44  
ASN CB   C  N N 45  
ASN CG   C  N N 46  
ASN OD1  O  N N 47  
ASN ND2  N  N N 48  
ASN OXT  O  N N 49  
ASN H    H  N N 50  
ASN H2   H  N N 51  
ASN HA   H  N N 52  
ASN HB2  H  N N 53  
ASN HB3  H  N N 54  
ASN HD21 H  N N 55  
ASN HD22 H  N N 56  
ASN HXT  H  N N 57  
ASP N    N  N N 58  
ASP CA   C  N S 59  
ASP C    C  N N 60  
ASP O    O  N N 61  
ASP CB   C  N N 62  
ASP CG   C  N N 63  
ASP OD1  O  N N 64  
ASP OD2  O  N N 65  
ASP OXT  O  N N 66  
ASP H    H  N N 67  
ASP H2   H  N N 68  
ASP HA   H  N N 69  
ASP HB2  H  N N 70  
ASP HB3  H  N N 71  
ASP HD2  H  N N 72  
ASP HXT  H  N N 73  
CYS N    N  N N 74  
CYS CA   C  N R 75  
CYS C    C  N N 76  
CYS O    O  N N 77  
CYS CB   C  N N 78  
CYS SG   S  N N 79  
CYS OXT  O  N N 80  
CYS H    H  N N 81  
CYS H2   H  N N 82  
CYS HA   H  N N 83  
CYS HB2  H  N N 84  
CYS HB3  H  N N 85  
CYS HG   H  N N 86  
CYS HXT  H  N N 87  
GLN N    N  N N 88  
GLN CA   C  N S 89  
GLN C    C  N N 90  
GLN O    O  N N 91  
GLN CB   C  N N 92  
GLN CG   C  N N 93  
GLN CD   C  N N 94  
GLN OE1  O  N N 95  
GLN NE2  N  N N 96  
GLN OXT  O  N N 97  
GLN H    H  N N 98  
GLN H2   H  N N 99  
GLN HA   H  N N 100 
GLN HB2  H  N N 101 
GLN HB3  H  N N 102 
GLN HG2  H  N N 103 
GLN HG3  H  N N 104 
GLN HE21 H  N N 105 
GLN HE22 H  N N 106 
GLN HXT  H  N N 107 
GLU N    N  N N 108 
GLU CA   C  N S 109 
GLU C    C  N N 110 
GLU O    O  N N 111 
GLU CB   C  N N 112 
GLU CG   C  N N 113 
GLU CD   C  N N 114 
GLU OE1  O  N N 115 
GLU OE2  O  N N 116 
GLU OXT  O  N N 117 
GLU H    H  N N 118 
GLU H2   H  N N 119 
GLU HA   H  N N 120 
GLU HB2  H  N N 121 
GLU HB3  H  N N 122 
GLU HG2  H  N N 123 
GLU HG3  H  N N 124 
GLU HE2  H  N N 125 
GLU HXT  H  N N 126 
GLY N    N  N N 127 
GLY CA   C  N N 128 
GLY C    C  N N 129 
GLY O    O  N N 130 
GLY OXT  O  N N 131 
GLY H    H  N N 132 
GLY H2   H  N N 133 
GLY HA2  H  N N 134 
GLY HA3  H  N N 135 
GLY HXT  H  N N 136 
HIS N    N  N N 137 
HIS CA   C  N S 138 
HIS C    C  N N 139 
HIS O    O  N N 140 
HIS CB   C  N N 141 
HIS CG   C  Y N 142 
HIS ND1  N  Y N 143 
HIS CD2  C  Y N 144 
HIS CE1  C  Y N 145 
HIS NE2  N  Y N 146 
HIS OXT  O  N N 147 
HIS H    H  N N 148 
HIS H2   H  N N 149 
HIS HA   H  N N 150 
HIS HB2  H  N N 151 
HIS HB3  H  N N 152 
HIS HD1  H  N N 153 
HIS HD2  H  N N 154 
HIS HE1  H  N N 155 
HIS HE2  H  N N 156 
HIS HXT  H  N N 157 
HOH O    O  N N 158 
HOH H1   H  N N 159 
HOH H2   H  N N 160 
ILE N    N  N N 161 
ILE CA   C  N S 162 
ILE C    C  N N 163 
ILE O    O  N N 164 
ILE CB   C  N S 165 
ILE CG1  C  N N 166 
ILE CG2  C  N N 167 
ILE CD1  C  N N 168 
ILE OXT  O  N N 169 
ILE H    H  N N 170 
ILE H2   H  N N 171 
ILE HA   H  N N 172 
ILE HB   H  N N 173 
ILE HG12 H  N N 174 
ILE HG13 H  N N 175 
ILE HG21 H  N N 176 
ILE HG22 H  N N 177 
ILE HG23 H  N N 178 
ILE HD11 H  N N 179 
ILE HD12 H  N N 180 
ILE HD13 H  N N 181 
ILE HXT  H  N N 182 
LEU N    N  N N 183 
LEU CA   C  N S 184 
LEU C    C  N N 185 
LEU O    O  N N 186 
LEU CB   C  N N 187 
LEU CG   C  N N 188 
LEU CD1  C  N N 189 
LEU CD2  C  N N 190 
LEU OXT  O  N N 191 
LEU H    H  N N 192 
LEU H2   H  N N 193 
LEU HA   H  N N 194 
LEU HB2  H  N N 195 
LEU HB3  H  N N 196 
LEU HG   H  N N 197 
LEU HD11 H  N N 198 
LEU HD12 H  N N 199 
LEU HD13 H  N N 200 
LEU HD21 H  N N 201 
LEU HD22 H  N N 202 
LEU HD23 H  N N 203 
LEU HXT  H  N N 204 
LYS N    N  N N 205 
LYS CA   C  N S 206 
LYS C    C  N N 207 
LYS O    O  N N 208 
LYS CB   C  N N 209 
LYS CG   C  N N 210 
LYS CD   C  N N 211 
LYS CE   C  N N 212 
LYS NZ   N  N N 213 
LYS OXT  O  N N 214 
LYS H    H  N N 215 
LYS H2   H  N N 216 
LYS HA   H  N N 217 
LYS HB2  H  N N 218 
LYS HB3  H  N N 219 
LYS HG2  H  N N 220 
LYS HG3  H  N N 221 
LYS HD2  H  N N 222 
LYS HD3  H  N N 223 
LYS HE2  H  N N 224 
LYS HE3  H  N N 225 
LYS HZ1  H  N N 226 
LYS HZ2  H  N N 227 
LYS HZ3  H  N N 228 
LYS HXT  H  N N 229 
MET N    N  N N 230 
MET CA   C  N S 231 
MET C    C  N N 232 
MET O    O  N N 233 
MET CB   C  N N 234 
MET CG   C  N N 235 
MET SD   S  N N 236 
MET CE   C  N N 237 
MET OXT  O  N N 238 
MET H    H  N N 239 
MET H2   H  N N 240 
MET HA   H  N N 241 
MET HB2  H  N N 242 
MET HB3  H  N N 243 
MET HG2  H  N N 244 
MET HG3  H  N N 245 
MET HE1  H  N N 246 
MET HE2  H  N N 247 
MET HE3  H  N N 248 
MET HXT  H  N N 249 
PHE N    N  N N 250 
PHE CA   C  N S 251 
PHE C    C  N N 252 
PHE O    O  N N 253 
PHE CB   C  N N 254 
PHE CG   C  Y N 255 
PHE CD1  C  Y N 256 
PHE CD2  C  Y N 257 
PHE CE1  C  Y N 258 
PHE CE2  C  Y N 259 
PHE CZ   C  Y N 260 
PHE OXT  O  N N 261 
PHE H    H  N N 262 
PHE H2   H  N N 263 
PHE HA   H  N N 264 
PHE HB2  H  N N 265 
PHE HB3  H  N N 266 
PHE HD1  H  N N 267 
PHE HD2  H  N N 268 
PHE HE1  H  N N 269 
PHE HE2  H  N N 270 
PHE HZ   H  N N 271 
PHE HXT  H  N N 272 
PHQ C1   C  N N 273 
PHQ O1   O  N N 274 
PHQ O2   O  N N 275 
PHQ C2   C  N N 276 
PHQ C3   C  Y N 277 
PHQ C4   C  Y N 278 
PHQ C5   C  Y N 279 
PHQ C6   C  Y N 280 
PHQ C7   C  Y N 281 
PHQ C8   C  Y N 282 
PHQ CL1  CL N N 283 
PHQ H21  H  N N 284 
PHQ H22  H  N N 285 
PHQ H41  H  N N 286 
PHQ H51  H  N N 287 
PHQ H61  H  N N 288 
PHQ H71  H  N N 289 
PHQ H81  H  N N 290 
PRO N    N  N N 291 
PRO CA   C  N S 292 
PRO C    C  N N 293 
PRO O    O  N N 294 
PRO CB   C  N N 295 
PRO CG   C  N N 296 
PRO CD   C  N N 297 
PRO OXT  O  N N 298 
PRO H    H  N N 299 
PRO HA   H  N N 300 
PRO HB2  H  N N 301 
PRO HB3  H  N N 302 
PRO HG2  H  N N 303 
PRO HG3  H  N N 304 
PRO HD2  H  N N 305 
PRO HD3  H  N N 306 
PRO HXT  H  N N 307 
SER N    N  N N 308 
SER CA   C  N S 309 
SER C    C  N N 310 
SER O    O  N N 311 
SER CB   C  N N 312 
SER OG   O  N N 313 
SER OXT  O  N N 314 
SER H    H  N N 315 
SER H2   H  N N 316 
SER HA   H  N N 317 
SER HB2  H  N N 318 
SER HB3  H  N N 319 
SER HG   H  N N 320 
SER HXT  H  N N 321 
SO4 S    S  N N 322 
SO4 O1   O  N N 323 
SO4 O2   O  N N 324 
SO4 O3   O  N N 325 
SO4 O4   O  N N 326 
THR N    N  N N 327 
THR CA   C  N S 328 
THR C    C  N N 329 
THR O    O  N N 330 
THR CB   C  N R 331 
THR OG1  O  N N 332 
THR CG2  C  N N 333 
THR OXT  O  N N 334 
THR H    H  N N 335 
THR H2   H  N N 336 
THR HA   H  N N 337 
THR HB   H  N N 338 
THR HG1  H  N N 339 
THR HG21 H  N N 340 
THR HG22 H  N N 341 
THR HG23 H  N N 342 
THR HXT  H  N N 343 
TRP N    N  N N 344 
TRP CA   C  N S 345 
TRP C    C  N N 346 
TRP O    O  N N 347 
TRP CB   C  N N 348 
TRP CG   C  Y N 349 
TRP CD1  C  Y N 350 
TRP CD2  C  Y N 351 
TRP NE1  N  Y N 352 
TRP CE2  C  Y N 353 
TRP CE3  C  Y N 354 
TRP CZ2  C  Y N 355 
TRP CZ3  C  Y N 356 
TRP CH2  C  Y N 357 
TRP OXT  O  N N 358 
TRP H    H  N N 359 
TRP H2   H  N N 360 
TRP HA   H  N N 361 
TRP HB2  H  N N 362 
TRP HB3  H  N N 363 
TRP HD1  H  N N 364 
TRP HE1  H  N N 365 
TRP HE3  H  N N 366 
TRP HZ2  H  N N 367 
TRP HZ3  H  N N 368 
TRP HH2  H  N N 369 
TRP HXT  H  N N 370 
TYR N    N  N N 371 
TYR CA   C  N S 372 
TYR C    C  N N 373 
TYR O    O  N N 374 
TYR CB   C  N N 375 
TYR CG   C  Y N 376 
TYR CD1  C  Y N 377 
TYR CD2  C  Y N 378 
TYR CE1  C  Y N 379 
TYR CE2  C  Y N 380 
TYR CZ   C  Y N 381 
TYR OH   O  N N 382 
TYR OXT  O  N N 383 
TYR H    H  N N 384 
TYR H2   H  N N 385 
TYR HA   H  N N 386 
TYR HB2  H  N N 387 
TYR HB3  H  N N 388 
TYR HD1  H  N N 389 
TYR HD2  H  N N 390 
TYR HE1  H  N N 391 
TYR HE2  H  N N 392 
TYR HH   H  N N 393 
TYR HXT  H  N N 394 
VAL N    N  N N 395 
VAL CA   C  N S 396 
VAL C    C  N N 397 
VAL O    O  N N 398 
VAL CB   C  N N 399 
VAL CG1  C  N N 400 
VAL CG2  C  N N 401 
VAL OXT  O  N N 402 
VAL H    H  N N 403 
VAL H2   H  N N 404 
VAL HA   H  N N 405 
VAL HB   H  N N 406 
VAL HG11 H  N N 407 
VAL HG12 H  N N 408 
VAL HG13 H  N N 409 
VAL HG21 H  N N 410 
VAL HG22 H  N N 411 
VAL HG23 H  N N 412 
VAL HXT  H  N N 413 
# 
loop_
_chem_comp_bond.comp_id 
_chem_comp_bond.atom_id_1 
_chem_comp_bond.atom_id_2 
_chem_comp_bond.value_order 
_chem_comp_bond.pdbx_aromatic_flag 
_chem_comp_bond.pdbx_stereo_config 
_chem_comp_bond.pdbx_ordinal 
ALA N   CA   sing N N 1   
ALA N   H    sing N N 2   
ALA N   H2   sing N N 3   
ALA CA  C    sing N N 4   
ALA CA  CB   sing N N 5   
ALA CA  HA   sing N N 6   
ALA C   O    doub N N 7   
ALA C   OXT  sing N N 8   
ALA CB  HB1  sing N N 9   
ALA CB  HB2  sing N N 10  
ALA CB  HB3  sing N N 11  
ALA OXT HXT  sing N N 12  
ARG N   CA   sing N N 13  
ARG N   H    sing N N 14  
ARG N   H2   sing N N 15  
ARG CA  C    sing N N 16  
ARG CA  CB   sing N N 17  
ARG CA  HA   sing N N 18  
ARG C   O    doub N N 19  
ARG C   OXT  sing N N 20  
ARG CB  CG   sing N N 21  
ARG CB  HB2  sing N N 22  
ARG CB  HB3  sing N N 23  
ARG CG  CD   sing N N 24  
ARG CG  HG2  sing N N 25  
ARG CG  HG3  sing N N 26  
ARG CD  NE   sing N N 27  
ARG CD  HD2  sing N N 28  
ARG CD  HD3  sing N N 29  
ARG NE  CZ   sing N N 30  
ARG NE  HE   sing N N 31  
ARG CZ  NH1  sing N N 32  
ARG CZ  NH2  doub N N 33  
ARG NH1 HH11 sing N N 34  
ARG NH1 HH12 sing N N 35  
ARG NH2 HH21 sing N N 36  
ARG NH2 HH22 sing N N 37  
ARG OXT HXT  sing N N 38  
ASN N   CA   sing N N 39  
ASN N   H    sing N N 40  
ASN N   H2   sing N N 41  
ASN CA  C    sing N N 42  
ASN CA  CB   sing N N 43  
ASN CA  HA   sing N N 44  
ASN C   O    doub N N 45  
ASN C   OXT  sing N N 46  
ASN CB  CG   sing N N 47  
ASN CB  HB2  sing N N 48  
ASN CB  HB3  sing N N 49  
ASN CG  OD1  doub N N 50  
ASN CG  ND2  sing N N 51  
ASN ND2 HD21 sing N N 52  
ASN ND2 HD22 sing N N 53  
ASN OXT HXT  sing N N 54  
ASP N   CA   sing N N 55  
ASP N   H    sing N N 56  
ASP N   H2   sing N N 57  
ASP CA  C    sing N N 58  
ASP CA  CB   sing N N 59  
ASP CA  HA   sing N N 60  
ASP C   O    doub N N 61  
ASP C   OXT  sing N N 62  
ASP CB  CG   sing N N 63  
ASP CB  HB2  sing N N 64  
ASP CB  HB3  sing N N 65  
ASP CG  OD1  doub N N 66  
ASP CG  OD2  sing N N 67  
ASP OD2 HD2  sing N N 68  
ASP OXT HXT  sing N N 69  
CYS N   CA   sing N N 70  
CYS N   H    sing N N 71  
CYS N   H2   sing N N 72  
CYS CA  C    sing N N 73  
CYS CA  CB   sing N N 74  
CYS CA  HA   sing N N 75  
CYS C   O    doub N N 76  
CYS C   OXT  sing N N 77  
CYS CB  SG   sing N N 78  
CYS CB  HB2  sing N N 79  
CYS CB  HB3  sing N N 80  
CYS SG  HG   sing N N 81  
CYS OXT HXT  sing N N 82  
GLN N   CA   sing N N 83  
GLN N   H    sing N N 84  
GLN N   H2   sing N N 85  
GLN CA  C    sing N N 86  
GLN CA  CB   sing N N 87  
GLN CA  HA   sing N N 88  
GLN C   O    doub N N 89  
GLN C   OXT  sing N N 90  
GLN CB  CG   sing N N 91  
GLN CB  HB2  sing N N 92  
GLN CB  HB3  sing N N 93  
GLN CG  CD   sing N N 94  
GLN CG  HG2  sing N N 95  
GLN CG  HG3  sing N N 96  
GLN CD  OE1  doub N N 97  
GLN CD  NE2  sing N N 98  
GLN NE2 HE21 sing N N 99  
GLN NE2 HE22 sing N N 100 
GLN OXT HXT  sing N N 101 
GLU N   CA   sing N N 102 
GLU N   H    sing N N 103 
GLU N   H2   sing N N 104 
GLU CA  C    sing N N 105 
GLU CA  CB   sing N N 106 
GLU CA  HA   sing N N 107 
GLU C   O    doub N N 108 
GLU C   OXT  sing N N 109 
GLU CB  CG   sing N N 110 
GLU CB  HB2  sing N N 111 
GLU CB  HB3  sing N N 112 
GLU CG  CD   sing N N 113 
GLU CG  HG2  sing N N 114 
GLU CG  HG3  sing N N 115 
GLU CD  OE1  doub N N 116 
GLU CD  OE2  sing N N 117 
GLU OE2 HE2  sing N N 118 
GLU OXT HXT  sing N N 119 
GLY N   CA   sing N N 120 
GLY N   H    sing N N 121 
GLY N   H2   sing N N 122 
GLY CA  C    sing N N 123 
GLY CA  HA2  sing N N 124 
GLY CA  HA3  sing N N 125 
GLY C   O    doub N N 126 
GLY C   OXT  sing N N 127 
GLY OXT HXT  sing N N 128 
HIS N   CA   sing N N 129 
HIS N   H    sing N N 130 
HIS N   H2   sing N N 131 
HIS CA  C    sing N N 132 
HIS CA  CB   sing N N 133 
HIS CA  HA   sing N N 134 
HIS C   O    doub N N 135 
HIS C   OXT  sing N N 136 
HIS CB  CG   sing N N 137 
HIS CB  HB2  sing N N 138 
HIS CB  HB3  sing N N 139 
HIS CG  ND1  sing Y N 140 
HIS CG  CD2  doub Y N 141 
HIS ND1 CE1  doub Y N 142 
HIS ND1 HD1  sing N N 143 
HIS CD2 NE2  sing Y N 144 
HIS CD2 HD2  sing N N 145 
HIS CE1 NE2  sing Y N 146 
HIS CE1 HE1  sing N N 147 
HIS NE2 HE2  sing N N 148 
HIS OXT HXT  sing N N 149 
HOH O   H1   sing N N 150 
HOH O   H2   sing N N 151 
ILE N   CA   sing N N 152 
ILE N   H    sing N N 153 
ILE N   H2   sing N N 154 
ILE CA  C    sing N N 155 
ILE CA  CB   sing N N 156 
ILE CA  HA   sing N N 157 
ILE C   O    doub N N 158 
ILE C   OXT  sing N N 159 
ILE CB  CG1  sing N N 160 
ILE CB  CG2  sing N N 161 
ILE CB  HB   sing N N 162 
ILE CG1 CD1  sing N N 163 
ILE CG1 HG12 sing N N 164 
ILE CG1 HG13 sing N N 165 
ILE CG2 HG21 sing N N 166 
ILE CG2 HG22 sing N N 167 
ILE CG2 HG23 sing N N 168 
ILE CD1 HD11 sing N N 169 
ILE CD1 HD12 sing N N 170 
ILE CD1 HD13 sing N N 171 
ILE OXT HXT  sing N N 172 
LEU N   CA   sing N N 173 
LEU N   H    sing N N 174 
LEU N   H2   sing N N 175 
LEU CA  C    sing N N 176 
LEU CA  CB   sing N N 177 
LEU CA  HA   sing N N 178 
LEU C   O    doub N N 179 
LEU C   OXT  sing N N 180 
LEU CB  CG   sing N N 181 
LEU CB  HB2  sing N N 182 
LEU CB  HB3  sing N N 183 
LEU CG  CD1  sing N N 184 
LEU CG  CD2  sing N N 185 
LEU CG  HG   sing N N 186 
LEU CD1 HD11 sing N N 187 
LEU CD1 HD12 sing N N 188 
LEU CD1 HD13 sing N N 189 
LEU CD2 HD21 sing N N 190 
LEU CD2 HD22 sing N N 191 
LEU CD2 HD23 sing N N 192 
LEU OXT HXT  sing N N 193 
LYS N   CA   sing N N 194 
LYS N   H    sing N N 195 
LYS N   H2   sing N N 196 
LYS CA  C    sing N N 197 
LYS CA  CB   sing N N 198 
LYS CA  HA   sing N N 199 
LYS C   O    doub N N 200 
LYS C   OXT  sing N N 201 
LYS CB  CG   sing N N 202 
LYS CB  HB2  sing N N 203 
LYS CB  HB3  sing N N 204 
LYS CG  CD   sing N N 205 
LYS CG  HG2  sing N N 206 
LYS CG  HG3  sing N N 207 
LYS CD  CE   sing N N 208 
LYS CD  HD2  sing N N 209 
LYS CD  HD3  sing N N 210 
LYS CE  NZ   sing N N 211 
LYS CE  HE2  sing N N 212 
LYS CE  HE3  sing N N 213 
LYS NZ  HZ1  sing N N 214 
LYS NZ  HZ2  sing N N 215 
LYS NZ  HZ3  sing N N 216 
LYS OXT HXT  sing N N 217 
MET N   CA   sing N N 218 
MET N   H    sing N N 219 
MET N   H2   sing N N 220 
MET CA  C    sing N N 221 
MET CA  CB   sing N N 222 
MET CA  HA   sing N N 223 
MET C   O    doub N N 224 
MET C   OXT  sing N N 225 
MET CB  CG   sing N N 226 
MET CB  HB2  sing N N 227 
MET CB  HB3  sing N N 228 
MET CG  SD   sing N N 229 
MET CG  HG2  sing N N 230 
MET CG  HG3  sing N N 231 
MET SD  CE   sing N N 232 
MET CE  HE1  sing N N 233 
MET CE  HE2  sing N N 234 
MET CE  HE3  sing N N 235 
MET OXT HXT  sing N N 236 
PHE N   CA   sing N N 237 
PHE N   H    sing N N 238 
PHE N   H2   sing N N 239 
PHE CA  C    sing N N 240 
PHE CA  CB   sing N N 241 
PHE CA  HA   sing N N 242 
PHE C   O    doub N N 243 
PHE C   OXT  sing N N 244 
PHE CB  CG   sing N N 245 
PHE CB  HB2  sing N N 246 
PHE CB  HB3  sing N N 247 
PHE CG  CD1  doub Y N 248 
PHE CG  CD2  sing Y N 249 
PHE CD1 CE1  sing Y N 250 
PHE CD1 HD1  sing N N 251 
PHE CD2 CE2  doub Y N 252 
PHE CD2 HD2  sing N N 253 
PHE CE1 CZ   doub Y N 254 
PHE CE1 HE1  sing N N 255 
PHE CE2 CZ   sing Y N 256 
PHE CE2 HE2  sing N N 257 
PHE CZ  HZ   sing N N 258 
PHE OXT HXT  sing N N 259 
PHQ C1  O1   doub N N 260 
PHQ C1  O2   sing N N 261 
PHQ C1  CL1  sing N N 262 
PHQ O2  C2   sing N N 263 
PHQ C2  C3   sing N N 264 
PHQ C2  H21  sing N N 265 
PHQ C2  H22  sing N N 266 
PHQ C3  C4   doub Y N 267 
PHQ C3  C8   sing Y N 268 
PHQ C4  C5   sing Y N 269 
PHQ C4  H41  sing N N 270 
PHQ C5  C6   doub Y N 271 
PHQ C5  H51  sing N N 272 
PHQ C6  C7   sing Y N 273 
PHQ C6  H61  sing N N 274 
PHQ C7  C8   doub Y N 275 
PHQ C7  H71  sing N N 276 
PHQ C8  H81  sing N N 277 
PRO N   CA   sing N N 278 
PRO N   CD   sing N N 279 
PRO N   H    sing N N 280 
PRO CA  C    sing N N 281 
PRO CA  CB   sing N N 282 
PRO CA  HA   sing N N 283 
PRO C   O    doub N N 284 
PRO C   OXT  sing N N 285 
PRO CB  CG   sing N N 286 
PRO CB  HB2  sing N N 287 
PRO CB  HB3  sing N N 288 
PRO CG  CD   sing N N 289 
PRO CG  HG2  sing N N 290 
PRO CG  HG3  sing N N 291 
PRO CD  HD2  sing N N 292 
PRO CD  HD3  sing N N 293 
PRO OXT HXT  sing N N 294 
SER N   CA   sing N N 295 
SER N   H    sing N N 296 
SER N   H2   sing N N 297 
SER CA  C    sing N N 298 
SER CA  CB   sing N N 299 
SER CA  HA   sing N N 300 
SER C   O    doub N N 301 
SER C   OXT  sing N N 302 
SER CB  OG   sing N N 303 
SER CB  HB2  sing N N 304 
SER CB  HB3  sing N N 305 
SER OG  HG   sing N N 306 
SER OXT HXT  sing N N 307 
SO4 S   O1   doub N N 308 
SO4 S   O2   doub N N 309 
SO4 S   O3   sing N N 310 
SO4 S   O4   sing N N 311 
THR N   CA   sing N N 312 
THR N   H    sing N N 313 
THR N   H2   sing N N 314 
THR CA  C    sing N N 315 
THR CA  CB   sing N N 316 
THR CA  HA   sing N N 317 
THR C   O    doub N N 318 
THR C   OXT  sing N N 319 
THR CB  OG1  sing N N 320 
THR CB  CG2  sing N N 321 
THR CB  HB   sing N N 322 
THR OG1 HG1  sing N N 323 
THR CG2 HG21 sing N N 324 
THR CG2 HG22 sing N N 325 
THR CG2 HG23 sing N N 326 
THR OXT HXT  sing N N 327 
TRP N   CA   sing N N 328 
TRP N   H    sing N N 329 
TRP N   H2   sing N N 330 
TRP CA  C    sing N N 331 
TRP CA  CB   sing N N 332 
TRP CA  HA   sing N N 333 
TRP C   O    doub N N 334 
TRP C   OXT  sing N N 335 
TRP CB  CG   sing N N 336 
TRP CB  HB2  sing N N 337 
TRP CB  HB3  sing N N 338 
TRP CG  CD1  doub Y N 339 
TRP CG  CD2  sing Y N 340 
TRP CD1 NE1  sing Y N 341 
TRP CD1 HD1  sing N N 342 
TRP CD2 CE2  doub Y N 343 
TRP CD2 CE3  sing Y N 344 
TRP NE1 CE2  sing Y N 345 
TRP NE1 HE1  sing N N 346 
TRP CE2 CZ2  sing Y N 347 
TRP CE3 CZ3  doub Y N 348 
TRP CE3 HE3  sing N N 349 
TRP CZ2 CH2  doub Y N 350 
TRP CZ2 HZ2  sing N N 351 
TRP CZ3 CH2  sing Y N 352 
TRP CZ3 HZ3  sing N N 353 
TRP CH2 HH2  sing N N 354 
TRP OXT HXT  sing N N 355 
TYR N   CA   sing N N 356 
TYR N   H    sing N N 357 
TYR N   H2   sing N N 358 
TYR CA  C    sing N N 359 
TYR CA  CB   sing N N 360 
TYR CA  HA   sing N N 361 
TYR C   O    doub N N 362 
TYR C   OXT  sing N N 363 
TYR CB  CG   sing N N 364 
TYR CB  HB2  sing N N 365 
TYR CB  HB3  sing N N 366 
TYR CG  CD1  doub Y N 367 
TYR CG  CD2  sing Y N 368 
TYR CD1 CE1  sing Y N 369 
TYR CD1 HD1  sing N N 370 
TYR CD2 CE2  doub Y N 371 
TYR CD2 HD2  sing N N 372 
TYR CE1 CZ   doub Y N 373 
TYR CE1 HE1  sing N N 374 
TYR CE2 CZ   sing Y N 375 
TYR CE2 HE2  sing N N 376 
TYR CZ  OH   sing N N 377 
TYR OH  HH   sing N N 378 
TYR OXT HXT  sing N N 379 
VAL N   CA   sing N N 380 
VAL N   H    sing N N 381 
VAL N   H2   sing N N 382 
VAL CA  C    sing N N 383 
VAL CA  CB   sing N N 384 
VAL CA  HA   sing N N 385 
VAL C   O    doub N N 386 
VAL C   OXT  sing N N 387 
VAL CB  CG1  sing N N 388 
VAL CB  CG2  sing N N 389 
VAL CB  HB   sing N N 390 
VAL CG1 HG11 sing N N 391 
VAL CG1 HG12 sing N N 392 
VAL CG1 HG13 sing N N 393 
VAL CG2 HG21 sing N N 394 
VAL CG2 HG22 sing N N 395 
VAL CG2 HG23 sing N N 396 
VAL OXT HXT  sing N N 397 
# 
_pdbx_initial_refinement_model.id               1 
_pdbx_initial_refinement_model.entity_id_list   ? 
_pdbx_initial_refinement_model.type             'experimental model' 
_pdbx_initial_refinement_model.source_name      PDB 
_pdbx_initial_refinement_model.accession_code   1FB2 
_pdbx_initial_refinement_model.details          ? 
# 
_atom_sites.entry_id                    1SQZ 
_atom_sites.fract_transf_matrix[1][1]   0.00430502 
_atom_sites.fract_transf_matrix[1][2]   0.01669108 
_atom_sites.fract_transf_matrix[1][3]   -0.00806322 
_atom_sites.fract_transf_matrix[2][1]   0.00699145 
_atom_sites.fract_transf_matrix[2][2]   0.00620440 
_atom_sites.fract_transf_matrix[2][3]   0.01657607 
_atom_sites.fract_transf_matrix[3][1]   0.01886003 
_atom_sites.fract_transf_matrix[3][2]   -0.00737393 
_atom_sites.fract_transf_matrix[3][3]   -0.00519472 
_atom_sites.fract_transf_vector[1]      0.165425 
_atom_sites.fract_transf_vector[2]      0.472173 
_atom_sites.fract_transf_vector[3]      -0.009265 
# 
loop_
_atom_type.symbol 
C 
N 
O 
S 
# 
loop_
_atom_site.group_PDB 
_atom_site.id 
_atom_site.type_symbol 
_atom_site.label_atom_id 
_atom_site.label_alt_id 
_atom_site.label_comp_id 
_atom_site.label_asym_id 
_atom_site.label_entity_id 
_atom_site.label_seq_id 
_atom_site.pdbx_PDB_ins_code 
_atom_site.Cartn_x 
_atom_site.Cartn_y 
_atom_site.Cartn_z 
_atom_site.occupancy 
_atom_site.B_iso_or_equiv 
_atom_site.pdbx_formal_charge 
_atom_site.auth_seq_id 
_atom_site.auth_comp_id 
_atom_site.auth_asym_id 
_atom_site.auth_atom_id 
_atom_site.pdbx_PDB_model_num 
ATOM   1    N N   . SER A 1 1   ? -5.164  2.211   -9.407  1.00 12.90 ? 1   SER A N   1 
ATOM   2    C CA  . SER A 1 1   ? -6.449  1.952   -8.715  1.00 12.67 ? 1   SER A CA  1 
ATOM   3    C C   . SER A 1 1   ? -6.241  0.881   -7.659  1.00 12.87 ? 1   SER A C   1 
ATOM   4    O O   . SER A 1 1   ? -5.272  0.121   -7.705  1.00 12.83 ? 1   SER A O   1 
ATOM   5    C CB  . SER A 1 1   ? -7.485  1.453   -9.718  1.00 13.17 ? 1   SER A CB  1 
ATOM   6    O OG  . SER A 1 1   ? -7.149  0.139   -10.114 1.00 13.69 ? 1   SER A OG  1 
ATOM   7    N N   . LEU A 1 2   ? -7.119  0.849   -6.686  1.00 13.10 ? 2   LEU A N   1 
ATOM   8    C CA  . LEU A 1 2   ? -7.098  -0.160  -5.636  1.00 14.91 ? 2   LEU A CA  1 
ATOM   9    C C   . LEU A 1 2   ? -7.061  -1.592  -6.150  1.00 14.81 ? 2   LEU A C   1 
ATOM   10   O O   . LEU A 1 2   ? -6.315  -2.410  -5.611  1.00 14.53 ? 2   LEU A O   1 
ATOM   11   C CB  . LEU A 1 2   ? -8.299  0.040   -4.722  1.00 16.29 ? 2   LEU A CB  1 
ATOM   12   C CG  . LEU A 1 2   ? -8.583  -1.032  -3.679  1.00 19.99 ? 2   LEU A CG  1 
ATOM   13   C CD1 . LEU A 1 2   ? -9.383  -0.485  -2.522  1.00 20.98 ? 2   LEU A CD1 1 
ATOM   14   C CD2 . LEU A 1 2   ? -9.351  -2.170  -4.313  1.00 23.18 ? 2   LEU A CD2 1 
ATOM   15   N N   . LEU A 1 3   ? -7.843  -1.912  -7.179  1.00 14.83 ? 3   LEU A N   1 
ATOM   16   C CA  . LEU A 1 3   ? -7.820  -3.262  -7.740  1.00 14.93 ? 3   LEU A CA  1 
ATOM   17   C C   . LEU A 1 3   ? -6.469  -3.601  -8.341  1.00 14.77 ? 3   LEU A C   1 
ATOM   18   O O   . LEU A 1 3   ? -5.990  -4.730  -8.196  1.00 14.91 ? 3   LEU A O   1 
ATOM   19   C CB  . LEU A 1 3   ? -8.907  -3.443  -8.798  1.00 16.35 ? 3   LEU A CB  1 
ATOM   20   C CG  . LEU A 1 3   ? -10.322 -3.619  -8.260  1.00 19.38 ? 3   LEU A CG  1 
ATOM   21   C CD1 . LEU A 1 3   ? -11.276 -3.841  -9.413  1.00 20.86 ? 3   LEU A CD1 1 
ATOM   22   C CD2 . LEU A 1 3   ? -10.380 -4.777  -7.289  1.00 20.95 ? 3   LEU A CD2 1 
ATOM   23   N N   . GLU A 1 4   ? -5.843  -2.632  -8.998  1.00 14.14 ? 4   GLU A N   1 
ATOM   24   C CA  . GLU A 1 4   ? -4.527  -2.847  -9.588  1.00 13.98 ? 4   GLU A CA  1 
ATOM   25   C C   . GLU A 1 4   ? -3.480  -3.022  -8.496  1.00 13.52 ? 4   GLU A C   1 
ATOM   26   O O   . GLU A 1 4   ? -2.572  -3.854  -8.627  1.00 14.03 ? 4   GLU A O   1 
ATOM   27   C CB  . GLU A 1 4   ? -4.155  -1.675  -10.488 1.00 14.12 ? 4   GLU A CB  1 
ATOM   28   C CG  . GLU A 1 4   ? -4.982  -1.622  -11.753 1.00 14.19 ? 4   GLU A CG  1 
ATOM   29   C CD  . GLU A 1 4   ? -4.938  -0.281  -12.450 1.00 12.80 ? 4   GLU A CD  1 
ATOM   30   O OE1 . GLU A 1 4   ? -5.484  -0.202  -13.591 1.00 14.73 ? 4   GLU A OE1 1 
ATOM   31   O OE2 . GLU A 1 4   ? -4.377  0.695   -11.894 1.00 13.39 ? 4   GLU A OE2 1 
ATOM   32   N N   . PHE A 1 5   ? -3.582  -2.252  -7.430  1.00 12.53 ? 5   PHE A N   1 
ATOM   33   C CA  . PHE A 1 5   ? -2.659  -2.365  -6.313  1.00 12.04 ? 5   PHE A CA  1 
ATOM   34   C C   . PHE A 1 5   ? -2.813  -3.772  -5.750  1.00 12.20 ? 5   PHE A C   1 
ATOM   35   O O   . PHE A 1 5   ? -1.827  -4.446  -5.469  1.00 12.01 ? 5   PHE A O   1 
ATOM   36   C CB  . PHE A 1 5   ? -3.002  -1.304  -5.268  1.00 11.79 ? 5   PHE A CB  1 
ATOM   37   C CG  . PHE A 1 5   ? -2.102  -1.279  -4.066  1.00 11.49 ? 5   PHE A CG  1 
ATOM   38   C CD1 . PHE A 1 5   ? -0.727  -1.516  -4.154  1.00 11.83 ? 5   PHE A CD1 1 
ATOM   39   C CD2 . PHE A 1 5   ? -2.648  -0.986  -2.839  1.00 12.29 ? 5   PHE A CD2 1 
ATOM   40   C CE1 . PHE A 1 5   ? 0.062   -1.440  -3.028  1.00 12.25 ? 5   PHE A CE1 1 
ATOM   41   C CE2 . PHE A 1 5   ? -1.848  -0.899  -1.705  1.00 12.46 ? 5   PHE A CE2 1 
ATOM   42   C CZ  . PHE A 1 5   ? -0.469  -1.122  -1.822  1.00 12.06 ? 5   PHE A CZ  1 
ATOM   43   N N   . GLY A 1 6   ? -4.042  -4.240  -5.636  1.00 12.05 ? 6   GLY A N   1 
ATOM   44   C CA  . GLY A 1 6   ? -4.316  -5.566  -5.116  1.00 13.04 ? 6   GLY A CA  1 
ATOM   45   C C   . GLY A 1 6   ? -3.682  -6.645  -5.979  1.00 13.68 ? 6   GLY A C   1 
ATOM   46   O O   . GLY A 1 6   ? -3.157  -7.658  -5.479  1.00 13.41 ? 6   GLY A O   1 
ATOM   47   N N   . LYS A 1 7   ? -3.755  -6.494  -7.285  1.00 13.65 ? 7   LYS A N   1 
ATOM   48   C CA  . LYS A 1 7   ? -3.178  -7.481  -8.197  1.00 14.84 ? 7   LYS A CA  1 
ATOM   49   C C   . LYS A 1 7   ? -1.668  -7.443  -8.044  1.00 14.28 ? 7   LYS A C   1 
ATOM   50   O O   . LYS A 1 7   ? -1.016  -8.490  -8.015  1.00 14.14 ? 7   LYS A O   1 
ATOM   51   C CB  . LYS A 1 7   ? -3.627  -7.152  -9.625  1.00 15.52 ? 7   LYS A CB  1 
ATOM   52   C CG  . LYS A 1 7   ? -2.891  -7.931  -10.706 1.00 18.14 ? 7   LYS A CG  1 
ATOM   53   C CD  . LYS A 1 7   ? -3.472  -7.596  -12.081 1.00 20.76 ? 7   LYS A CD  1 
ATOM   54   C CE  . LYS A 1 7   ? -2.676  -8.183  -13.234 1.00 23.11 ? 7   LYS A CE  1 
ATOM   55   N NZ  . LYS A 1 7   ? -1.408  -7.454  -13.523 1.00 25.17 ? 7   LYS A NZ  1 
ATOM   56   N N   . MET A 1 8   ? -1.102  -6.256  -7.908  1.00 14.23 ? 8   MET A N   1 
ATOM   57   C CA  . MET A 1 8   ? 0.325   -6.116  -7.708  1.00 13.56 ? 8   MET A CA  1 
ATOM   58   C C   . MET A 1 8   ? 0.788   -6.806  -6.407  1.00 12.34 ? 8   MET A C   1 
ATOM   59   O O   . MET A 1 8   ? 1.825   -7.483  -6.369  1.00 12.25 ? 8   MET A O   1 
ATOM   60   C CB  . MET A 1 8   ? 0.631   -4.629  -7.665  1.00 14.49 ? 8   MET A CB  1 
ATOM   61   C CG  . MET A 1 8   ? 2.057   -4.305  -7.806  1.00 16.18 ? 8   MET A CG  1 
ATOM   62   S SD  . MET A 1 8   ? 2.324   -2.480  -7.824  1.00 14.42 ? 8   MET A SD  1 
ATOM   63   C CE  . MET A 1 8   ? 1.933   -2.096  -9.524  1.00 17.34 ? 8   MET A CE  1 
ATOM   64   N N   . ILE A 1 9   ? 0.033   -6.602  -5.346  1.00 11.35 ? 9   ILE A N   1 
ATOM   65   C CA  . ILE A 1 9   ? 0.309   -7.232  -4.065  1.00 11.28 ? 9   ILE A CA  1 
ATOM   66   C C   . ILE A 1 9   ? 0.286   -8.745  -4.208  1.00 11.56 ? 9   ILE A C   1 
ATOM   67   O O   . ILE A 1 9   ? 1.190   -9.435  -3.709  1.00 11.85 ? 9   ILE A O   1 
ATOM   68   C CB  . ILE A 1 9   ? -0.713  -6.771  -3.034  1.00 11.44 ? 9   ILE A CB  1 
ATOM   69   C CG1 . ILE A 1 9   ? -0.488  -5.304  -2.716  1.00 11.44 ? 9   ILE A CG1 1 
ATOM   70   C CG2 . ILE A 1 9   ? -0.611  -7.607  -1.766  1.00 11.92 ? 9   ILE A CG2 1 
ATOM   71   C CD1 . ILE A 1 9   ? -1.623  -4.678  -1.940  1.00 11.96 ? 9   ILE A CD1 1 
ATOM   72   N N   . LEU A 1 10  ? -0.736  -9.285  -4.859  1.00 11.71 ? 10  LEU A N   1 
ATOM   73   C CA  . LEU A 1 10  ? -0.815  -10.734 -5.035  1.00 12.64 ? 10  LEU A CA  1 
ATOM   74   C C   . LEU A 1 10  ? 0.377   -11.231 -5.853  1.00 12.67 ? 10  LEU A C   1 
ATOM   75   O O   . LEU A 1 10  ? 1.012   -12.241 -5.505  1.00 12.48 ? 10  LEU A O   1 
ATOM   76   C CB  . LEU A 1 10  ? -2.131  -11.103 -5.704  1.00 13.73 ? 10  LEU A CB  1 
ATOM   77   C CG  . LEU A 1 10  ? -2.337  -12.589 -6.025  1.00 14.97 ? 10  LEU A CG  1 
ATOM   78   C CD1 . LEU A 1 10  ? -2.252  -13.434 -4.788  1.00 17.42 ? 10  LEU A CD1 1 
ATOM   79   C CD2 . LEU A 1 10  ? -3.695  -12.754 -6.683  1.00 17.25 ? 10  LEU A CD2 1 
ATOM   80   N N   . GLU A 1 11  ? 0.703   -10.553 -6.941  1.00 12.96 ? 11  GLU A N   1 
ATOM   81   C CA  . GLU A 1 11  ? 1.836   -10.968 -7.768  1.00 13.69 ? 11  GLU A CA  1 
ATOM   82   C C   . GLU A 1 11  ? 3.118   -10.999 -6.968  1.00 13.42 ? 11  GLU A C   1 
ATOM   83   O O   . GLU A 1 11  ? 3.938   -11.908 -7.102  1.00 13.18 ? 11  GLU A O   1 
ATOM   84   C CB  . GLU A 1 11  ? 2.045   -10.016 -8.937  1.00 14.28 ? 11  GLU A CB  1 
ATOM   85   C CG  . GLU A 1 11  ? 0.895   -9.896  -9.898  1.00 17.02 ? 11  GLU A CG  1 
ATOM   86   C CD  . GLU A 1 11  ? 1.153   -8.852  -10.961 1.00 17.71 ? 11  GLU A CD  1 
ATOM   87   O OE1 . GLU A 1 11  ? 1.811   -7.816  -10.671 1.00 17.56 ? 11  GLU A OE1 1 
ATOM   88   O OE2 . GLU A 1 11  ? 0.675   -9.073  -12.085 1.00 20.24 ? 11  GLU A OE2 1 
ATOM   89   N N   . GLU A 1 12  ? 3.335   -10.023 -6.114  1.00 13.23 ? 12  GLU A N   1 
ATOM   90   C CA  . GLU A 1 12  ? 4.564   -9.932  -5.385  1.00 13.67 ? 12  GLU A CA  1 
ATOM   91   C C   . GLU A 1 12  ? 4.632   -10.929 -4.252  1.00 13.25 ? 12  GLU A C   1 
ATOM   92   O O   . GLU A 1 12  ? 5.633   -11.598 -4.075  1.00 14.02 ? 12  GLU A O   1 
ATOM   93   C CB  . GLU A 1 12  ? 4.687   -8.543  -4.768  1.00 14.40 ? 12  GLU A CB  1 
ATOM   94   C CG  . GLU A 1 12  ? 5.026   -7.451  -5.736  1.00 16.44 ? 12  GLU A CG  1 
ATOM   95   C CD  . GLU A 1 12  ? 6.425   -7.645  -6.284  1.00 14.06 ? 12  GLU A CD  1 
ATOM   96   O OE1 . GLU A 1 12  ? 7.378   -7.807  -5.493  1.00 17.66 ? 12  GLU A OE1 1 
ATOM   97   O OE2 . GLU A 1 12  ? 6.560   -7.643  -7.526  1.00 17.98 ? 12  GLU A OE2 1 
ATOM   98   N N   . THR A 1 13  ? 3.560   -11.023 -3.487  1.00 12.89 ? 13  THR A N   1 
ATOM   99   C CA  . THR A 1 13  ? 3.587   -11.803 -2.251  1.00 13.62 ? 13  THR A CA  1 
ATOM   100  C C   . THR A 1 13  ? 2.909   -13.137 -2.236  1.00 13.72 ? 13  THR A C   1 
ATOM   101  O O   . THR A 1 13  ? 3.192   -13.923 -1.345  1.00 14.97 ? 13  THR A O   1 
ATOM   102  C CB  . THR A 1 13  ? 2.934   -11.009 -1.115  1.00 13.31 ? 13  THR A CB  1 
ATOM   103  O OG1 . THR A 1 13  ? 1.509   -10.915 -1.330  1.00 12.59 ? 13  THR A OG1 1 
ATOM   104  C CG2 . THR A 1 13  ? 3.506   -9.600  -1.029  1.00 14.56 ? 13  THR A CG2 1 
ATOM   105  N N   . GLY A 1 14  ? 1.992   -13.380 -3.158  1.00 13.94 ? 14  GLY A N   1 
ATOM   106  C CA  . GLY A 1 14  ? 1.238   -14.614 -3.151  1.00 14.51 ? 14  GLY A CA  1 
ATOM   107  C C   . GLY A 1 14  ? 0.070   -14.531 -2.195  1.00 15.50 ? 14  GLY A C   1 
ATOM   108  O O   . GLY A 1 14  ? -0.705  -15.482 -2.036  1.00 17.04 ? 14  GLY A O   1 
ATOM   109  N N   . LYS A 1 15  ? -0.082  -13.390 -1.430  1.00 14.65 ? 16  LYS A N   1 
ATOM   110  C CA  . LYS A 1 15  ? -1.215  -13.176 -0.554  1.00 14.72 ? 16  LYS A CA  1 
ATOM   111  C C   . LYS A 1 15  ? -2.246  -12.299 -1.241  1.00 14.48 ? 16  LYS A C   1 
ATOM   112  O O   . LYS A 1 15  ? -1.896  -11.359 -1.954  1.00 15.28 ? 16  LYS A O   1 
ATOM   113  C CB  . LYS A 1 15  ? -0.745  -12.490 0.724   1.00 14.59 ? 16  LYS A CB  1 
ATOM   114  C CG  . LYS A 1 15  ? 0.142   -13.317 1.635   1.00 15.88 ? 16  LYS A CG  1 
ATOM   115  C CD  . LYS A 1 15  ? 0.489   -12.531 2.880   1.00 16.39 ? 16  LYS A CD  1 
ATOM   116  C CE  . LYS A 1 15  ? 1.216   -13.344 3.932   1.00 19.30 ? 16  LYS A CE  1 
ATOM   117  N NZ  . LYS A 1 15  ? 0.326   -14.418 4.496   1.00 21.61 ? 16  LYS A NZ  1 
ATOM   118  N N   . LEU A 1 16  ? -3.515  -12.588 -1.001  1.00 14.82 ? 17  LEU A N   1 
ATOM   119  C CA  . LEU A 1 16  ? -4.601  -11.769 -1.501  1.00 15.35 ? 17  LEU A CA  1 
ATOM   120  C C   . LEU A 1 16  ? -4.637  -10.477 -0.692  1.00 14.50 ? 17  LEU A C   1 
ATOM   121  O O   . LEU A 1 16  ? -4.621  -10.501 0.538   1.00 14.36 ? 17  LEU A O   1 
ATOM   122  C CB  . LEU A 1 16  ? -5.924  -12.508 -1.321  1.00 15.79 ? 17  LEU A CB  1 
ATOM   123  C CG  . LEU A 1 16  ? -6.058  -13.824 -2.082  1.00 18.07 ? 17  LEU A CG  1 
ATOM   124  C CD1 . LEU A 1 16  ? -7.265  -14.601 -1.582  1.00 20.29 ? 17  LEU A CD1 1 
ATOM   125  C CD2 . LEU A 1 16  ? -6.187  -13.542 -3.561  1.00 19.41 ? 17  LEU A CD2 1 
ATOM   126  N N   . ALA A 1 17  ? -4.707  -9.346  -1.385  1.00 14.66 ? 18  ALA A N   1 
ATOM   127  C CA  . ALA A 1 17  ? -4.729  -8.048  -0.730  1.00 14.83 ? 18  ALA A CA  1 
ATOM   128  C C   . ALA A 1 17  ? -5.835  -8.027  0.305   1.00 14.95 ? 18  ALA A C   1 
ATOM   129  O O   . ALA A 1 17  ? -5.665  -7.524  1.402   1.00 14.53 ? 18  ALA A O   1 
ATOM   130  C CB  . ALA A 1 17  ? -4.936  -6.940  -1.762  1.00 14.97 ? 18  ALA A CB  1 
ATOM   131  N N   . ILE A 1 18  ? -6.993  -8.554  -0.078  1.00 15.61 ? 19  ILE A N   1 
ATOM   132  C CA  . ILE A 1 18  ? -8.109  -8.753  0.834   1.00 17.02 ? 19  ILE A CA  1 
ATOM   133  C C   . ILE A 1 18  ? -8.117  -10.269 1.000   1.00 17.52 ? 19  ILE A C   1 
ATOM   134  O O   . ILE A 1 18  ? -8.307  -10.981 0.017   1.00 18.44 ? 19  ILE A O   1 
ATOM   135  C CB  . ILE A 1 18  ? -9.450  -8.301  0.208   1.00 17.18 ? 19  ILE A CB  1 
ATOM   136  C CG1 . ILE A 1 18  ? -9.395  -6.824  -0.174  1.00 18.39 ? 19  ILE A CG1 1 
ATOM   137  C CG2 . ILE A 1 18  ? -10.613 -8.577  1.169   1.00 17.93 ? 19  ILE A CG2 1 
ATOM   138  C CD1 . ILE A 1 18  ? -10.651 -6.280  -0.807  1.00 21.03 ? 19  ILE A CD1 1 
ATOM   139  N N   . PRO A 1 19  ? -7.983  -10.803 2.204   1.00 17.83 ? 20  PRO A N   1 
ATOM   140  C CA  . PRO A 1 19  ? -7.883  -10.101 3.485   1.00 16.86 ? 20  PRO A CA  1 
ATOM   141  C C   . PRO A 1 19  ? -6.499  -9.915  4.096   1.00 16.28 ? 20  PRO A C   1 
ATOM   142  O O   . PRO A 1 19  ? -6.432  -9.417  5.210   1.00 17.15 ? 20  PRO A O   1 
ATOM   143  C CB  . PRO A 1 19  ? -8.679  -11.046 4.384   1.00 17.74 ? 20  PRO A CB  1 
ATOM   144  C CG  . PRO A 1 19  ? -8.209  -12.385 3.927   1.00 19.25 ? 20  PRO A CG  1 
ATOM   145  C CD  . PRO A 1 19  ? -8.128  -12.254 2.419   1.00 18.27 ? 20  PRO A CD  1 
ATOM   146  N N   . SER A 1 20  ? -5.427  -10.287 3.419   1.00 14.87 ? 21  SER A N   1 
ATOM   147  C CA  . SER A 1 20  ? -4.106  -10.211 4.036   1.00 14.72 ? 21  SER A CA  1 
ATOM   148  C C   . SER A 1 20  ? -3.575  -8.818  4.342   1.00 14.33 ? 21  SER A C   1 
ATOM   149  O O   . SER A 1 20  ? -2.822  -8.662  5.308   1.00 14.85 ? 21  SER A O   1 
ATOM   150  C CB  . SER A 1 20  ? -3.101  -10.968 3.180   1.00 14.43 ? 21  SER A CB  1 
ATOM   151  O OG  . SER A 1 20  ? -3.379  -12.356 3.188   1.00 15.54 ? 21  SER A OG  1 
ATOM   152  N N   . TYR A 1 21  ? -3.929  -7.830  3.526   1.00 14.17 ? 22  TYR A N   1 
ATOM   153  C CA  . TYR A 1 21  ? -3.400  -6.474  3.692   1.00 14.92 ? 22  TYR A CA  1 
ATOM   154  C C   . TYR A 1 21  ? -4.474  -5.375  3.732   1.00 15.83 ? 22  TYR A C   1 
ATOM   155  O O   . TYR A 1 21  ? -4.174  -4.178  3.680   1.00 17.88 ? 22  TYR A O   1 
ATOM   156  C CB  . TYR A 1 21  ? -2.434  -6.152  2.556   1.00 14.86 ? 22  TYR A CB  1 
ATOM   157  C CG  . TYR A 1 21  ? -1.177  -7.000  2.535   1.00 13.44 ? 22  TYR A CG  1 
ATOM   158  C CD1 . TYR A 1 21  ? -0.105  -6.717  3.400   1.00 13.31 ? 22  TYR A CD1 1 
ATOM   159  C CD2 . TYR A 1 21  ? -1.029  -8.067  1.661   1.00 13.91 ? 22  TYR A CD2 1 
ATOM   160  C CE1 . TYR A 1 21  ? 1.044   -7.449  3.376   1.00 13.29 ? 22  TYR A CE1 1 
ATOM   161  C CE2 . TYR A 1 21  ? 0.120   -8.789  1.638   1.00 12.79 ? 22  TYR A CE2 1 
ATOM   162  C CZ  . TYR A 1 21  ? 1.153   -8.491  2.504   1.00 12.40 ? 22  TYR A CZ  1 
ATOM   163  O OH  . TYR A 1 21  ? 2.290   -9.246  2.456   1.00 13.09 ? 22  TYR A OH  1 
ATOM   164  N N   . SER A 1 22  ? -5.736  -5.751  3.813   1.00 14.97 ? 23  SER A N   1 
ATOM   165  C CA  . SER A 1 22  ? -6.818  -4.773  3.822   1.00 15.77 ? 23  SER A CA  1 
ATOM   166  C C   . SER A 1 22  ? -7.180  -4.261  5.208   1.00 15.27 ? 23  SER A C   1 
ATOM   167  O O   . SER A 1 22  ? -7.879  -3.249  5.334   1.00 15.68 ? 23  SER A O   1 
ATOM   168  C CB  . SER A 1 22  ? -8.068  -5.375  3.170   1.00 16.88 ? 23  SER A CB  1 
ATOM   169  O OG  . SER A 1 22  ? -8.330  -6.653  3.702   1.00 19.08 ? 23  SER A OG  1 
ATOM   170  N N   . SER A 1 23  ? -6.755  -4.968  6.245   1.00 14.50 ? 24  SER A N   1 
ATOM   171  C CA  . SER A 1 23  ? -7.058  -4.588  7.614   1.00 15.31 ? 24  SER A CA  1 
ATOM   172  C C   . SER A 1 23  ? -5.891  -4.885  8.549   1.00 15.26 ? 24  SER A C   1 
ATOM   173  O O   . SER A 1 23  ? -6.074  -5.147  9.736   1.00 16.80 ? 24  SER A O   1 
ATOM   174  C CB  . SER A 1 23  ? -8.301  -5.333  8.097   1.00 15.99 ? 24  SER A CB  1 
ATOM   175  O OG  . SER A 1 23  ? -8.034  -6.723  8.183   1.00 18.84 ? 24  SER A OG  1 
ATOM   176  N N   . TYR A 1 24  ? -4.682  -4.772  8.032   1.00 14.13 ? 25  TYR A N   1 
ATOM   177  C CA  . TYR A 1 24  ? -3.505  -5.141  8.791   1.00 13.07 ? 25  TYR A CA  1 
ATOM   178  C C   . TYR A 1 24  ? -2.929  -3.971  9.568   1.00 12.75 ? 25  TYR A C   1 
ATOM   179  O O   . TYR A 1 24  ? -2.691  -2.892  9.021   1.00 12.97 ? 25  TYR A O   1 
ATOM   180  C CB  . TYR A 1 24  ? -2.479  -5.697  7.833   1.00 13.26 ? 25  TYR A CB  1 
ATOM   181  C CG  . TYR A 1 24  ? -1.252  -6.325  8.445   1.00 12.54 ? 25  TYR A CG  1 
ATOM   182  C CD1 . TYR A 1 24  ? -0.208  -5.544  8.925   1.00 12.10 ? 25  TYR A CD1 1 
ATOM   183  C CD2 . TYR A 1 24  ? -1.100  -7.698  8.453   1.00 13.22 ? 25  TYR A CD2 1 
ATOM   184  C CE1 . TYR A 1 24  ? 0.936   -6.113  9.438   1.00 12.17 ? 25  TYR A CE1 1 
ATOM   185  C CE2 . TYR A 1 24  ? 0.044   -8.285  8.964   1.00 13.46 ? 25  TYR A CE2 1 
ATOM   186  C CZ  . TYR A 1 24  ? 1.060   -7.485  9.432   1.00 12.00 ? 25  TYR A CZ  1 
ATOM   187  O OH  . TYR A 1 24  ? 2.189   -8.109  9.913   1.00 12.94 ? 25  TYR A OH  1 
ATOM   188  N N   . GLY A 1 25  ? -2.697  -4.193  10.858  1.00 12.83 ? 26  GLY A N   1 
ATOM   189  C CA  . GLY A 1 25  ? -2.095  -3.189  11.701  1.00 12.33 ? 26  GLY A CA  1 
ATOM   190  C C   . GLY A 1 25  ? -2.868  -1.898  11.754  1.00 12.00 ? 26  GLY A C   1 
ATOM   191  O O   . GLY A 1 25  ? -4.119  -1.859  11.639  1.00 12.58 ? 26  GLY A O   1 
ATOM   192  N N   . CYS A 1 26  ? -2.131  -0.813  11.916  1.00 12.05 ? 27  CYS A N   1 
ATOM   193  C CA  . CYS A 1 26  ? -2.734  0.488   12.043  1.00 12.85 ? 27  CYS A CA  1 
ATOM   194  C C   . CYS A 1 26  ? -2.913  1.235   10.742  1.00 12.63 ? 27  CYS A C   1 
ATOM   195  O O   . CYS A 1 26  ? -3.749  2.136   10.689  1.00 13.67 ? 27  CYS A O   1 
ATOM   196  C CB  . CYS A 1 26  ? -1.904  1.349   12.990  1.00 12.95 ? 27  CYS A CB  1 
ATOM   197  S SG  . CYS A 1 26  ? -1.935  0.733   14.687  1.00 16.13 ? 27  CYS A SG  1 
ATOM   198  N N   . TYR A 1 27  ? -2.139  0.909   9.707   1.00 12.64 ? 28  TYR A N   1 
ATOM   199  C CA  . TYR A 1 27  ? -2.168  1.693   8.466   1.00 13.26 ? 28  TYR A CA  1 
ATOM   200  C C   . TYR A 1 27  ? -2.590  0.983   7.197   1.00 14.26 ? 28  TYR A C   1 
ATOM   201  O O   . TYR A 1 27  ? -2.868  1.660   6.207   1.00 15.10 ? 28  TYR A O   1 
ATOM   202  C CB  . TYR A 1 27  ? -0.796  2.359   8.253   1.00 13.45 ? 28  TYR A CB  1 
ATOM   203  C CG  . TYR A 1 27  ? -0.549  3.407   9.305   1.00 13.84 ? 28  TYR A CG  1 
ATOM   204  C CD1 . TYR A 1 27  ? 0.051   3.084   10.507  1.00 13.42 ? 28  TYR A CD1 1 
ATOM   205  C CD2 . TYR A 1 27  ? -0.996  4.705   9.125   1.00 14.15 ? 28  TYR A CD2 1 
ATOM   206  C CE1 . TYR A 1 27  ? 0.228   4.014   11.480  1.00 14.49 ? 28  TYR A CE1 1 
ATOM   207  C CE2 . TYR A 1 27  ? -0.829  5.650   10.105  1.00 15.06 ? 28  TYR A CE2 1 
ATOM   208  C CZ  . TYR A 1 27  ? -0.207  5.307   11.278  1.00 14.34 ? 28  TYR A CZ  1 
ATOM   209  O OH  . TYR A 1 27  ? -0.045  6.270   12.259  1.00 15.37 ? 28  TYR A OH  1 
ATOM   210  N N   . CYS A 1 28  ? -2.641  -0.338  7.185   1.00 14.92 ? 29  CYS A N   1 
ATOM   211  C CA  . CYS A 1 28  ? -2.991  -1.069  5.970   1.00 17.04 ? 29  CYS A CA  1 
ATOM   212  C C   . CYS A 1 28  ? -4.481  -1.111  5.775   1.00 20.19 ? 29  CYS A C   1 
ATOM   213  O O   . CYS A 1 28  ? -5.194  -1.797  6.534   1.00 22.10 ? 29  CYS A O   1 
ATOM   214  C CB  . CYS A 1 28  ? -2.480  -2.494  6.026   1.00 16.63 ? 29  CYS A CB  1 
ATOM   215  S SG  . CYS A 1 28  ? -0.695  -2.620  6.157   1.00 14.29 ? 29  CYS A SG  1 
ATOM   216  N N   . GLY A 1 29  ? -4.939  -0.421  4.736   1.00 22.48 ? 30  GLY A N   1 
ATOM   217  C CA  . GLY A 1 29  ? -6.353  -0.331  4.445   1.00 25.15 ? 30  GLY A CA  1 
ATOM   218  C C   . GLY A 1 29  ? -7.077  0.295   5.614   1.00 26.95 ? 30  GLY A C   1 
ATOM   219  O O   . GLY A 1 29  ? -7.335  -0.369  6.618   1.00 28.96 ? 30  GLY A O   1 
ATOM   220  N N   . TRP A 1 30  ? -7.399  1.578   5.491   1.00 29.30 ? 31  TRP A N   1 
ATOM   221  C CA  . TRP A 1 30  ? -8.134  2.284   6.523   1.00 30.05 ? 31  TRP A CA  1 
ATOM   222  C C   . TRP A 1 30  ? -7.289  2.442   7.786   1.00 30.35 ? 31  TRP A C   1 
ATOM   223  O O   . TRP A 1 30  ? -7.238  1.547   8.632   1.00 31.76 ? 31  TRP A O   1 
ATOM   224  C CB  . TRP A 1 30  ? -9.431  1.534   6.830   1.00 30.54 ? 31  TRP A CB  1 
ATOM   225  C CG  . TRP A 1 30  ? -10.404 2.284   7.674   1.00 31.95 ? 31  TRP A CG  1 
ATOM   226  C CD1 . TRP A 1 30  ? -10.299 2.545   9.006   1.00 32.88 ? 31  TRP A CD1 1 
ATOM   227  C CD2 . TRP A 1 30  ? -11.641 2.867   7.246   1.00 33.52 ? 31  TRP A CD2 1 
ATOM   228  N NE1 . TRP A 1 30  ? -11.393 3.257   9.434   1.00 34.13 ? 31  TRP A NE1 1 
ATOM   229  C CE2 . TRP A 1 30  ? -12.234 3.465   8.374   1.00 33.66 ? 31  TRP A CE2 1 
ATOM   230  C CE3 . TRP A 1 30  ? -12.310 2.948   6.018   1.00 34.12 ? 31  TRP A CE3 1 
ATOM   231  C CZ2 . TRP A 1 30  ? -13.453 4.135   8.315   1.00 34.14 ? 31  TRP A CZ2 1 
ATOM   232  C CZ3 . TRP A 1 30  ? -13.531 3.607   5.964   1.00 34.47 ? 31  TRP A CZ3 1 
ATOM   233  C CH2 . TRP A 1 30  ? -14.085 4.194   7.103   1.00 34.84 ? 31  TRP A CH2 1 
ATOM   234  N N   . GLY A 1 31  ? -6.631  3.587   7.914   1.00 30.08 ? 32  GLY A N   1 
ATOM   235  C CA  . GLY A 1 31  ? -5.817  3.855   9.080   1.00 29.43 ? 32  GLY A CA  1 
ATOM   236  C C   . GLY A 1 31  ? -5.037  5.142   8.939   1.00 28.30 ? 32  GLY A C   1 
ATOM   237  O O   . GLY A 1 31  ? -4.430  5.377   7.894   1.00 29.43 ? 32  GLY A O   1 
ATOM   238  N N   . GLY A 1 32  ? -5.039  5.961   9.988   1.00 26.64 ? 33  GLY A N   1 
ATOM   239  C CA  . GLY A 1 32  ? -4.321  7.221   9.986   1.00 24.73 ? 33  GLY A CA  1 
ATOM   240  C C   . GLY A 1 32  ? -3.692  7.636   11.316  1.00 23.37 ? 33  GLY A C   1 
ATOM   241  O O   . GLY A 1 32  ? -3.242  8.768   11.451  1.00 24.40 ? 33  GLY A O   1 
ATOM   242  N N   . LYS A 1 33  ? -3.674  6.744   12.307  1.00 20.80 ? 34  LYS A N   1 
ATOM   243  C CA  . LYS A 1 33  ? -3.036  7.022   13.590  1.00 19.76 ? 34  LYS A CA  1 
ATOM   244  C C   . LYS A 1 33  ? -2.376  5.777   14.150  1.00 17.79 ? 34  LYS A C   1 
ATOM   245  O O   . LYS A 1 33  ? -2.617  4.660   13.691  1.00 17.18 ? 34  LYS A O   1 
ATOM   246  C CB  . LYS A 1 33  ? -4.013  7.612   14.621  1.00 20.28 ? 34  LYS A CB  1 
ATOM   247  C CG  . LYS A 1 33  ? -5.446  7.200   14.513  1.00 22.48 ? 34  LYS A CG  1 
ATOM   248  C CD  . LYS A 1 33  ? -6.134  7.299   15.872  1.00 23.37 ? 34  LYS A CD  1 
ATOM   249  C CE  . LYS A 1 33  ? -7.481  7.964   15.791  1.00 24.74 ? 34  LYS A CE  1 
ATOM   250  N NZ  . LYS A 1 33  ? -8.109  8.059   17.115  1.00 26.29 ? 34  LYS A NZ  1 
ATOM   251  N N   . GLY A 1 34  ? -1.502  6.009   15.125  1.00 17.28 ? 35  GLY A N   1 
ATOM   252  C CA  . GLY A 1 34  ? -0.805  4.971   15.837  1.00 17.23 ? 35  GLY A CA  1 
ATOM   253  C C   . GLY A 1 34  ? 0.611   4.719   15.365  1.00 16.39 ? 35  GLY A C   1 
ATOM   254  O O   . GLY A 1 34  ? 1.048   5.191   14.309  1.00 16.07 ? 35  GLY A O   1 
ATOM   255  N N   . THR A 1 35  ? 1.332   3.949   16.154  1.00 16.94 ? 36  THR A N   1 
ATOM   256  C CA  . THR A 1 35  ? 2.671   3.545   15.781  1.00 16.93 ? 36  THR A CA  1 
ATOM   257  C C   . THR A 1 35  ? 2.530   2.268   14.969  1.00 15.43 ? 36  THR A C   1 
ATOM   258  O O   . THR A 1 35  ? 1.952   1.288   15.448  1.00 15.30 ? 36  THR A O   1 
ATOM   259  C CB  . THR A 1 35  ? 3.503   3.260   17.025  1.00 17.30 ? 36  THR A CB  1 
ATOM   260  O OG1 . THR A 1 35  ? 3.711   4.475   17.762  1.00 19.92 ? 36  THR A OG1 1 
ATOM   261  C CG2 . THR A 1 35  ? 4.891   2.762   16.650  1.00 18.84 ? 36  THR A CG2 1 
ATOM   262  N N   . PRO A 1 36  ? 3.031   2.252   13.736  1.00 14.36 ? 37  PRO A N   1 
ATOM   263  C CA  . PRO A 1 36  ? 2.901   1.042   12.921  1.00 13.63 ? 37  PRO A CA  1 
ATOM   264  C C   . PRO A 1 36  ? 3.360   -0.169  13.700  1.00 13.39 ? 37  PRO A C   1 
ATOM   265  O O   . PRO A 1 36  ? 4.355   -0.112  14.417  1.00 14.26 ? 37  PRO A O   1 
ATOM   266  C CB  . PRO A 1 36  ? 3.797   1.335   11.722  1.00 13.49 ? 37  PRO A CB  1 
ATOM   267  C CG  . PRO A 1 36  ? 3.699   2.797   11.572  1.00 14.44 ? 37  PRO A CG  1 
ATOM   268  C CD  . PRO A 1 36  ? 3.727   3.328   13.006  1.00 14.36 ? 37  PRO A CD  1 
ATOM   269  N N   . LYS A 1 37  ? 2.646   -1.263  13.559  1.00 13.19 ? 38  LYS A N   1 
ATOM   270  C CA  . LYS A 1 37  ? 2.927   -2.444  14.352  1.00 13.89 ? 38  LYS A CA  1 
ATOM   271  C C   . LYS A 1 37  ? 4.205   -3.200  14.022  1.00 13.45 ? 38  LYS A C   1 
ATOM   272  O O   . LYS A 1 37  ? 4.775   -3.850  14.903  1.00 14.59 ? 38  LYS A O   1 
ATOM   273  C CB  . LYS A 1 37  ? 1.756   -3.407  14.263  1.00 14.45 ? 38  LYS A CB  1 
ATOM   274  C CG  . LYS A 1 37  ? 0.424   -2.818  14.691  1.00 15.46 ? 38  LYS A CG  1 
ATOM   275  C CD  . LYS A 1 37  ? 0.526   -2.106  16.039  1.00 16.66 ? 38  LYS A CD  1 
ATOM   276  C CE  . LYS A 1 37  ? 0.970   -3.052  17.140  1.00 16.79 ? 38  LYS A CE  1 
ATOM   277  N NZ  . LYS A 1 37  ? 0.979   -2.390  18.463  1.00 19.88 ? 38  LYS A NZ  1 
ATOM   278  N N   . ASP A 1 38  ? 4.649   -3.180  12.772  1.00 12.64 ? 39  ASP A N   1 
ATOM   279  C CA  . ASP A 1 38  ? 5.807   -3.902  12.309  1.00 12.39 ? 39  ASP A CA  1 
ATOM   280  C C   . ASP A 1 38  ? 6.196   -3.333  10.942  1.00 11.51 ? 39  ASP A C   1 
ATOM   281  O O   . ASP A 1 38  ? 5.641   -2.334  10.482  1.00 11.35 ? 39  ASP A O   1 
ATOM   282  C CB  . ASP A 1 38  ? 5.520   -5.402  12.219  1.00 12.69 ? 39  ASP A CB  1 
ATOM   283  C CG  . ASP A 1 38  ? 4.442   -5.750  11.231  1.00 12.27 ? 39  ASP A CG  1 
ATOM   284  O OD1 . ASP A 1 38  ? 3.895   -4.863  10.520  1.00 11.97 ? 39  ASP A OD1 1 
ATOM   285  O OD2 . ASP A 1 38  ? 4.128   -6.956  11.105  1.00 12.96 ? 39  ASP A OD2 1 
ATOM   286  N N   . ALA A 1 39  ? 7.159   -3.976  10.302  1.00 11.52 ? 40  ALA A N   1 
ATOM   287  C CA  . ALA A 1 39  ? 7.663   -3.500  9.017   1.00 11.48 ? 40  ALA A CA  1 
ATOM   288  C C   . ALA A 1 39  ? 6.568   -3.486  7.927   1.00 10.88 ? 40  ALA A C   1 
ATOM   289  O O   . ALA A 1 39  ? 6.521   -2.555  7.140   1.00 11.00 ? 40  ALA A O   1 
ATOM   290  C CB  . ALA A 1 39  ? 8.845   -4.335  8.580   1.00 12.10 ? 40  ALA A CB  1 
ATOM   291  N N   . THR A 1 40  ? 5.702   -4.499  7.903   1.00 10.69 ? 41  THR A N   1 
ATOM   292  C CA  . THR A 1 40  ? 4.634   -4.533  6.928   1.00 10.39 ? 41  THR A CA  1 
ATOM   293  C C   . THR A 1 40  ? 3.729   -3.332  7.132   1.00 10.22 ? 41  THR A C   1 
ATOM   294  O O   . THR A 1 40  ? 3.355   -2.663  6.168   1.00 10.37 ? 41  THR A O   1 
ATOM   295  C CB  . THR A 1 40  ? 3.860   -5.843  7.048   1.00 10.26 ? 41  THR A CB  1 
ATOM   296  O OG1 . THR A 1 40  ? 4.668   -6.908  6.529   1.00 12.03 ? 41  THR A OG1 1 
ATOM   297  C CG2 . THR A 1 40  ? 2.585   -5.793  6.210   1.00 10.90 ? 41  THR A CG2 1 
ATOM   298  N N   . ASP A 1 41  ? 3.357   -3.062  8.367   1.00 10.20 ? 42  ASP A N   1 
ATOM   299  C CA  . ASP A 1 41  ? 2.504   -1.914  8.643   1.00 10.68 ? 42  ASP A CA  1 
ATOM   300  C C   . ASP A 1 41  ? 3.201   -0.601  8.259   1.00 10.33 ? 42  ASP A C   1 
ATOM   301  O O   . ASP A 1 41  ? 2.575   0.341   7.782   1.00 10.62 ? 42  ASP A O   1 
ATOM   302  C CB  . ASP A 1 41  ? 2.155   -1.907  10.133  1.00 10.47 ? 42  ASP A CB  1 
ATOM   303  C CG  . ASP A 1 41  ? 0.886   -1.173  10.459  1.00 11.38 ? 42  ASP A CG  1 
ATOM   304  O OD1 . ASP A 1 41  ? 0.121   -0.780  9.538   1.00 13.10 ? 42  ASP A OD1 1 
ATOM   305  O OD2 . ASP A 1 41  ? 0.627   -0.954  11.660  1.00 11.62 ? 42  ASP A OD2 1 
ATOM   306  N N   . ARG A 1 42  ? 4.522   -0.548  8.422   1.00 10.09 ? 43  ARG A N   1 
ATOM   307  C CA  . ARG A 1 42  ? 5.268   0.638   8.000   1.00 10.68 ? 43  ARG A CA  1 
ATOM   308  C C   . ARG A 1 42  ? 5.194   0.790   6.484   1.00 10.49 ? 43  ARG A C   1 
ATOM   309  O O   . ARG A 1 42  ? 5.178   1.909   5.981   1.00 10.63 ? 43  ARG A O   1 
ATOM   310  C CB  . ARG A 1 42  ? 6.709   0.608   8.496   1.00 10.89 ? 43  ARG A CB  1 
ATOM   311  C CG  . ARG A 1 42  ? 6.814   0.864   9.979   1.00 10.76 ? 43  ARG A CG  1 
ATOM   312  C CD  . ARG A 1 42  ? 8.224   1.150   10.437  1.00 11.34 ? 43  ARG A CD  1 
ATOM   313  N NE  . ARG A 1 42  ? 9.079   -0.017  10.363  1.00 12.13 ? 43  ARG A NE  1 
ATOM   314  C CZ  . ARG A 1 42  ? 9.180   -0.946  11.310  1.00 12.64 ? 43  ARG A CZ  1 
ATOM   315  N NH1 . ARG A 1 42  ? 8.434   -0.895  12.398  1.00 13.64 ? 43  ARG A NH1 1 
ATOM   316  N NH2 . ARG A 1 42  ? 10.002  -1.954  11.144  1.00 13.09 ? 43  ARG A NH2 1 
ATOM   317  N N   . CYS A 1 43  ? 5.112   -0.304  5.744   1.00 10.49 ? 44  CYS A N   1 
ATOM   318  C CA  . CYS A 1 43  ? 4.933   -0.199  4.304   1.00 10.52 ? 44  CYS A CA  1 
ATOM   319  C C   . CYS A 1 43  ? 3.648   0.571   4.022   1.00 10.44 ? 44  CYS A C   1 
ATOM   320  O O   . CYS A 1 43  ? 3.610   1.441   3.151   1.00 10.57 ? 44  CYS A O   1 
ATOM   321  C CB  . CYS A 1 43  ? 4.770   -1.587  3.686   1.00 11.15 ? 44  CYS A CB  1 
ATOM   322  S SG  . CYS A 1 43  ? 6.187   -2.696  3.773   1.00 11.87 ? 44  CYS A SG  1 
ATOM   323  N N   . CYS A 1 44  ? 2.588   0.230   4.754   1.00 10.60 ? 45  CYS A N   1 
ATOM   324  C CA  . CYS A 1 44  ? 1.330   0.922   4.602   1.00 10.97 ? 45  CYS A CA  1 
ATOM   325  C C   . CYS A 1 44  ? 1.357   2.357   5.082   1.00 10.86 ? 45  CYS A C   1 
ATOM   326  O O   . CYS A 1 44  ? 0.702   3.201   4.488   1.00 10.86 ? 45  CYS A O   1 
ATOM   327  C CB  . CYS A 1 44  ? 0.222   0.144   5.311   1.00 11.57 ? 45  CYS A CB  1 
ATOM   328  S SG  . CYS A 1 44  ? -0.019  -1.473  4.608   1.00 14.35 ? 45  CYS A SG  1 
ATOM   329  N N   . PHE A 1 45  ? 2.081   2.628   6.156   1.00 10.55 ? 46  PHE A N   1 
ATOM   330  C CA  . PHE A 1 45  ? 2.233   3.980   6.618   1.00 10.45 ? 46  PHE A CA  1 
ATOM   331  C C   . PHE A 1 45  ? 2.848   4.841   5.509   1.00 10.28 ? 46  PHE A C   1 
ATOM   332  O O   . PHE A 1 45  ? 2.347   5.932   5.167   1.00 11.07 ? 46  PHE A O   1 
ATOM   333  C CB  . PHE A 1 45  ? 3.122   4.027   7.862   1.00 11.05 ? 46  PHE A CB  1 
ATOM   334  C CG  . PHE A 1 45  ? 3.379   5.417   8.339   1.00 11.72 ? 46  PHE A CG  1 
ATOM   335  C CD1 . PHE A 1 45  ? 2.447   6.077   9.091   1.00 15.28 ? 46  PHE A CD1 1 
ATOM   336  C CD2 . PHE A 1 45  ? 4.514   6.107   7.969   1.00 13.86 ? 46  PHE A CD2 1 
ATOM   337  C CE1 . PHE A 1 45  ? 2.651   7.379   9.510   1.00 16.18 ? 46  PHE A CE1 1 
ATOM   338  C CE2 . PHE A 1 45  ? 4.718   7.426   8.399   1.00 14.38 ? 46  PHE A CE2 1 
ATOM   339  C CZ  . PHE A 1 45  ? 3.781   8.038   9.178   1.00 15.80 ? 46  PHE A CZ  1 
ATOM   340  N N   . VAL A 1 46  ? 3.957   4.373   4.950   1.00 9.59  ? 47  VAL A N   1 
ATOM   341  C CA  . VAL A 1 46  ? 4.625   5.103   3.879   1.00 9.95  ? 47  VAL A CA  1 
ATOM   342  C C   . VAL A 1 46  ? 3.739   5.211   2.650   1.00 10.33 ? 47  VAL A C   1 
ATOM   343  O O   . VAL A 1 46  ? 3.684   6.244   2.008   1.00 10.70 ? 47  VAL A O   1 
ATOM   344  C CB  . VAL A 1 46  ? 5.980   4.465   3.543   1.00 10.77 ? 47  VAL A CB  1 
ATOM   345  C CG1 . VAL A 1 46  ? 6.584   5.110   2.328   1.00 11.11 ? 47  VAL A CG1 1 
ATOM   346  C CG2 . VAL A 1 46  ? 6.942   4.604   4.743   1.00 11.09 ? 47  VAL A CG2 1 
ATOM   347  N N   . HIS A 1 47  ? 3.016   4.152   2.327   1.00 10.22 ? 48  HIS A N   1 
ATOM   348  C CA  . HIS A 1 47  ? 2.119   4.172   1.191   1.00 10.16 ? 48  HIS A CA  1 
ATOM   349  C C   . HIS A 1 47  ? 1.016   5.200   1.409   1.00 10.26 ? 48  HIS A C   1 
ATOM   350  O O   . HIS A 1 47  ? 0.668   5.932   0.485   1.00 10.32 ? 48  HIS A O   1 
ATOM   351  C CB  . HIS A 1 47  ? 1.545   2.779   0.995   1.00 10.32 ? 48  HIS A CB  1 
ATOM   352  C CG  . HIS A 1 47  ? 0.682   2.658   -0.222  1.00 9.94  ? 48  HIS A CG  1 
ATOM   353  N ND1 . HIS A 1 47  ? -0.672  2.436   -0.138  1.00 10.80 ? 48  HIS A ND1 1 
ATOM   354  C CD2 . HIS A 1 47  ? 0.988   2.663   -1.534  1.00 10.56 ? 48  HIS A CD2 1 
ATOM   355  C CE1 . HIS A 1 47  ? -1.175  2.375   -1.360  1.00 11.30 ? 48  HIS A CE1 1 
ATOM   356  N NE2 . HIS A 1 47  ? -0.190  2.494   -2.225  1.00 10.90 ? 48  HIS A NE2 1 
ATOM   357  N N   . ASP A 1 48  ? 0.489   5.281   2.617   1.00 10.61 ? 49  ASP A N   1 
ATOM   358  C CA  . ASP A 1 48  ? -0.526  6.269   2.927   1.00 11.58 ? 49  ASP A CA  1 
ATOM   359  C C   . ASP A 1 48  ? 0.067   7.682   2.772   1.00 11.52 ? 49  ASP A C   1 
ATOM   360  O O   . ASP A 1 48  ? -0.572  8.574   2.227   1.00 12.49 ? 49  ASP A O   1 
ATOM   361  C CB  . ASP A 1 48  ? -1.040  6.116   4.342   1.00 12.07 ? 49  ASP A CB  1 
ATOM   362  C CG  . ASP A 1 48  ? -1.825  4.833   4.570   1.00 13.85 ? 49  ASP A CG  1 
ATOM   363  O OD1 . ASP A 1 48  ? -2.249  4.157   3.619   1.00 15.11 ? 49  ASP A OD1 1 
ATOM   364  O OD2 . ASP A 1 48  ? -2.015  4.421   5.742   1.00 16.63 ? 49  ASP A OD2 1 
ATOM   365  N N   . CYS A 1 49  ? 1.298   7.896   3.222   1.00 11.45 ? 50  CYS A N   1 
ATOM   366  C CA  . CYS A 1 49  ? 1.964   9.170   3.066   1.00 12.17 ? 50  CYS A CA  1 
ATOM   367  C C   . CYS A 1 49  ? 2.152   9.479   1.584   1.00 12.35 ? 50  CYS A C   1 
ATOM   368  O O   . CYS A 1 49  ? 2.023   10.626  1.150   1.00 12.87 ? 50  CYS A O   1 
ATOM   369  C CB  . CYS A 1 49  ? 3.336   9.114   3.739   1.00 12.71 ? 50  CYS A CB  1 
ATOM   370  S SG  . CYS A 1 49  ? 3.305   9.060   5.538   1.00 14.29 ? 50  CYS A SG  1 
ATOM   371  N N   . CYS A 1 50  ? 2.505   8.460   0.820   1.00 12.19 ? 51  CYS A N   1 
ATOM   372  C CA  . CYS A 1 50  ? 2.766   8.594   -0.603  1.00 12.52 ? 51  CYS A CA  1 
ATOM   373  C C   . CYS A 1 50  ? 1.492   9.078   -1.310  1.00 12.34 ? 51  CYS A C   1 
ATOM   374  O O   . CYS A 1 50  ? 1.529   10.029  -2.105  1.00 13.38 ? 51  CYS A O   1 
ATOM   375  C CB  . CYS A 1 50  ? 3.263   7.258   -1.152  1.00 12.10 ? 51  CYS A CB  1 
ATOM   376  S SG  . CYS A 1 50  ? 4.126   7.358   -2.752  1.00 12.53 ? 51  CYS A SG  1 
ATOM   377  N N   . TYR A 1 51  ? 0.355   8.489   -0.981  1.00 12.59 ? 52  TYR A N   1 
ATOM   378  C CA  . TYR A 1 51  ? -0.910  8.937   -1.526  1.00 13.07 ? 52  TYR A CA  1 
ATOM   379  C C   . TYR A 1 51  ? -1.205  10.338  -1.030  1.00 14.00 ? 52  TYR A C   1 
ATOM   380  O O   . TYR A 1 51  ? -1.766  11.163  -1.762  1.00 14.52 ? 52  TYR A O   1 
ATOM   381  C CB  . TYR A 1 51  ? -2.032  8.007   -1.086  1.00 12.74 ? 52  TYR A CB  1 
ATOM   382  C CG  . TYR A 1 51  ? -2.206  6.750   -1.917  1.00 12.53 ? 52  TYR A CG  1 
ATOM   383  C CD1 . TYR A 1 51  ? -1.325  6.399   -2.923  1.00 11.34 ? 52  TYR A CD1 1 
ATOM   384  C CD2 . TYR A 1 51  ? -3.270  5.922   -1.666  1.00 13.39 ? 52  TYR A CD2 1 
ATOM   385  C CE1 . TYR A 1 51  ? -1.528  5.244   -3.663  1.00 11.93 ? 52  TYR A CE1 1 
ATOM   386  C CE2 . TYR A 1 51  ? -3.483  4.785   -2.394  1.00 12.69 ? 52  TYR A CE2 1 
ATOM   387  C CZ  . TYR A 1 51  ? -2.613  4.443   -3.390  1.00 11.61 ? 52  TYR A CZ  1 
ATOM   388  O OH  . TYR A 1 51  ? -2.861  3.279   -4.095  1.00 12.42 ? 52  TYR A OH  1 
ATOM   389  N N   . GLY A 1 52  ? -0.815  10.622  0.212   1.00 14.71 ? 53  GLY A N   1 
ATOM   390  C CA  . GLY A 1 52  ? -1.014  11.936  0.804   1.00 15.45 ? 53  GLY A CA  1 
ATOM   391  C C   . GLY A 1 52  ? -0.254  13.024  0.082   1.00 15.73 ? 53  GLY A C   1 
ATOM   392  O O   . GLY A 1 52  ? -0.619  14.220  0.152   1.00 17.85 ? 53  GLY A O   1 
ATOM   393  N N   A ASN A 1 53  ? 0.808   12.634  -0.624  0.50 16.19 ? 54  ASN A N   1 
ATOM   394  N N   B ASN A 1 53  ? 0.779   12.651  -0.625  0.50 15.69 ? 54  ASN A N   1 
ATOM   395  C CA  A ASN A 1 53  ? 1.619   13.557  -1.415  0.50 16.40 ? 54  ASN A CA  1 
ATOM   396  C CA  B ASN A 1 53  ? 1.514   13.623  -1.373  0.50 15.79 ? 54  ASN A CA  1 
ATOM   397  C C   A ASN A 1 53  ? 0.847   14.001  -2.671  0.50 16.02 ? 54  ASN A C   1 
ATOM   398  C C   B ASN A 1 53  ? 0.824   14.018  -2.664  0.50 15.75 ? 54  ASN A C   1 
ATOM   399  O O   A ASN A 1 53  ? 1.266   14.939  -3.346  0.50 16.84 ? 54  ASN A O   1 
ATOM   400  O O   B ASN A 1 53  ? 1.258   14.952  -3.336  0.50 16.40 ? 54  ASN A O   1 
ATOM   401  C CB  A ASN A 1 53  ? 2.956   12.927  -1.911  0.50 16.61 ? 54  ASN A CB  1 
ATOM   402  C CB  B ASN A 1 53  ? 2.870   13.077  -1.692  0.50 15.65 ? 54  ASN A CB  1 
ATOM   403  C CG  A ASN A 1 53  ? 3.876   12.393  -0.795  0.50 16.74 ? 54  ASN A CG  1 
ATOM   404  C CG  B ASN A 1 53  ? 3.668   14.039  -2.441  0.50 14.70 ? 54  ASN A CG  1 
ATOM   405  O OD1 A ASN A 1 53  ? 4.716   11.459  -1.047  0.50 15.56 ? 54  ASN A OD1 1 
ATOM   406  O OD1 B ASN A 1 53  ? 4.078   13.782  -3.562  0.50 18.12 ? 54  ASN A OD1 1 
ATOM   407  N ND2 A ASN A 1 53  ? 3.762   12.967  0.409   0.50 16.83 ? 54  ASN A ND2 1 
ATOM   408  N ND2 B ASN A 1 53  ? 3.872   15.201  -1.846  0.50 15.09 ? 54  ASN A ND2 1 
ATOM   409  N N   . LEU A 1 54  ? -0.255  13.309  -2.991  1.00 15.58 ? 55  LEU A N   1 
ATOM   410  C CA  . LEU A 1 54  ? -1.048  13.562  -4.211  1.00 15.27 ? 55  LEU A CA  1 
ATOM   411  C C   . LEU A 1 54  ? -2.496  13.950  -3.933  1.00 15.78 ? 55  LEU A C   1 
ATOM   412  O O   . LEU A 1 54  ? -3.422  13.261  -4.348  1.00 14.86 ? 55  LEU A O   1 
ATOM   413  C CB  . LEU A 1 54  ? -1.035  12.285  -5.064  1.00 16.09 ? 55  LEU A CB  1 
ATOM   414  C CG  . LEU A 1 54  ? 0.301   11.553  -5.140  1.00 16.77 ? 55  LEU A CG  1 
ATOM   415  C CD1 . LEU A 1 54  ? 0.147   10.206  -5.822  1.00 15.89 ? 55  LEU A CD1 1 
ATOM   416  C CD2 . LEU A 1 54  ? 1.315   12.412  -5.870  1.00 18.47 ? 55  LEU A CD2 1 
ATOM   417  N N   . PRO A 1 55  ? -2.710  15.098  -3.294  1.00 16.34 ? 56  PRO A N   1 
ATOM   418  C CA  . PRO A 1 55  ? -4.054  15.520  -2.888  1.00 16.41 ? 56  PRO A CA  1 
ATOM   419  C C   . PRO A 1 55  ? -5.011  15.741  -4.078  1.00 15.22 ? 56  PRO A C   1 
ATOM   420  O O   . PRO A 1 55  ? -6.211  15.721  -3.888  1.00 16.21 ? 56  PRO A O   1 
ATOM   421  C CB  . PRO A 1 55  ? -3.771  16.843  -2.146  1.00 16.84 ? 56  PRO A CB  1 
ATOM   422  C CG  . PRO A 1 55  ? -2.579  17.339  -2.784  1.00 18.05 ? 56  PRO A CG  1 
ATOM   423  C CD  . PRO A 1 55  ? -1.708  16.117  -2.939  1.00 16.83 ? 56  PRO A CD  1 
ATOM   424  N N   . ASP A 1 56  ? -4.438  16.037  -5.271  1.00 13.59 ? 59  ASP A N   1 
ATOM   425  C CA  . ASP A 1 56  ? -5.274  16.291  -6.439  1.00 14.37 ? 59  ASP A CA  1 
ATOM   426  C C   . ASP A 1 56  ? -5.297  15.097  -7.378  1.00 14.37 ? 59  ASP A C   1 
ATOM   427  O O   . ASP A 1 56  ? -5.780  15.189  -8.513  1.00 14.70 ? 59  ASP A O   1 
ATOM   428  C CB  . ASP A 1 56  ? -4.777  17.540  -7.144  1.00 14.92 ? 59  ASP A CB  1 
ATOM   429  C CG  . ASP A 1 56  ? -4.995  18.760  -6.312  1.00 17.19 ? 59  ASP A CG  1 
ATOM   430  O OD1 . ASP A 1 56  ? -4.414  19.828  -6.605  1.00 19.87 ? 59  ASP A OD1 1 
ATOM   431  O OD2 . ASP A 1 56  ? -5.738  18.733  -5.329  1.00 19.09 ? 59  ASP A OD2 1 
ATOM   432  N N   . CYS A 1 57  ? -4.868  13.893  -6.861  1.00 13.28 ? 61  CYS A N   1 
ATOM   433  C CA  . CYS A 1 57  ? -4.999  12.650  -7.595  1.00 13.25 ? 61  CYS A CA  1 
ATOM   434  C C   . CYS A 1 57  ? -6.017  11.794  -6.888  1.00 13.06 ? 61  CYS A C   1 
ATOM   435  O O   . CYS A 1 57  ? -6.446  12.094  -5.762  1.00 14.13 ? 61  CYS A O   1 
ATOM   436  C CB  . CYS A 1 57  ? -3.659  11.935  -7.689  1.00 13.32 ? 61  CYS A CB  1 
ATOM   437  S SG  . CYS A 1 57  ? -2.393  12.916  -8.526  1.00 13.64 ? 61  CYS A SG  1 
ATOM   438  N N   . ASN A 1 58  ? -6.474  10.700  -7.530  1.00 12.62 ? 67  ASN A N   1 
ATOM   439  C CA  . ASN A 1 58  ? -7.510  9.832   -6.990  1.00 12.74 ? 67  ASN A CA  1 
ATOM   440  C C   . ASN A 1 58  ? -6.998  8.399   -7.071  1.00 13.16 ? 67  ASN A C   1 
ATOM   441  O O   . ASN A 1 58  ? -7.409  7.624   -7.912  1.00 13.50 ? 67  ASN A O   1 
ATOM   442  C CB  . ASN A 1 58  ? -8.815  10.024  -7.752  1.00 13.87 ? 67  ASN A CB  1 
ATOM   443  C CG  . ASN A 1 58  ? -9.333  11.436  -7.617  1.00 14.63 ? 67  ASN A CG  1 
ATOM   444  O OD1 . ASN A 1 58  ? -9.920  11.769  -6.609  1.00 16.57 ? 67  ASN A OD1 1 
ATOM   445  N ND2 . ASN A 1 58  ? -9.051  12.283  -8.583  1.00 15.93 ? 67  ASN A ND2 1 
ATOM   446  N N   . PRO A 1 59  ? -6.047  8.088   -6.191  1.00 14.92 ? 68  PRO A N   1 
ATOM   447  C CA  . PRO A 1 59  ? -5.338  6.807   -6.170  1.00 16.10 ? 68  PRO A CA  1 
ATOM   448  C C   . PRO A 1 59  ? -6.229  5.574   -6.060  1.00 16.45 ? 68  PRO A C   1 
ATOM   449  O O   . PRO A 1 59  ? -5.854  4.500   -6.559  1.00 17.60 ? 68  PRO A O   1 
ATOM   450  C CB  . PRO A 1 59  ? -4.457  6.948   -4.926  1.00 17.05 ? 68  PRO A CB  1 
ATOM   451  C CG  . PRO A 1 59  ? -4.195  8.359   -4.833  1.00 18.32 ? 68  PRO A CG  1 
ATOM   452  C CD  . PRO A 1 59  ? -5.526  8.977   -5.145  1.00 15.01 ? 68  PRO A CD  1 
ATOM   453  N N   . LYS A 1 60  ? -7.392  5.681   -5.439  1.00 16.37 ? 69  LYS A N   1 
ATOM   454  C CA  . LYS A 1 60  ? -8.242  4.508   -5.329  1.00 17.44 ? 69  LYS A CA  1 
ATOM   455  C C   . LYS A 1 60  ? -8.916  4.095   -6.635  1.00 16.43 ? 69  LYS A C   1 
ATOM   456  O O   . LYS A 1 60  ? -9.148  2.907   -6.839  1.00 16.38 ? 69  LYS A O   1 
ATOM   457  C CB  . LYS A 1 60  ? -9.263  4.685   -4.202  1.00 19.30 ? 69  LYS A CB  1 
ATOM   458  C CG  . LYS A 1 60  ? -8.624  4.645   -2.842  1.00 22.41 ? 69  LYS A CG  1 
ATOM   459  C CD  . LYS A 1 60  ? -7.701  3.439   -2.702  1.00 24.95 ? 69  LYS A CD  1 
ATOM   460  C CE  . LYS A 1 60  ? -6.771  3.616   -1.539  1.00 26.03 ? 69  LYS A CE  1 
ATOM   461  N NZ  . LYS A 1 60  ? -6.192  4.990   -1.536  1.00 29.45 ? 69  LYS A NZ  1 
ATOM   462  N N   . SER A 1 61  ? -9.184  5.042   -7.540  1.00 15.86 ? 70  SER A N   1 
ATOM   463  C CA  . SER A 1 61  ? -9.909  4.741   -8.764  1.00 15.44 ? 70  SER A CA  1 
ATOM   464  C C   . SER A 1 61  ? -9.162  4.931   -10.075 1.00 14.15 ? 70  SER A C   1 
ATOM   465  O O   . SER A 1 61  ? -9.469  4.268   -11.064 1.00 14.98 ? 70  SER A O   1 
ATOM   466  C CB  . SER A 1 61  ? -11.196 5.570   -8.800  1.00 16.84 ? 70  SER A CB  1 
ATOM   467  O OG  . SER A 1 61  ? -10.896 6.954   -8.891  1.00 19.31 ? 70  SER A OG  1 
ATOM   468  N N   . ASP A 1 62  ? -8.176  5.816   -10.095 1.00 12.42 ? 71  ASP A N   1 
ATOM   469  C CA  . ASP A 1 62  ? -7.452  6.121   -11.327 1.00 11.40 ? 71  ASP A CA  1 
ATOM   470  C C   . ASP A 1 62  ? -6.573  4.924   -11.662 1.00 10.99 ? 71  ASP A C   1 
ATOM   471  O O   . ASP A 1 62  ? -5.840  4.415   -10.804 1.00 12.77 ? 71  ASP A O   1 
ATOM   472  C CB  . ASP A 1 62  ? -6.645  7.394   -11.133 1.00 11.83 ? 71  ASP A CB  1 
ATOM   473  C CG  . ASP A 1 62  ? -6.132  7.981   -12.403 1.00 10.88 ? 71  ASP A CG  1 
ATOM   474  O OD1 . ASP A 1 62  ? -6.352  7.387   -13.488 1.00 11.52 ? 71  ASP A OD1 1 
ATOM   475  O OD2 . ASP A 1 62  ? -5.498  9.070   -12.340 1.00 11.60 ? 71  ASP A OD2 1 
ATOM   476  N N   . ARG A 1 63  ? -6.655  4.473   -12.902 1.00 11.49 ? 72  ARG A N   1 
ATOM   477  C CA  . ARG A 1 63  ? -5.910  3.310   -13.360 1.00 11.97 ? 72  ARG A CA  1 
ATOM   478  C C   . ARG A 1 63  ? -4.619  3.678   -14.044 1.00 11.97 ? 72  ARG A C   1 
ATOM   479  O O   . ARG A 1 63  ? -4.546  4.640   -14.813 1.00 13.04 ? 72  ARG A O   1 
ATOM   480  C CB  . ARG A 1 63  ? -6.746  2.513   -14.358 1.00 12.14 ? 72  ARG A CB  1 
ATOM   481  C CG  . ARG A 1 63  ? -8.007  1.952   -13.763 1.00 12.59 ? 72  ARG A CG  1 
ATOM   482  C CD  . ARG A 1 63  ? -8.672  0.948   -14.665 1.00 13.00 ? 72  ARG A CD  1 
ATOM   483  N NE  . ARG A 1 63  ? -10.021 0.626   -14.225 1.00 14.09 ? 72  ARG A NE  1 
ATOM   484  C CZ  . ARG A 1 63  ? -10.771 -0.332  -14.750 1.00 15.40 ? 72  ARG A CZ  1 
ATOM   485  N NH1 . ARG A 1 63  ? -11.998 -0.519  -14.312 1.00 16.48 ? 72  ARG A NH1 1 
ATOM   486  N NH2 . ARG A 1 63  ? -10.298 -1.089  -15.708 1.00 14.83 ? 72  ARG A NH2 1 
ATOM   487  N N   . TYR A 1 64  ? -3.588  2.888   -13.780 1.00 12.09 ? 73  TYR A N   1 
ATOM   488  C CA  . TYR A 1 64  ? -2.291  3.069   -14.416 1.00 12.63 ? 73  TYR A CA  1 
ATOM   489  C C   . TYR A 1 64  ? -1.902  1.756   -15.082 1.00 12.74 ? 73  TYR A C   1 
ATOM   490  O O   . TYR A 1 64  ? -2.495  0.734   -14.813 1.00 13.50 ? 73  TYR A O   1 
ATOM   491  C CB  . TYR A 1 64  ? -1.211  3.472   -13.389 1.00 12.62 ? 73  TYR A CB  1 
ATOM   492  C CG  . TYR A 1 64  ? -1.149  2.561   -12.187 1.00 12.58 ? 73  TYR A CG  1 
ATOM   493  C CD1 . TYR A 1 64  ? -0.575  1.306   -12.279 1.00 13.17 ? 73  TYR A CD1 1 
ATOM   494  C CD2 . TYR A 1 64  ? -1.682  2.947   -10.965 1.00 11.98 ? 73  TYR A CD2 1 
ATOM   495  C CE1 . TYR A 1 64  ? -0.543  0.446   -11.193 1.00 13.57 ? 73  TYR A CE1 1 
ATOM   496  C CE2 . TYR A 1 64  ? -1.646  2.108   -9.875  1.00 11.82 ? 73  TYR A CE2 1 
ATOM   497  C CZ  . TYR A 1 64  ? -1.055  0.850   -9.998  1.00 11.90 ? 73  TYR A CZ  1 
ATOM   498  O OH  . TYR A 1 64  ? -1.029  0.004   -8.914  1.00 12.73 ? 73  TYR A OH  1 
ATOM   499  N N   . LYS A 1 65  ? -0.887  1.804   -15.932 1.00 13.06 ? 74  LYS A N   1 
ATOM   500  C CA  . LYS A 1 65  ? -0.387  0.614   -16.598 1.00 13.53 ? 74  LYS A CA  1 
ATOM   501  C C   . LYS A 1 65  ? 1.036   0.341   -16.150 1.00 13.68 ? 74  LYS A C   1 
ATOM   502  O O   . LYS A 1 65  ? 1.809   1.263   -15.921 1.00 13.90 ? 74  LYS A O   1 
ATOM   503  C CB  . LYS A 1 65  ? -0.400  0.779   -18.121 1.00 14.01 ? 74  LYS A CB  1 
ATOM   504  C CG  . LYS A 1 65  ? -1.778  0.968   -18.726 1.00 15.30 ? 74  LYS A CG  1 
ATOM   505  C CD  . LYS A 1 65  ? -2.609  -0.296  -18.678 1.00 17.07 ? 74  LYS A CD  1 
ATOM   506  C CE  . LYS A 1 65  ? -3.943  -0.098  -19.388 1.00 17.94 ? 74  LYS A CE  1 
ATOM   507  N NZ  . LYS A 1 65  ? -4.775  -1.335  -19.397 1.00 19.56 ? 74  LYS A NZ  1 
ATOM   508  N N   . TYR A 1 66  ? 1.364   -0.935  -16.015 1.00 14.14 ? 75  TYR A N   1 
ATOM   509  C CA  . TYR A 1 66  ? 2.723   -1.302  -15.652 1.00 14.59 ? 75  TYR A CA  1 
ATOM   510  C C   . TYR A 1 66  ? 3.037   -2.624  -16.299 1.00 15.40 ? 75  TYR A C   1 
ATOM   511  O O   . TYR A 1 66  ? 2.130   -3.369  -16.684 1.00 15.76 ? 75  TYR A O   1 
ATOM   512  C CB  . TYR A 1 66  ? 2.920   -1.344  -14.131 1.00 14.73 ? 75  TYR A CB  1 
ATOM   513  C CG  . TYR A 1 66  ? 2.278   -2.508  -13.419 1.00 13.99 ? 75  TYR A CG  1 
ATOM   514  C CD1 . TYR A 1 66  ? 2.985   -3.675  -13.170 1.00 14.49 ? 75  TYR A CD1 1 
ATOM   515  C CD2 . TYR A 1 66  ? 0.969   -2.442  -12.988 1.00 14.57 ? 75  TYR A CD2 1 
ATOM   516  C CE1 . TYR A 1 66  ? 2.405   -4.724  -12.508 1.00 15.35 ? 75  TYR A CE1 1 
ATOM   517  C CE2 . TYR A 1 66  ? 0.376   -3.480  -12.337 1.00 15.66 ? 75  TYR A CE2 1 
ATOM   518  C CZ  . TYR A 1 66  ? 1.100   -4.629  -12.096 1.00 14.43 ? 75  TYR A CZ  1 
ATOM   519  O OH  . TYR A 1 66  ? 0.488   -5.667  -11.438 1.00 16.10 ? 75  TYR A OH  1 
ATOM   520  N N   . LYS A 1 67  ? 4.327   -2.890  -16.451 1.00 15.81 ? 76  LYS A N   1 
ATOM   521  C CA  . LYS A 1 67  ? 4.791   -4.131  -17.019 1.00 16.55 ? 76  LYS A CA  1 
ATOM   522  C C   . LYS A 1 67  ? 5.883   -4.681  -16.126 1.00 16.55 ? 76  LYS A C   1 
ATOM   523  O O   . LYS A 1 67  ? 6.286   -4.064  -15.139 1.00 16.01 ? 76  LYS A O   1 
ATOM   524  C CB  . LYS A 1 67  ? 5.322   -3.919  -18.429 1.00 16.67 ? 76  LYS A CB  1 
ATOM   525  C CG  . LYS A 1 67  ? 6.485   -2.955  -18.502 1.00 17.42 ? 76  LYS A CG  1 
ATOM   526  C CD  . LYS A 1 67  ? 6.896   -2.716  -19.946 1.00 18.90 ? 76  LYS A CD  1 
ATOM   527  C CE  . LYS A 1 67  ? 8.041   -1.744  -20.021 1.00 20.37 ? 76  LYS A CE  1 
ATOM   528  N NZ  . LYS A 1 67  ? 8.405   -1.452  -21.428 1.00 22.42 ? 76  LYS A NZ  1 
ATOM   529  N N   . ARG A 1 68  ? 6.331   -5.877  -16.470 1.00 18.00 ? 77  ARG A N   1 
ATOM   530  C CA  . ARG A 1 68  ? 7.374   -6.592  -15.756 1.00 19.52 ? 77  ARG A CA  1 
ATOM   531  C C   . ARG A 1 68  ? 8.567   -6.748  -16.680 1.00 20.56 ? 77  ARG A C   1 
ATOM   532  O O   . ARG A 1 68  ? 8.417   -7.226  -17.804 1.00 20.13 ? 77  ARG A O   1 
ATOM   533  C CB  . ARG A 1 68  ? 6.894   -7.995  -15.364 1.00 20.08 ? 77  ARG A CB  1 
ATOM   534  C CG  . ARG A 1 68  ? 5.802   -8.047  -14.332 1.00 20.56 ? 77  ARG A CG  1 
ATOM   535  C CD  . ARG A 1 68  ? 6.338   -7.921  -12.928 1.00 21.12 ? 77  ARG A CD  1 
ATOM   536  N NE  . ARG A 1 68  ? 5.301   -7.873  -11.914 1.00 18.90 ? 77  ARG A NE  1 
ATOM   537  C CZ  . ARG A 1 68  ? 5.540   -7.844  -10.618 1.00 17.09 ? 77  ARG A CZ  1 
ATOM   538  N NH1 . ARG A 1 68  ? 4.546   -7.764  -9.751  1.00 17.21 ? 77  ARG A NH1 1 
ATOM   539  N NH2 . ARG A 1 68  ? 6.792   -7.914  -10.194 1.00 17.04 ? 77  ARG A NH2 1 
ATOM   540  N N   . VAL A 1 69  ? 9.735   -6.320  -16.233 1.00 22.10 ? 78  VAL A N   1 
ATOM   541  C CA  . VAL A 1 69  ? 10.954  -6.502  -17.007 1.00 24.18 ? 78  VAL A CA  1 
ATOM   542  C C   . VAL A 1 69  ? 11.779  -7.482  -16.197 1.00 25.81 ? 78  VAL A C   1 
ATOM   543  O O   . VAL A 1 69  ? 12.563  -7.074  -15.346 1.00 26.82 ? 78  VAL A O   1 
ATOM   544  C CB  . VAL A 1 69  ? 11.698  -5.180  -17.210 1.00 24.30 ? 78  VAL A CB  1 
ATOM   545  C CG1 . VAL A 1 69  ? 12.993  -5.399  -17.978 1.00 25.05 ? 78  VAL A CG1 1 
ATOM   546  C CG2 . VAL A 1 69  ? 10.820  -4.190  -17.938 1.00 25.77 ? 78  VAL A CG2 1 
ATOM   547  N N   . ASN A 1 70  ? 11.531  -8.773  -16.424 1.00 27.28 ? 79  ASN A N   1 
ATOM   548  C CA  . ASN A 1 70  ? 12.197  -9.846  -15.698 1.00 28.02 ? 79  ASN A CA  1 
ATOM   549  C C   . ASN A 1 70  ? 12.025  -9.679  -14.191 1.00 27.41 ? 79  ASN A C   1 
ATOM   550  O O   . ASN A 1 70  ? 12.999  -9.473  -13.455 1.00 28.47 ? 79  ASN A O   1 
ATOM   551  C CB  . ASN A 1 70  ? 13.670  -9.912  -16.072 1.00 28.91 ? 79  ASN A CB  1 
ATOM   552  C CG  . ASN A 1 70  ? 13.940  -10.896 -17.186 1.00 30.74 ? 79  ASN A CG  1 
ATOM   553  O OD1 . ASN A 1 70  ? 13.429  -10.753 -18.296 1.00 34.00 ? 79  ASN A OD1 1 
ATOM   554  N ND2 . ASN A 1 70  ? 14.751  -11.908 -16.895 1.00 33.44 ? 79  ASN A ND2 1 
ATOM   555  N N   . GLY A 1 71  ? 10.777  -9.754  -13.741 1.00 26.35 ? 80  GLY A N   1 
ATOM   556  C CA  . GLY A 1 71  ? 10.468  -9.618  -12.332 1.00 24.87 ? 80  GLY A CA  1 
ATOM   557  C C   . GLY A 1 71  ? 10.218  -8.189  -11.878 1.00 23.03 ? 80  GLY A C   1 
ATOM   558  O O   . GLY A 1 71  ? 9.304   -7.948  -11.090 1.00 23.46 ? 80  GLY A O   1 
ATOM   559  N N   . ALA A 1 72  ? 11.019  -7.239  -12.361 1.00 20.65 ? 81  ALA A N   1 
ATOM   560  C CA  . ALA A 1 72  ? 10.910  -5.841  -11.923 1.00 19.06 ? 81  ALA A CA  1 
ATOM   561  C C   . ALA A 1 72  ? 9.676   -5.107  -12.465 1.00 17.75 ? 81  ALA A C   1 
ATOM   562  O O   . ALA A 1 72  ? 9.362   -5.188  -13.655 1.00 18.14 ? 81  ALA A O   1 
ATOM   563  C CB  . ALA A 1 72  ? 12.177  -5.073  -12.285 1.00 19.63 ? 81  ALA A CB  1 
ATOM   564  N N   . ILE A 1 73  ? 8.988   -4.384  -11.584 1.00 16.48 ? 82  ILE A N   1 
ATOM   565  C CA  . ILE A 1 73  ? 7.827   -3.607  -11.980 1.00 15.71 ? 82  ILE A CA  1 
ATOM   566  C C   . ILE A 1 73  ? 8.331   -2.330  -12.640 1.00 15.73 ? 82  ILE A C   1 
ATOM   567  O O   . ILE A 1 73  ? 9.184   -1.632  -12.107 1.00 15.94 ? 82  ILE A O   1 
ATOM   568  C CB  . ILE A 1 73  ? 7.005   -3.236  -10.744 1.00 15.39 ? 82  ILE A CB  1 
ATOM   569  C CG1 . ILE A 1 73  ? 6.425   -4.502  -10.099 1.00 16.81 ? 82  ILE A CG1 1 
ATOM   570  C CG2 . ILE A 1 73  ? 5.900   -2.236  -11.120 1.00 14.96 ? 82  ILE A CG2 1 
ATOM   571  C CD1 . ILE A 1 73  ? 5.733   -4.237  -8.776  1.00 17.25 ? 82  ILE A CD1 1 
ATOM   572  N N   . VAL A 1 74  ? 7.767   -2.041  -13.819 1.00 15.24 ? 83  VAL A N   1 
ATOM   573  C CA  . VAL A 1 74  ? 8.066   -0.828  -14.563 1.00 15.84 ? 83  VAL A CA  1 
ATOM   574  C C   . VAL A 1 74  ? 6.775   -0.089  -14.850 1.00 15.31 ? 83  VAL A C   1 
ATOM   575  O O   . VAL A 1 74  ? 5.955   -0.556  -15.626 1.00 15.88 ? 83  VAL A O   1 
ATOM   576  C CB  . VAL A 1 74  ? 8.793   -1.154  -15.876 1.00 16.24 ? 83  VAL A CB  1 
ATOM   577  C CG1 . VAL A 1 74  ? 9.051   0.106   -16.655 1.00 16.99 ? 83  VAL A CG1 1 
ATOM   578  C CG2 . VAL A 1 74  ? 10.118  -1.908  -15.590 1.00 17.56 ? 83  VAL A CG2 1 
ATOM   579  N N   . CYS A 1 75  ? 6.589   1.045   -14.187 1.00 15.00 ? 84  CYS A N   1 
ATOM   580  C CA  . CYS A 1 75  ? 5.395   1.864   -14.396 1.00 15.61 ? 84  CYS A CA  1 
ATOM   581  C C   . CYS A 1 75  ? 5.453   2.511   -15.782 1.00 15.83 ? 84  CYS A C   1 
ATOM   582  O O   . CYS A 1 75  ? 6.425   3.185   -16.113 1.00 18.66 ? 84  CYS A O   1 
ATOM   583  C CB  . CYS A 1 75  ? 5.312   2.933   -13.308 1.00 15.68 ? 84  CYS A CB  1 
ATOM   584  S SG  . CYS A 1 75  ? 4.924   2.308   -11.644 1.00 15.34 ? 84  CYS A SG  1 
ATOM   585  N N   . GLU A 1 76  ? 4.434   2.288   -16.604 1.00 15.47 ? 85  GLU A N   1 
ATOM   586  C CA  . GLU A 1 76  ? 4.383   2.858   -17.946 1.00 16.30 ? 85  GLU A CA  1 
ATOM   587  C C   . GLU A 1 76  ? 3.795   4.265   -17.892 1.00 16.67 ? 85  GLU A C   1 
ATOM   588  O O   . GLU A 1 76  ? 3.078   4.625   -16.953 1.00 18.78 ? 85  GLU A O   1 
ATOM   589  C CB  . GLU A 1 76  ? 3.578   1.940   -18.860 1.00 16.61 ? 85  GLU A CB  1 
ATOM   590  C CG  . GLU A 1 76  ? 4.310   0.625   -19.123 1.00 18.51 ? 85  GLU A CG  1 
ATOM   591  C CD  . GLU A 1 76  ? 3.473   -0.442  -19.798 1.00 19.59 ? 85  GLU A CD  1 
ATOM   592  O OE1 . GLU A 1 76  ? 2.531   -0.948  -19.157 1.00 22.60 ? 85  GLU A OE1 1 
ATOM   593  O OE2 . GLU A 1 76  ? 3.794   -0.824  -20.946 1.00 22.36 ? 85  GLU A OE2 1 
ATOM   594  N N   . LYS A 1 77  ? 4.122   5.085   -18.880 1.00 15.82 ? 86  LYS A N   1 
ATOM   595  C CA  . LYS A 1 77  ? 3.708   6.488   -18.871 1.00 16.22 ? 86  LYS A CA  1 
ATOM   596  C C   . LYS A 1 77  ? 2.224   6.663   -19.127 1.00 15.91 ? 86  LYS A C   1 
ATOM   597  O O   . LYS A 1 77  ? 1.678   6.200   -20.125 1.00 16.78 ? 86  LYS A O   1 
ATOM   598  C CB  . LYS A 1 77  ? 4.526   7.304   -19.866 1.00 16.71 ? 86  LYS A CB  1 
ATOM   599  C CG  . LYS A 1 77  ? 4.357   8.808   -19.721 1.00 19.94 ? 86  LYS A CG  1 
ATOM   600  C CD  . LYS A 1 77  ? 5.246   9.560   -20.685 1.00 23.79 ? 86  LYS A CD  1 
ATOM   601  C CE  . LYS A 1 77  ? 4.988   11.043  -20.638 1.00 25.98 ? 86  LYS A CE  1 
ATOM   602  N NZ  . LYS A 1 77  ? 5.754   11.734  -21.720 1.00 29.77 ? 86  LYS A NZ  1 
ATOM   603  N N   . GLY A 1 78  ? 1.523   7.303   -18.136 1.00 14.68 ? 88  GLY A N   1 
ATOM   604  C CA  . GLY A 1 78  ? 0.149   7.742   -18.277 1.00 14.16 ? 88  GLY A CA  1 
ATOM   605  C C   . GLY A 1 78  ? 0.101   9.211   -17.917 1.00 13.77 ? 88  GLY A C   1 
ATOM   606  O O   . GLY A 1 78  ? 1.021   9.957   -18.220 1.00 14.81 ? 88  GLY A O   1 
ATOM   607  N N   . THR A 1 79  ? -0.945  9.630   -17.230 1.00 13.34 ? 89  THR A N   1 
ATOM   608  C CA  . THR A 1 79  ? -1.029  11.019  -16.779 1.00 12.57 ? 89  THR A CA  1 
ATOM   609  C C   . THR A 1 79  ? -0.040  11.168  -15.617 1.00 12.66 ? 89  THR A C   1 
ATOM   610  O O   . THR A 1 79  ? 0.454   10.164  -15.078 1.00 12.63 ? 89  THR A O   1 
ATOM   611  C CB  . THR A 1 79  ? -2.431  11.355  -16.294 1.00 12.88 ? 89  THR A CB  1 
ATOM   612  O OG1 . THR A 1 79  ? -2.719  10.569  -15.127 1.00 12.35 ? 89  THR A OG1 1 
ATOM   613  C CG2 . THR A 1 79  ? -3.499  11.049  -17.363 1.00 12.93 ? 89  THR A CG2 1 
ATOM   614  N N   A SER A 1 80  ? 0.255   12.399  -15.212 0.50 12.68 ? 90  SER A N   1 
ATOM   615  N N   B SER A 1 80  ? 0.241   12.401  -15.210 0.50 12.73 ? 90  SER A N   1 
ATOM   616  C CA  A SER A 1 80  ? 1.183   12.610  -14.107 0.50 12.84 ? 90  SER A CA  1 
ATOM   617  C CA  B SER A 1 80  ? 1.156   12.645  -14.099 0.50 12.96 ? 90  SER A CA  1 
ATOM   618  C C   A SER A 1 80  ? 0.660   11.944  -12.837 0.50 12.40 ? 90  SER A C   1 
ATOM   619  C C   B SER A 1 80  ? 0.656   11.942  -12.838 0.50 12.41 ? 90  SER A C   1 
ATOM   620  O O   A SER A 1 80  ? 1.434   11.343  -12.091 0.50 12.72 ? 90  SER A O   1 
ATOM   621  O O   B SER A 1 80  ? 1.436   11.325  -12.111 0.50 12.73 ? 90  SER A O   1 
ATOM   622  C CB  A SER A 1 80  ? 1.463   14.087  -13.856 0.50 13.62 ? 90  SER A CB  1 
ATOM   623  C CB  B SER A 1 80  ? 1.312   14.142  -13.835 0.50 13.67 ? 90  SER A CB  1 
ATOM   624  O OG  A SER A 1 80  ? 0.283   14.786  -13.539 0.50 14.74 ? 90  SER A OG  1 
ATOM   625  O OG  B SER A 1 80  ? 1.938   14.780  -14.938 0.50 15.75 ? 90  SER A OG  1 
ATOM   626  N N   . CYS A 1 81  ? -0.638  12.057  -12.578 1.00 11.39 ? 91  CYS A N   1 
ATOM   627  C CA  . CYS A 1 81  ? -1.210  11.414  -11.403 1.00 11.92 ? 91  CYS A CA  1 
ATOM   628  C C   . CYS A 1 81  ? -1.022  9.898   -11.495 1.00 10.96 ? 91  CYS A C   1 
ATOM   629  O O   . CYS A 1 81  ? -0.658  9.248   -10.508 1.00 11.62 ? 91  CYS A O   1 
ATOM   630  C CB  . CYS A 1 81  ? -2.698  11.717  -11.287 1.00 11.42 ? 91  CYS A CB  1 
ATOM   631  S SG  . CYS A 1 81  ? -3.106  13.239  -10.422 1.00 14.09 ? 91  CYS A SG  1 
ATOM   632  N N   . GLU A 1 82  ? -1.301  9.314   -12.652 1.00 10.93 ? 92  GLU A N   1 
ATOM   633  C CA  . GLU A 1 82  ? -1.179  7.872   -12.800 1.00 10.79 ? 92  GLU A CA  1 
ATOM   634  C C   . GLU A 1 82  ? 0.250   7.417   -12.548 1.00 10.87 ? 92  GLU A C   1 
ATOM   635  O O   . GLU A 1 82  ? 0.462   6.387   -11.881 1.00 10.97 ? 92  GLU A O   1 
ATOM   636  C CB  . GLU A 1 82  ? -1.695  7.455   -14.176 1.00 11.06 ? 92  GLU A CB  1 
ATOM   637  C CG  . GLU A 1 82  ? -3.201  7.618   -14.224 1.00 12.18 ? 92  GLU A CG  1 
ATOM   638  C CD  . GLU A 1 82  ? -3.818  7.642   -15.610 1.00 11.47 ? 92  GLU A CD  1 
ATOM   639  O OE1 . GLU A 1 82  ? -3.097  7.643   -16.629 1.00 12.11 ? 92  GLU A OE1 1 
ATOM   640  O OE2 . GLU A 1 82  ? -5.078  7.682   -15.677 1.00 11.93 ? 92  GLU A OE2 1 
ATOM   641  N N   . ASN A 1 83  ? 1.204   8.151   -13.071 1.00 11.10 ? 93  ASN A N   1 
ATOM   642  C CA  . ASN A 1 83  ? 2.604   7.779   -12.884 1.00 11.34 ? 93  ASN A CA  1 
ATOM   643  C C   . ASN A 1 83  ? 2.983   7.794   -11.412 1.00 11.38 ? 93  ASN A C   1 
ATOM   644  O O   . ASN A 1 83  ? 3.635   6.879   -10.903 1.00 11.47 ? 93  ASN A O   1 
ATOM   645  C CB  . ASN A 1 83  ? 3.511   8.738   -13.636 1.00 12.33 ? 93  ASN A CB  1 
ATOM   646  C CG  . ASN A 1 83  ? 3.248   8.765   -15.134 1.00 13.47 ? 93  ASN A CG  1 
ATOM   647  O OD1 . ASN A 1 83  ? 2.788   7.797   -15.699 1.00 15.36 ? 93  ASN A OD1 1 
ATOM   648  N ND2 . ASN A 1 83  ? 3.564   9.886   -15.776 1.00 16.46 ? 93  ASN A ND2 1 
ATOM   649  N N   A ARG A 1 84  ? 2.552   8.827   -10.713 0.50 11.20 ? 94  ARG A N   1 
ATOM   650  N N   B ARG A 1 84  ? 2.554   8.840   -10.724 0.50 11.22 ? 94  ARG A N   1 
ATOM   651  C CA  A ARG A 1 84  ? 2.892   8.971   -9.298  0.50 11.09 ? 94  ARG A CA  1 
ATOM   652  C CA  B ARG A 1 84  ? 2.866   9.005   -9.303  0.50 11.24 ? 94  ARG A CA  1 
ATOM   653  C C   A ARG A 1 84  ? 2.161   7.946   -8.425  0.50 10.80 ? 94  ARG A C   1 
ATOM   654  C C   B ARG A 1 84  ? 2.168   7.936   -8.438  0.50 10.80 ? 94  ARG A C   1 
ATOM   655  O O   A ARG A 1 84  ? 2.716   7.428   -7.461  0.50 10.54 ? 94  ARG A O   1 
ATOM   656  O O   B ARG A 1 84  ? 2.759   7.378   -7.515  0.50 10.51 ? 94  ARG A O   1 
ATOM   657  C CB  A ARG A 1 84  ? 2.608   10.393  -8.834  0.50 11.42 ? 94  ARG A CB  1 
ATOM   658  C CB  B ARG A 1 84  ? 2.476   10.413  -8.840  0.50 11.70 ? 94  ARG A CB  1 
ATOM   659  C CG  A ARG A 1 84  ? 3.352   11.446  -9.622  0.50 12.45 ? 94  ARG A CG  1 
ATOM   660  C CG  B ARG A 1 84  ? 3.251   11.543  -9.480  0.50 14.13 ? 94  ARG A CG  1 
ATOM   661  C CD  A ARG A 1 84  ? 2.732   12.838  -9.460  0.50 13.15 ? 94  ARG A CD  1 
ATOM   662  C CD  B ARG A 1 84  ? 2.798   12.912  -8.967  0.50 17.87 ? 94  ARG A CD  1 
ATOM   663  N NE  A ARG A 1 84  ? 3.129   13.460  -8.199  0.50 11.58 ? 94  ARG A NE  1 
ATOM   664  N NE  B ARG A 1 84  ? 1.668   13.445  -9.724  0.50 19.31 ? 94  ARG A NE  1 
ATOM   665  C CZ  A ARG A 1 84  ? 2.666   14.623  -7.765  0.50 13.61 ? 94  ARG A CZ  1 
ATOM   666  C CZ  B ARG A 1 84  ? 1.018   14.560  -9.431  0.50 18.93 ? 94  ARG A CZ  1 
ATOM   667  N NH1 A ARG A 1 84  ? 1.773   15.290  -8.479  0.50 16.77 ? 94  ARG A NH1 1 
ATOM   668  N NH1 B ARG A 1 84  ? 0.016   14.962  -10.209 0.50 17.52 ? 94  ARG A NH1 1 
ATOM   669  N NH2 A ARG A 1 84  ? 3.094   15.120  -6.612  0.50 15.51 ? 94  ARG A NH2 1 
ATOM   670  N NH2 B ARG A 1 84  ? 1.364   15.276  -8.365  0.50 18.10 ? 94  ARG A NH2 1 
ATOM   671  N N   . ILE A 1 85  ? 0.914   7.656   -8.747  1.00 10.38 ? 95  ILE A N   1 
ATOM   672  C CA  . ILE A 1 85  ? 0.181   6.638   -8.023  1.00 10.21 ? 95  ILE A CA  1 
ATOM   673  C C   . ILE A 1 85  ? 0.897   5.294   -8.247  1.00 9.93  ? 95  ILE A C   1 
ATOM   674  O O   . ILE A 1 85  ? 1.084   4.509   -7.315  1.00 10.27 ? 95  ILE A O   1 
ATOM   675  C CB  . ILE A 1 85  ? -1.270  6.559   -8.522  1.00 10.35 ? 95  ILE A CB  1 
ATOM   676  C CG1 . ILE A 1 85  ? -2.024  7.843   -8.208  1.00 10.94 ? 95  ILE A CG1 1 
ATOM   677  C CG2 . ILE A 1 85  ? -1.977  5.366   -7.911  1.00 11.56 ? 95  ILE A CG2 1 
ATOM   678  C CD1 . ILE A 1 85  ? -3.289  8.001   -8.991  1.00 11.34 ? 95  ILE A CD1 1 
ATOM   679  N N   . CYS A 1 86  ? 1.244   4.989   -9.483  1.00 10.18 ? 96  CYS A N   1 
ATOM   680  C CA  . CYS A 1 86  ? 1.906   3.726   -9.763  1.00 10.41 ? 96  CYS A CA  1 
ATOM   681  C C   . CYS A 1 86  ? 3.201   3.592   -8.956  1.00 10.90 ? 96  CYS A C   1 
ATOM   682  O O   . CYS A 1 86  ? 3.485   2.535   -8.385  1.00 11.29 ? 96  CYS A O   1 
ATOM   683  C CB  . CYS A 1 86  ? 2.179   3.581   -11.263 1.00 10.87 ? 96  CYS A CB  1 
ATOM   684  S SG  . CYS A 1 86  ? 2.889   1.987   -11.714 1.00 12.51 ? 96  CYS A SG  1 
ATOM   685  N N   . GLU A 1 87  ? 3.995   4.646   -8.882  1.00 10.50 ? 97  GLU A N   1 
ATOM   686  C CA  . GLU A 1 87  ? 5.230   4.587   -8.114  1.00 11.88 ? 97  GLU A CA  1 
ATOM   687  C C   . GLU A 1 87  ? 4.962   4.320   -6.634  1.00 10.80 ? 97  GLU A C   1 
ATOM   688  O O   . GLU A 1 87  ? 5.730   3.589   -5.991  1.00 11.75 ? 97  GLU A O   1 
ATOM   689  C CB  . GLU A 1 87  ? 6.016   5.881   -8.283  1.00 12.28 ? 97  GLU A CB  1 
ATOM   690  C CG  . GLU A 1 87  ? 6.665   6.056   -9.649  1.00 15.01 ? 97  GLU A CG  1 
ATOM   691  C CD  . GLU A 1 87  ? 7.641   4.953   -10.006 1.00 16.64 ? 97  GLU A CD  1 
ATOM   692  O OE1 . GLU A 1 87  ? 8.317   4.440   -9.079  1.00 20.55 ? 97  GLU A OE1 1 
ATOM   693  O OE2 . GLU A 1 87  ? 7.729   4.582   -11.206 1.00 20.53 ? 97  GLU A OE2 1 
ATOM   694  N N   . CYS A 1 88  ? 3.906   4.889   -6.092  1.00 10.28 ? 98  CYS A N   1 
ATOM   695  C CA  . CYS A 1 88  ? 3.549   4.626   -4.700  1.00 10.77 ? 98  CYS A CA  1 
ATOM   696  C C   . CYS A 1 88  ? 3.220   3.151   -4.509  1.00 9.96  ? 98  CYS A C   1 
ATOM   697  O O   . CYS A 1 88  ? 3.617   2.529   -3.521  1.00 9.58  ? 98  CYS A O   1 
ATOM   698  C CB  . CYS A 1 88  ? 2.323   5.476   -4.249  1.00 10.77 ? 98  CYS A CB  1 
ATOM   699  S SG  . CYS A 1 88  ? 2.622   7.233   -4.111  1.00 12.10 ? 98  CYS A SG  1 
ATOM   700  N N   . ASP A 1 89  ? 2.401   2.624   -5.407  1.00 9.50  ? 99  ASP A N   1 
ATOM   701  C CA  . ASP A 1 89  ? 1.935   1.251   -5.314  1.00 9.56  ? 99  ASP A CA  1 
ATOM   702  C C   . ASP A 1 89  ? 3.081   0.281   -5.489  1.00 9.75  ? 99  ASP A C   1 
ATOM   703  O O   . ASP A 1 89  ? 3.182   -0.693  -4.716  1.00 9.82  ? 99  ASP A O   1 
ATOM   704  C CB  . ASP A 1 89  ? 0.829   0.980   -6.339  1.00 9.65  ? 99  ASP A CB  1 
ATOM   705  C CG  . ASP A 1 89  ? -0.493  1.594   -5.954  1.00 9.42  ? 99  ASP A CG  1 
ATOM   706  O OD1 . ASP A 1 89  ? -0.580  2.320   -4.941  1.00 10.19 ? 99  ASP A OD1 1 
ATOM   707  O OD2 . ASP A 1 89  ? -1.493  1.367   -6.669  1.00 10.89 ? 99  ASP A OD2 1 
ATOM   708  N N   . LYS A 1 90  ? 3.933   0.528   -6.474  1.00 9.70  ? 100 LYS A N   1 
ATOM   709  C CA  . LYS A 1 90  ? 5.099   -0.298  -6.737  1.00 10.21 ? 100 LYS A CA  1 
ATOM   710  C C   . LYS A 1 90  ? 5.968   -0.384  -5.488  1.00 10.09 ? 100 LYS A C   1 
ATOM   711  O O   . LYS A 1 90  ? 6.402   -1.481  -5.095  1.00 10.81 ? 100 LYS A O   1 
ATOM   712  C CB  . LYS A 1 90  ? 5.911   0.314   -7.871  1.00 10.40 ? 100 LYS A CB  1 
ATOM   713  C CG  . LYS A 1 90  ? 7.277   -0.321  -8.094  1.00 11.18 ? 100 LYS A CG  1 
ATOM   714  C CD  . LYS A 1 90  ? 8.037   0.391   -9.187  1.00 12.03 ? 100 LYS A CD  1 
ATOM   715  C CE  . LYS A 1 90  ? 9.424   -0.166  -9.342  1.00 14.07 ? 100 LYS A CE  1 
ATOM   716  N NZ  . LYS A 1 90  ? 10.201  0.520   -10.391 1.00 15.52 ? 100 LYS A NZ  1 
ATOM   717  N N   . ALA A 1 91  ? 6.222   0.755   -4.857  1.00 9.99  ? 101 ALA A N   1 
ATOM   718  C CA  . ALA A 1 91  ? 7.046   0.771   -3.668  1.00 10.07 ? 101 ALA A CA  1 
ATOM   719  C C   . ALA A 1 91  ? 6.419   -0.056  -2.558  1.00 10.13 ? 101 ALA A C   1 
ATOM   720  O O   . ALA A 1 91  ? 7.116   -0.828  -1.904  1.00 10.09 ? 101 ALA A O   1 
ATOM   721  C CB  . ALA A 1 91  ? 7.270   2.192   -3.211  1.00 10.06 ? 101 ALA A CB  1 
ATOM   722  N N   . ALA A 1 92  ? 5.119   0.080   -2.353  1.00 9.91  ? 102 ALA A N   1 
ATOM   723  C CA  . ALA A 1 92  ? 4.455   -0.662  -1.307  1.00 9.92  ? 102 ALA A CA  1 
ATOM   724  C C   . ALA A 1 92  ? 4.480   -2.161  -1.563  1.00 9.63  ? 102 ALA A C   1 
ATOM   725  O O   . ALA A 1 92  ? 4.706   -2.943  -0.638  1.00 10.16 ? 102 ALA A O   1 
ATOM   726  C CB  . ALA A 1 92  ? 3.033   -0.189  -1.170  1.00 9.85  ? 102 ALA A CB  1 
ATOM   727  N N   . ALA A 1 93  ? 4.238   -2.567  -2.807  1.00 10.44 ? 103 ALA A N   1 
ATOM   728  C CA  . ALA A 1 93  ? 4.256   -3.980  -3.158  1.00 11.43 ? 103 ALA A CA  1 
ATOM   729  C C   . ALA A 1 93  ? 5.637   -4.606  -2.927  1.00 11.56 ? 103 ALA A C   1 
ATOM   730  O O   . ALA A 1 93  ? 5.746   -5.711  -2.375  1.00 11.58 ? 103 ALA A O   1 
ATOM   731  C CB  . ALA A 1 93  ? 3.835   -4.155  -4.595  1.00 12.35 ? 103 ALA A CB  1 
ATOM   732  N N   . ILE A 1 94  ? 6.683   -3.893  -3.317  1.00 11.06 ? 104 ILE A N   1 
ATOM   733  C CA  . ILE A 1 94  ? 8.058   -4.319  -3.084  1.00 11.98 ? 104 ILE A CA  1 
ATOM   734  C C   . ILE A 1 94  ? 8.322   -4.366  -1.575  1.00 11.60 ? 104 ILE A C   1 
ATOM   735  O O   . ILE A 1 94  ? 8.951   -5.291  -1.062  1.00 12.31 ? 104 ILE A O   1 
ATOM   736  C CB  . ILE A 1 94  ? 9.034   -3.344  -3.766  1.00 12.74 ? 104 ILE A CB  1 
ATOM   737  C CG1 . ILE A 1 94  ? 8.918   -3.497  -5.295  1.00 14.27 ? 104 ILE A CG1 1 
ATOM   738  C CG2 . ILE A 1 94  ? 10.461  -3.591  -3.306  1.00 15.17 ? 104 ILE A CG2 1 
ATOM   739  C CD1 . ILE A 1 94  ? 9.688   -2.492  -6.073  1.00 16.23 ? 104 ILE A CD1 1 
ATOM   740  N N   . CYS A 1 95  ? 7.842   -3.383  -0.845  1.00 10.92 ? 105 CYS A N   1 
ATOM   741  C CA  . CYS A 1 95  ? 8.024   -3.343  0.591   1.00 11.23 ? 105 CYS A CA  1 
ATOM   742  C C   . CYS A 1 95  ? 7.341   -4.551  1.226   1.00 10.60 ? 105 CYS A C   1 
ATOM   743  O O   . CYS A 1 95  ? 7.906   -5.160  2.154   1.00 10.61 ? 105 CYS A O   1 
ATOM   744  C CB  . CYS A 1 95  ? 7.475   -2.020  1.114   1.00 11.08 ? 105 CYS A CB  1 
ATOM   745  S SG  . CYS A 1 95  ? 7.737   -1.717  2.860   1.00 12.14 ? 105 CYS A SG  1 
ATOM   746  N N   . PHE A 1 96  ? 6.133   -4.901  0.786   1.00 10.58 ? 106 PHE A N   1 
ATOM   747  C CA  . PHE A 1 96  ? 5.457   -6.056  1.351   1.00 10.56 ? 106 PHE A CA  1 
ATOM   748  C C   . PHE A 1 96  ? 6.291   -7.304  1.100   1.00 10.69 ? 106 PHE A C   1 
ATOM   749  O O   . PHE A 1 96  ? 6.429   -8.158  1.981   1.00 10.96 ? 106 PHE A O   1 
ATOM   750  C CB  . PHE A 1 96  ? 4.073   -6.245  0.746   1.00 10.89 ? 106 PHE A CB  1 
ATOM   751  C CG  . PHE A 1 96  ? 3.053   -5.207  1.147   1.00 10.30 ? 106 PHE A CG  1 
ATOM   752  C CD1 . PHE A 1 96  ? 3.018   -4.658  2.404   1.00 11.85 ? 106 PHE A CD1 1 
ATOM   753  C CD2 . PHE A 1 96  ? 2.091   -4.807  0.221   1.00 12.68 ? 106 PHE A CD2 1 
ATOM   754  C CE1 . PHE A 1 96  ? 2.038   -3.746  2.747   1.00 12.04 ? 106 PHE A CE1 1 
ATOM   755  C CE2 . PHE A 1 96  ? 1.105   -3.879  0.550   1.00 14.27 ? 106 PHE A CE2 1 
ATOM   756  C CZ  . PHE A 1 96  ? 1.066   -3.368  1.798   1.00 13.50 ? 106 PHE A CZ  1 
ATOM   757  N N   . ARG A 1 97  ? 6.830   -7.411  -0.100  1.00 10.81 ? 107 ARG A N   1 
ATOM   758  C CA  . ARG A 1 97  ? 7.675   -8.552  -0.443  1.00 11.59 ? 107 ARG A CA  1 
ATOM   759  C C   . ARG A 1 97  ? 8.915   -8.588  0.452   1.00 11.51 ? 107 ARG A C   1 
ATOM   760  O O   . ARG A 1 97  ? 9.316   -9.681  0.934   1.00 12.63 ? 107 ARG A O   1 
ATOM   761  C CB  . ARG A 1 97  ? 8.101   -8.498  -1.902  1.00 12.37 ? 107 ARG A CB  1 
ATOM   762  C CG  . ARG A 1 97  ? 8.997   -9.657  -2.306  1.00 13.95 ? 107 ARG A CG  1 
ATOM   763  C CD  . ARG A 1 97  ? 8.268   -10.943 -2.457  1.00 14.27 ? 107 ARG A CD  1 
ATOM   764  N NE  . ARG A 1 97  ? 9.135   -12.103 -2.666  1.00 16.11 ? 107 ARG A NE  1 
ATOM   765  C CZ  . ARG A 1 97  ? 9.832   -12.696 -1.708  1.00 18.32 ? 107 ARG A CZ  1 
ATOM   766  N NH1 . ARG A 1 97  ? 10.587  -13.751 -2.005  1.00 21.26 ? 107 ARG A NH1 1 
ATOM   767  N NH2 . ARG A 1 97  ? 9.811   -12.229 -0.464  1.00 18.65 ? 107 ARG A NH2 1 
ATOM   768  N N   . GLN A 1 98  ? 9.537   -7.439  0.684   1.00 11.99 ? 108 GLN A N   1 
ATOM   769  C CA  . GLN A 1 98  ? 10.749  -7.365  1.482   1.00 12.61 ? 108 GLN A CA  1 
ATOM   770  C C   . GLN A 1 98  ? 10.490  -7.738  2.925   1.00 12.75 ? 108 GLN A C   1 
ATOM   771  O O   . GLN A 1 98  ? 11.452  -8.095  3.628   1.00 15.32 ? 108 GLN A O   1 
ATOM   772  C CB  . GLN A 1 98  ? 11.315  -5.954  1.417   1.00 13.07 ? 108 GLN A CB  1 
ATOM   773  C CG  . GLN A 1 98  ? 12.724  -5.838  1.926   1.00 16.43 ? 108 GLN A CG  1 
ATOM   774  C CD  . GLN A 1 98  ? 13.512  -4.709  1.271   1.00 18.69 ? 108 GLN A CD  1 
ATOM   775  O OE1 . GLN A 1 98  ? 14.647  -4.913  0.829   1.00 23.15 ? 108 GLN A OE1 1 
ATOM   776  N NE2 . GLN A 1 98  ? 12.918  -3.531  1.187   1.00 17.42 ? 108 GLN A NE2 1 
ATOM   777  N N   . ASN A 1 99  ? 9.248   -7.629  3.378   1.00 12.81 ? 109 ASN A N   1 
ATOM   778  C CA  . ASN A 1 99  ? 8.929   -7.859  4.771   1.00 12.67 ? 109 ASN A CA  1 
ATOM   779  C C   . ASN A 1 99  ? 8.004   -9.024  5.019   1.00 13.03 ? 109 ASN A C   1 
ATOM   780  O O   . ASN A 1 99  ? 7.475   -9.191  6.116   1.00 13.12 ? 109 ASN A O   1 
ATOM   781  C CB  . ASN A 1 99  ? 8.368   -6.581  5.364   1.00 12.14 ? 109 ASN A CB  1 
ATOM   782  C CG  . ASN A 1 99  ? 9.414   -5.508  5.441   1.00 12.51 ? 109 ASN A CG  1 
ATOM   783  O OD1 . ASN A 1 99  ? 10.372  -5.649  6.201   1.00 12.53 ? 109 ASN A OD1 1 
ATOM   784  N ND2 . ASN A 1 99  ? 9.296   -4.469  4.624   1.00 12.36 ? 109 ASN A ND2 1 
ATOM   785  N N   . LEU A 1 100 ? 7.831   -9.861  4.008   1.00 13.59 ? 110 LEU A N   1 
ATOM   786  C CA  . LEU A 1 100 ? 6.995   -11.045 4.157   1.00 16.35 ? 110 LEU A CA  1 
ATOM   787  C C   . LEU A 1 100 ? 7.491   -11.923 5.294   1.00 17.59 ? 110 LEU A C   1 
ATOM   788  O O   . LEU A 1 100 ? 6.700   -12.637 5.921   1.00 18.91 ? 110 LEU A O   1 
ATOM   789  C CB  . LEU A 1 100 ? 6.987   -11.882 2.887   1.00 17.55 ? 110 LEU A CB  1 
ATOM   790  C CG  . LEU A 1 100 ? 5.848   -11.623 1.929   1.00 19.98 ? 110 LEU A CG  1 
ATOM   791  C CD1 . LEU A 1 100 ? 5.929   -12.620 0.789   1.00 19.63 ? 110 LEU A CD1 1 
ATOM   792  C CD2 . LEU A 1 100 ? 4.490   -11.716 2.607   1.00 18.44 ? 110 LEU A CD2 1 
ATOM   793  N N   . ASN A 1 101 ? 8.793   -11.872 5.551   1.00 18.09 ? 111 ASN A N   1 
ATOM   794  C CA  . ASN A 1 101 ? 9.425   -12.665 6.577   1.00 19.35 ? 111 ASN A CA  1 
ATOM   795  C C   . ASN A 1 101 ? 8.999   -12.347 7.994   1.00 18.98 ? 111 ASN A C   1 
ATOM   796  O O   . ASN A 1 101 ? 9.227   -13.152 8.909   1.00 20.16 ? 111 ASN A O   1 
ATOM   797  C CB  . ASN A 1 101 ? 10.956  -12.553 6.430   1.00 20.19 ? 111 ASN A CB  1 
ATOM   798  C CG  . ASN A 1 101 ? 11.512  -11.163 6.732   1.00 21.88 ? 111 ASN A CG  1 
ATOM   799  O OD1 . ASN A 1 101 ? 12.698  -11.024 7.036   1.00 27.37 ? 111 ASN A OD1 1 
ATOM   800  N ND2 . ASN A 1 101 ? 10.688  -10.141 6.617   1.00 24.75 ? 111 ASN A ND2 1 
ATOM   801  N N   . THR A 1 102 ? 8.438   -11.159 8.203   1.00 17.75 ? 112 THR A N   1 
ATOM   802  C CA  . THR A 1 102 ? 7.963   -10.755 9.521   1.00 17.21 ? 112 THR A CA  1 
ATOM   803  C C   . THR A 1 102 ? 6.437   -10.565 9.533   1.00 15.94 ? 112 THR A C   1 
ATOM   804  O O   . THR A 1 102 ? 5.883   -10.222 10.553  1.00 16.44 ? 112 THR A O   1 
ATOM   805  C CB  . THR A 1 102 ? 8.642   -9.474  10.034  1.00 17.83 ? 112 THR A CB  1 
ATOM   806  O OG1 . THR A 1 102 ? 8.349   -8.405  9.158   1.00 17.76 ? 112 THR A OG1 1 
ATOM   807  C CG2 . THR A 1 102 ? 10.150  -9.468  9.932   1.00 21.06 ? 112 THR A CG2 1 
ATOM   808  N N   . TYR A 1 103 ? 5.764   -10.771 8.410   1.00 14.64 ? 113 TYR A N   1 
ATOM   809  C CA  . TYR A 1 103 ? 4.305   -10.647 8.376   1.00 14.25 ? 113 TYR A CA  1 
ATOM   810  C C   . TYR A 1 103 ? 3.703   -11.537 9.465   1.00 14.73 ? 113 TYR A C   1 
ATOM   811  O O   . TYR A 1 103 ? 4.099   -12.697 9.597   1.00 15.44 ? 113 TYR A O   1 
ATOM   812  C CB  . TYR A 1 103 ? 3.801   -11.078 7.000   1.00 14.51 ? 113 TYR A CB  1 
ATOM   813  C CG  . TYR A 1 103 ? 2.292   -11.008 6.851   1.00 14.18 ? 113 TYR A CG  1 
ATOM   814  C CD1 . TYR A 1 103 ? 1.466   -11.960 7.432   1.00 15.74 ? 113 TYR A CD1 1 
ATOM   815  C CD2 . TYR A 1 103 ? 1.698   -9.996  6.120   1.00 13.74 ? 113 TYR A CD2 1 
ATOM   816  C CE1 . TYR A 1 103 ? 0.100   -11.895 7.317   1.00 14.78 ? 113 TYR A CE1 1 
ATOM   817  C CE2 . TYR A 1 103 ? 0.324   -9.914  6.007   1.00 14.12 ? 113 TYR A CE2 1 
ATOM   818  C CZ  . TYR A 1 103 ? -0.475  -10.884 6.590   1.00 14.48 ? 113 TYR A CZ  1 
ATOM   819  O OH  . TYR A 1 103 ? -1.834  -10.847 6.472   1.00 15.32 ? 113 TYR A OH  1 
ATOM   820  N N   A SER A 1 104 ? 2.769   -10.996 10.239  0.50 14.57 ? 114 SER A N   1 
ATOM   821  N N   B SER A 1 104 ? 2.761   -10.998 10.229  0.50 14.58 ? 114 SER A N   1 
ATOM   822  C CA  A SER A 1 104 ? 2.131   -11.741 11.323  0.50 15.16 ? 114 SER A CA  1 
ATOM   823  C CA  B SER A 1 104 ? 2.120   -11.747 11.306  0.50 15.23 ? 114 SER A CA  1 
ATOM   824  C C   A SER A 1 104 ? 0.606   -11.662 11.212  0.50 15.62 ? 114 SER A C   1 
ATOM   825  C C   B SER A 1 104 ? 0.603   -11.660 11.204  0.50 15.63 ? 114 SER A C   1 
ATOM   826  O O   A SER A 1 104 ? 0.015   -10.580 11.245  0.50 15.36 ? 114 SER A O   1 
ATOM   827  O O   B SER A 1 104 ? 0.014   -10.578 11.238  0.50 15.40 ? 114 SER A O   1 
ATOM   828  C CB  A SER A 1 104 ? 2.593   -11.210 12.678  0.50 15.16 ? 114 SER A CB  1 
ATOM   829  C CB  B SER A 1 104 ? 2.569   -11.229 12.656  0.50 15.20 ? 114 SER A CB  1 
ATOM   830  O OG  A SER A 1 104 ? 3.995   -11.379 12.868  0.50 16.42 ? 114 SER A OG  1 
ATOM   831  O OG  B SER A 1 104 ? 1.963   -11.991 13.683  0.50 16.93 ? 114 SER A OG  1 
ATOM   832  N N   . LYS A 1 105 ? -0.029  -12.819 11.090  1.00 16.65 ? 115 LYS A N   1 
ATOM   833  C CA  . LYS A 1 105 ? -1.477  -12.875 10.977  1.00 18.05 ? 115 LYS A CA  1 
ATOM   834  C C   . LYS A 1 105 ? -2.198  -12.273 12.193  1.00 18.54 ? 115 LYS A C   1 
ATOM   835  O O   . LYS A 1 105 ? -3.365  -11.908 12.082  1.00 18.99 ? 115 LYS A O   1 
ATOM   836  C CB  . LYS A 1 105 ? -1.943  -14.313 10.663  1.00 19.15 ? 115 LYS A CB  1 
ATOM   837  C CG  . LYS A 1 105 ? -2.638  -15.056 11.762  1.00 23.46 ? 115 LYS A CG  1 
ATOM   838  C CD  . LYS A 1 105 ? -2.763  -16.515 11.365  1.00 26.52 ? 115 LYS A CD  1 
ATOM   839  C CE  . LYS A 1 105 ? -1.417  -17.112 11.030  1.00 28.57 ? 115 LYS A CE  1 
ATOM   840  N NZ  . LYS A 1 105 ? -1.508  -18.598 10.884  1.00 31.16 ? 115 LYS A NZ  1 
ATOM   841  N N   . LYS A 1 106 ? -1.511  -12.099 13.319  1.00 18.54 ? 116 LYS A N   1 
ATOM   842  C CA  . LYS A 1 106 ? -2.130  -11.517 14.505  1.00 19.06 ? 116 LYS A CA  1 
ATOM   843  C C   . LYS A 1 106 ? -2.490  -10.045 14.307  1.00 17.66 ? 116 LYS A C   1 
ATOM   844  O O   . LYS A 1 106 ? -3.266  -9.500  15.085  1.00 18.82 ? 116 LYS A O   1 
ATOM   845  C CB  . LYS A 1 106 ? -1.229  -11.648 15.735  1.00 20.06 ? 116 LYS A CB  1 
ATOM   846  C CG  . LYS A 1 106 ? -0.058  -10.690 15.749  1.00 21.45 ? 116 LYS A CG  1 
ATOM   847  C CD  . LYS A 1 106 ? 0.857   -10.938 16.918  1.00 24.57 ? 116 LYS A CD  1 
ATOM   848  C CE  . LYS A 1 106 ? 2.127   -10.140 16.770  1.00 25.32 ? 116 LYS A CE  1 
ATOM   849  N NZ  . LYS A 1 106 ? 3.094   -10.476 17.839  1.00 28.27 ? 116 LYS A NZ  1 
ATOM   850  N N   . TYR A 1 107 ? -1.931  -9.412  13.271  1.00 16.35 ? 117 TYR A N   1 
ATOM   851  C CA  . TYR A 1 107 ? -2.231  -8.008  12.988  1.00 15.07 ? 117 TYR A CA  1 
ATOM   852  C C   . TYR A 1 107 ? -3.372  -7.845  12.000  1.00 14.59 ? 117 TYR A C   1 
ATOM   853  O O   . TYR A 1 107 ? -3.758  -6.725  11.687  1.00 14.36 ? 117 TYR A O   1 
ATOM   854  C CB  . TYR A 1 107 ? -0.989  -7.264  12.494  1.00 14.90 ? 117 TYR A CB  1 
ATOM   855  C CG  . TYR A 1 107 ? 0.057   -7.132  13.570  1.00 14.88 ? 117 TYR A CG  1 
ATOM   856  C CD1 . TYR A 1 107 ? -0.266  -6.680  14.845  1.00 16.22 ? 117 TYR A CD1 1 
ATOM   857  C CD2 . TYR A 1 107 ? 1.374   -7.488  13.328  1.00 15.61 ? 117 TYR A CD2 1 
ATOM   858  C CE1 . TYR A 1 107 ? 0.687   -6.569  15.827  1.00 18.11 ? 117 TYR A CE1 1 
ATOM   859  C CE2 . TYR A 1 107 ? 2.327   -7.385  14.314  1.00 17.60 ? 117 TYR A CE2 1 
ATOM   860  C CZ  . TYR A 1 107 ? 1.986   -6.925  15.555  1.00 17.45 ? 117 TYR A CZ  1 
ATOM   861  O OH  . TYR A 1 107 ? 2.932   -6.821  16.558  1.00 19.97 ? 117 TYR A OH  1 
ATOM   862  N N   . MET A 1 108 ? -3.931  -8.946  11.513  1.00 14.94 ? 118 MET A N   1 
ATOM   863  C CA  . MET A 1 108 ? -5.095  -8.842  10.627  1.00 15.37 ? 118 MET A CA  1 
ATOM   864  C C   . MET A 1 108 ? -6.293  -8.443  11.488  1.00 14.63 ? 118 MET A C   1 
ATOM   865  O O   . MET A 1 108 ? -6.428  -8.921  12.612  1.00 15.93 ? 118 MET A O   1 
ATOM   866  C CB  . MET A 1 108 ? -5.372  -10.173 9.933   1.00 15.21 ? 118 MET A CB  1 
ATOM   867  C CG  . MET A 1 108 ? -4.353  -10.524 8.846   1.00 16.67 ? 118 MET A CG  1 
ATOM   868  S SD  . MET A 1 108 ? -4.545  -12.171 8.156   1.00 20.26 ? 118 MET A SD  1 
ATOM   869  C CE  . MET A 1 108 ? -6.038  -11.965 7.192   1.00 20.32 ? 118 MET A CE  1 
ATOM   870  N N   . LEU A 1 109 ? -7.147  -7.569  10.977  1.00 14.93 ? 119 LEU A N   1 
ATOM   871  C CA  . LEU A 1 109 ? -8.323  -7.088  11.700  1.00 15.23 ? 119 LEU A CA  1 
ATOM   872  C C   . LEU A 1 109 ? -7.891  -6.410  12.987  1.00 15.89 ? 119 LEU A C   1 
ATOM   873  O O   . LEU A 1 109 ? -8.575  -6.493  14.011  1.00 16.79 ? 119 LEU A O   1 
ATOM   874  C CB  . LEU A 1 109 ? -9.303  -8.230  11.990  1.00 15.67 ? 119 LEU A CB  1 
ATOM   875  C CG  . LEU A 1 109 ? -9.854  -8.975  10.775  1.00 16.13 ? 119 LEU A CG  1 
ATOM   876  C CD1 . LEU A 1 109 ? -10.816 -10.054 11.227  1.00 18.28 ? 119 LEU A CD1 1 
ATOM   877  C CD2 . LEU A 1 109 ? -10.532 -8.024  9.810   1.00 17.46 ? 119 LEU A CD2 1 
ATOM   878  N N   . TYR A 1 110 ? -6.773  -5.700  12.950  1.00 15.39 ? 120 TYR A N   1 
ATOM   879  C CA  . TYR A 1 110 ? -6.258  -5.065  14.149  1.00 15.05 ? 120 TYR A CA  1 
ATOM   880  C C   . TYR A 1 110 ? -7.239  -4.004  14.641  1.00 15.00 ? 120 TYR A C   1 
ATOM   881  O O   . TYR A 1 110 ? -7.677  -3.160  13.871  1.00 14.07 ? 120 TYR A O   1 
ATOM   882  C CB  . TYR A 1 110 ? -4.900  -4.437  13.845  1.00 15.44 ? 120 TYR A CB  1 
ATOM   883  C CG  . TYR A 1 110 ? -4.090  -4.136  15.076  1.00 16.41 ? 120 TYR A CG  1 
ATOM   884  C CD1 . TYR A 1 110 ? -3.640  -5.148  15.903  1.00 17.54 ? 120 TYR A CD1 1 
ATOM   885  C CD2 . TYR A 1 110 ? -3.761  -2.839  15.402  1.00 16.19 ? 120 TYR A CD2 1 
ATOM   886  C CE1 . TYR A 1 110 ? -2.896  -4.871  17.022  1.00 17.59 ? 120 TYR A CE1 1 
ATOM   887  C CE2 . TYR A 1 110 ? -3.023  -2.552  16.519  1.00 16.71 ? 120 TYR A CE2 1 
ATOM   888  C CZ  . TYR A 1 110 ? -2.591  -3.568  17.330  1.00 17.87 ? 120 TYR A CZ  1 
ATOM   889  O OH  . TYR A 1 110 ? -1.849  -3.287  18.450  1.00 18.36 ? 120 TYR A OH  1 
ATOM   890  N N   . PRO A 1 111 ? -7.623  -4.059  15.912  1.00 14.81 ? 121 PRO A N   1 
ATOM   891  C CA  . PRO A 1 111 ? -8.578  -3.092  16.473  1.00 14.96 ? 121 PRO A CA  1 
ATOM   892  C C   . PRO A 1 111 ? -8.097  -1.652  16.482  1.00 14.33 ? 121 PRO A C   1 
ATOM   893  O O   . PRO A 1 111 ? -6.983  -1.371  16.909  1.00 14.59 ? 121 PRO A O   1 
ATOM   894  C CB  . PRO A 1 111 ? -8.782  -3.606  17.897  1.00 15.52 ? 121 PRO A CB  1 
ATOM   895  C CG  . PRO A 1 111 ? -8.503  -5.053  17.791  1.00 17.57 ? 121 PRO A CG  1 
ATOM   896  C CD  . PRO A 1 111 ? -7.303  -5.115  16.891  1.00 15.53 ? 121 PRO A CD  1 
ATOM   897  N N   . ASP A 1 112 ? -8.963  -0.753  16.047  1.00 13.21 ? 122 ASP A N   1 
ATOM   898  C CA  . ASP A 1 112 ? -8.655  0.669   15.957  1.00 14.08 ? 122 ASP A CA  1 
ATOM   899  C C   . ASP A 1 112 ? -8.143  1.276   17.261  1.00 14.25 ? 122 ASP A C   1 
ATOM   900  O O   . ASP A 1 112 ? -7.211  2.095   17.228  1.00 14.63 ? 122 ASP A O   1 
ATOM   901  C CB  . ASP A 1 112 ? -9.890  1.436   15.495  1.00 14.73 ? 122 ASP A CB  1 
ATOM   902  C CG  . ASP A 1 112 ? -9.627  2.931   15.378  1.00 16.52 ? 122 ASP A CG  1 
ATOM   903  O OD1 . ASP A 1 112 ? -9.860  3.632   16.364  1.00 17.90 ? 122 ASP A OD1 1 
ATOM   904  O OD2 . ASP A 1 112 ? -9.158  3.447   14.348  1.00 21.50 ? 122 ASP A OD2 1 
ATOM   905  N N   . PHE A 1 113 ? -8.700  0.828   18.421  1.00 14.40 ? 124 PHE A N   1 
ATOM   906  C CA  . PHE A 1 113 ? -8.347  1.566   19.626  1.00 15.35 ? 124 PHE A CA  1 
ATOM   907  C C   . PHE A 1 113 ? -6.900  1.321   20.011  1.00 15.75 ? 124 PHE A C   1 
ATOM   908  O O   . PHE A 1 113 ? -6.382  2.065   20.811  1.00 15.73 ? 124 PHE A O   1 
ATOM   909  C CB  . PHE A 1 113 ? -9.304  1.197   20.768  1.00 15.86 ? 124 PHE A CB  1 
ATOM   910  C CG  . PHE A 1 113 ? -8.978  -0.091  21.422  1.00 16.75 ? 124 PHE A CG  1 
ATOM   911  C CD1 . PHE A 1 113 ? -9.197  -1.293  20.789  1.00 17.25 ? 124 PHE A CD1 1 
ATOM   912  C CD2 . PHE A 1 113 ? -8.427  -0.105  22.697  1.00 19.93 ? 124 PHE A CD2 1 
ATOM   913  C CE1 . PHE A 1 113 ? -8.893  -2.487  21.404  1.00 17.63 ? 124 PHE A CE1 1 
ATOM   914  C CE2 . PHE A 1 113 ? -8.093  -1.294  23.309  1.00 20.51 ? 124 PHE A CE2 1 
ATOM   915  C CZ  . PHE A 1 113 ? -8.321  -2.486  22.663  1.00 20.99 ? 124 PHE A CZ  1 
ATOM   916  N N   . LEU A 1 114 ? -6.253  0.327   19.416  1.00 16.31 ? 125 LEU A N   1 
ATOM   917  C CA  . LEU A 1 114 ? -4.857  0.050   19.705  1.00 17.12 ? 125 LEU A CA  1 
ATOM   918  C C   . LEU A 1 114 ? -3.941  0.899   18.813  1.00 17.36 ? 125 LEU A C   1 
ATOM   919  O O   . LEU A 1 114 ? -2.711  0.729   18.798  1.00 18.42 ? 125 LEU A O   1 
ATOM   920  C CB  . LEU A 1 114 ? -4.567  -1.426  19.488  1.00 17.76 ? 125 LEU A CB  1 
ATOM   921  C CG  . LEU A 1 114 ? -5.229  -2.353  20.505  1.00 19.18 ? 125 LEU A CG  1 
ATOM   922  C CD1 . LEU A 1 114 ? -4.951  -3.799  20.151  1.00 21.47 ? 125 LEU A CD1 1 
ATOM   923  C CD2 . LEU A 1 114 ? -4.747  -2.028  21.905  1.00 21.72 ? 125 LEU A CD2 1 
ATOM   924  N N   . CYS A 1 115 ? -4.537  1.819   18.071  1.00 16.95 ? 126 CYS A N   1 
ATOM   925  C CA  . CYS A 1 115 ? -3.793  2.682   17.173  1.00 18.47 ? 126 CYS A CA  1 
ATOM   926  C C   . CYS A 1 115 ? -4.036  4.119   17.588  1.00 20.41 ? 126 CYS A C   1 
ATOM   927  O O   . CYS A 1 115 ? -5.044  4.707   17.212  1.00 21.41 ? 126 CYS A O   1 
ATOM   928  C CB  . CYS A 1 115 ? -4.249  2.445   15.737  1.00 18.03 ? 126 CYS A CB  1 
ATOM   929  S SG  . CYS A 1 115 ? -3.968  0.756   15.154  1.00 16.90 ? 126 CYS A SG  1 
ATOM   930  N N   . LYS A 1 116 ? -3.108  4.672   18.359  1.00 22.61 ? 127 LYS A N   1 
ATOM   931  C CA  . LYS A 1 116 ? -3.243  6.036   18.874  1.00 24.16 ? 127 LYS A CA  1 
ATOM   932  C C   . LYS A 1 116 ? -1.990  6.862   18.616  1.00 24.98 ? 127 LYS A C   1 
ATOM   933  O O   . LYS A 1 116 ? -0.883  6.336   18.624  1.00 25.36 ? 127 LYS A O   1 
ATOM   934  C CB  . LYS A 1 116 ? -3.517  5.990   20.379  1.00 24.85 ? 127 LYS A CB  1 
ATOM   935  C CG  . LYS A 1 116 ? -2.406  5.323   21.171  1.00 26.77 ? 127 LYS A CG  1 
ATOM   936  C CD  . LYS A 1 116 ? -2.910  4.592   22.402  1.00 29.15 ? 127 LYS A CD  1 
ATOM   937  C CE  . LYS A 1 116 ? -3.430  5.539   23.449  1.00 30.26 ? 127 LYS A CE  1 
ATOM   938  N NZ  . LYS A 1 116 ? -3.802  4.786   24.682  1.00 31.54 ? 127 LYS A NZ  1 
ATOM   939  N N   . GLY A 1 117 ? -2.171  8.158   18.396  1.00 26.25 ? 128 GLY A N   1 
ATOM   940  C CA  . GLY A 1 117 ? -1.048  9.046   18.158  1.00 26.92 ? 128 GLY A CA  1 
ATOM   941  C C   . GLY A 1 117 ? -0.820  9.285   16.679  1.00 27.53 ? 128 GLY A C   1 
ATOM   942  O O   . GLY A 1 117 ? -0.898  8.363   15.874  1.00 27.57 ? 128 GLY A O   1 
ATOM   943  N N   . GLU A 1 118 ? -0.529  10.529  16.323  1.00 28.43 ? 129 GLU A N   1 
ATOM   944  C CA  . GLU A 1 118 ? -0.286  10.897  14.934  1.00 29.01 ? 129 GLU A CA  1 
ATOM   945  C C   . GLU A 1 118 ? 1.204   10.913  14.628  1.00 28.46 ? 129 GLU A C   1 
ATOM   946  O O   . GLU A 1 118 ? 1.978   11.580  15.309  1.00 29.61 ? 129 GLU A O   1 
ATOM   947  C CB  . GLU A 1 118 ? -0.870  12.277  14.637  1.00 29.47 ? 129 GLU A CB  1 
ATOM   948  C CG  . GLU A 1 118 ? -0.303  13.382  15.512  1.00 31.62 ? 129 GLU A CG  1 
ATOM   949  C CD  . GLU A 1 118 ? 0.351   14.490  14.706  1.00 34.05 ? 129 GLU A CD  1 
ATOM   950  O OE1 . GLU A 1 118 ? -0.362  15.176  13.943  1.00 36.37 ? 129 GLU A OE1 1 
ATOM   951  O OE2 . GLU A 1 118 ? 1.578   14.680  14.846  1.00 35.77 ? 129 GLU A OE2 1 
ATOM   952  N N   . LEU A 1 119 ? 1.598   10.172  13.600  1.00 27.53 ? 130 LEU A N   1 
ATOM   953  C CA  . LEU A 1 119 ? 2.987   10.111  13.172  1.00 26.72 ? 130 LEU A CA  1 
ATOM   954  C C   . LEU A 1 119 ? 3.134   10.926  11.913  1.00 25.48 ? 130 LEU A C   1 
ATOM   955  O O   . LEU A 1 119 ? 2.444   10.678  10.930  1.00 25.12 ? 130 LEU A O   1 
ATOM   956  C CB  . LEU A 1 119 ? 3.400   8.670   12.885  1.00 27.12 ? 130 LEU A CB  1 
ATOM   957  C CG  . LEU A 1 119 ? 4.219   7.958   13.949  1.00 28.78 ? 130 LEU A CG  1 
ATOM   958  C CD1 . LEU A 1 119 ? 4.492   6.544   13.514  1.00 29.56 ? 130 LEU A CD1 1 
ATOM   959  C CD2 . LEU A 1 119 ? 5.520   8.707   14.183  1.00 29.73 ? 130 LEU A CD2 1 
ATOM   960  N N   . LYS A 1 120 ? 4.033   11.900  11.940  1.00 24.19 ? 131 LYS A N   1 
ATOM   961  C CA  . LYS A 1 120 ? 4.240   12.759  10.790  1.00 23.67 ? 131 LYS A CA  1 
ATOM   962  C C   . LYS A 1 120 ? 4.912   11.998  9.659   1.00 22.41 ? 131 LYS A C   1 
ATOM   963  O O   . LYS A 1 120 ? 5.799   11.178  9.867   1.00 21.44 ? 131 LYS A O   1 
ATOM   964  C CB  . LYS A 1 120 ? 5.057   13.991  11.187  1.00 23.84 ? 131 LYS A CB  1 
ATOM   965  C CG  . LYS A 1 120 ? 4.391   14.817  12.282  1.00 25.16 ? 131 LYS A CG  1 
ATOM   966  C CD  . LYS A 1 120 ? 5.179   16.080  12.624  1.00 26.61 ? 131 LYS A CD  1 
ATOM   967  C CE  . LYS A 1 120 ? 4.512   16.868  13.748  1.00 28.08 ? 131 LYS A CE  1 
ATOM   968  N NZ  . LYS A 1 120 ? 5.186   18.164  14.086  1.00 28.28 ? 131 LYS A NZ  1 
ATOM   969  N N   . CYS A 1 121 ? 4.439   12.250  8.380   1.00 21.87 ? 133 CYS A N   1 
ATOM   970  C CA  . CYS A 1 121 ? 5.049   11.666  7.200   1.00 22.10 ? 133 CYS A CA  1 
ATOM   971  C C   . CYS A 1 121 ? 6.422   12.275  6.914   1.00 23.30 ? 133 CYS A C   1 
ATOM   972  O O   . CYS A 1 121 ? 7.391   11.571  6.638   1.00 24.46 ? 133 CYS A O   1 
ATOM   973  C CB  . CYS A 1 121 ? 4.129   11.884  6.004   1.00 21.31 ? 133 CYS A CB  1 
ATOM   974  S SG  . CYS A 1 121 ? 2.614   10.884  6.060   1.00 19.52 ? 133 CYS A SG  1 
ATOM   975  O OXT . CYS A 1 121 ? 6.589   13.497  6.927   1.00 25.80 ? 133 CYS A OXT 1 
HETATM 976  C C1  . PHQ B 2 1   ? -15.301 -1.294  -2.088  0.50 28.52 ? 1   PHQ B C1  1 
HETATM 977  O O1  . PHQ B 2 1   ? -15.402 -0.957  -0.919  0.50 29.45 ? 1   PHQ B O1  1 
HETATM 978  O O2  . PHQ B 2 1   ? -16.260 -2.251  -2.608  0.50 28.32 ? 1   PHQ B O2  1 
HETATM 979  C C2  . PHQ B 2 1   ? -16.209 -2.577  -3.989  0.50 27.66 ? 1   PHQ B C2  1 
HETATM 980  C C3  . PHQ B 2 1   ? -17.238 -3.621  -4.340  0.50 27.42 ? 1   PHQ B C3  1 
HETATM 981  C C4  . PHQ B 2 1   ? -17.305 -4.048  -5.659  0.50 27.08 ? 1   PHQ B C4  1 
HETATM 982  C C5  . PHQ B 2 1   ? -18.241 -5.005  -6.029  0.50 27.23 ? 1   PHQ B C5  1 
HETATM 983  C C6  . PHQ B 2 1   ? -19.106 -5.540  -5.078  0.50 27.46 ? 1   PHQ B C6  1 
HETATM 984  C C7  . PHQ B 2 1   ? -19.035 -5.112  -3.757  0.50 27.08 ? 1   PHQ B C7  1 
HETATM 985  C C8  . PHQ B 2 1   ? -18.101 -4.152  -3.385  0.50 27.37 ? 1   PHQ B C8  1 
ATOM   986  N N   . ILE B 2 2   ? -14.361 -0.381  -1.971  0.50 26.87 ? 2   ILE B N   1 
ATOM   987  C CA  . ILE B 2 2   ? -12.926 0.000   -1.891  0.50 26.69 ? 2   ILE B CA  1 
ATOM   988  C C   . ILE B 2 2   ? -12.549 0.483   -0.496  0.50 26.92 ? 2   ILE B C   1 
ATOM   989  O O   . ILE B 2 2   ? -13.231 1.343   0.069   0.50 27.48 ? 2   ILE B O   1 
ATOM   990  C CB  . ILE B 2 2   ? -12.624 1.112   -2.914  0.50 26.46 ? 2   ILE B CB  1 
ATOM   991  C CG1 . ILE B 2 2   ? -12.618 0.520   -4.327  0.50 25.85 ? 2   ILE B CG1 1 
ATOM   992  C CG2 . ILE B 2 2   ? -11.354 1.903   -2.512  0.50 26.57 ? 2   ILE B CG2 1 
ATOM   993  C CD1 . ILE B 2 2   ? -14.036 0.327   -4.845  0.50 25.73 ? 2   ILE B CD1 1 
ATOM   994  N N   . ALA B 2 3   ? -11.533 -0.151  0.085   0.50 27.10 ? 3   ALA B N   1 
ATOM   995  C CA  . ALA B 2 3   ? -10.898 0.300   1.323   0.50 27.16 ? 3   ALA B CA  1 
ATOM   996  C C   . ALA B 2 3   ? -9.772  1.291   1.070   0.50 27.17 ? 3   ALA B C   1 
ATOM   997  O O   . ALA B 2 3   ? -8.977  1.118   0.151   0.50 27.68 ? 3   ALA B O   1 
ATOM   998  C CB  . ALA B 2 3   ? -10.318 -0.872  2.034   0.50 27.24 ? 3   ALA B CB  1 
ATOM   999  N N   . ARG B 2 4   ? -9.660  2.292   1.933   0.50 27.15 ? 4   ARG B N   1 
ATOM   1000 C CA  . ARG B 2 4   ? -8.627  3.308   1.771   0.50 27.09 ? 4   ARG B CA  1 
ATOM   1001 C C   . ARG B 2 4   ? -7.174  2.937   1.970   0.50 27.22 ? 4   ARG B C   1 
ATOM   1002 O O   . ARG B 2 4   ? -6.797  1.801   2.242   0.50 27.73 ? 4   ARG B O   1 
ATOM   1003 C CB  . ARG B 2 4   ? -8.894  4.482   2.693   0.50 26.99 ? 4   ARG B CB  1 
ATOM   1004 C CG  . ARG B 2 4   ? -9.970  5.345   2.172   0.50 26.65 ? 4   ARG B CG  1 
ATOM   1005 C CD  . ARG B 2 4   ? -9.651  6.792   2.298   0.50 26.12 ? 4   ARG B CD  1 
ATOM   1006 N NE  . ARG B 2 4   ? -10.491 7.440   3.287   0.50 27.05 ? 4   ARG B NE  1 
ATOM   1007 C CZ  . ARG B 2 4   ? -10.938 8.680   3.163   0.50 26.41 ? 4   ARG B CZ  1 
ATOM   1008 N NH1 . ARG B 2 4   ? -10.601 9.397   2.097   0.50 27.66 ? 4   ARG B NH1 1 
ATOM   1009 N NH2 . ARG B 2 4   ? -11.709 9.213   4.098   0.50 27.53 ? 4   ARG B NH2 1 
ATOM   1010 N N   . SER B 2 5   ? -6.386  3.989   1.794   0.50 27.14 ? 5   SER B N   1 
ATOM   1011 C CA  . SER B 2 5   ? -4.950  4.027   1.941   0.50 26.91 ? 5   SER B CA  1 
ATOM   1012 C C   . SER B 2 5   ? -4.628  5.501   1.751   0.50 26.95 ? 5   SER B C   1 
ATOM   1013 O O   . SER B 2 5   ? -5.458  6.247   1.218   0.50 27.42 ? 5   SER B O   1 
ATOM   1014 C CB  . SER B 2 5   ? -4.238  3.222   0.872   0.50 26.71 ? 5   SER B CB  1 
ATOM   1015 O OG  . SER B 2 5   ? -2.882  3.634   0.799   0.50 27.61 ? 5   SER B OG  1 
HETATM 1016 S S   . SO4 C 3 .   ? 9.760   -3.470  14.677  1.00 31.16 ? 301 SO4 A S   1 
HETATM 1017 O O1  . SO4 C 3 .   ? 10.881  -2.771  15.301  1.00 32.72 ? 301 SO4 A O1  1 
HETATM 1018 O O2  . SO4 C 3 .   ? 10.153  -3.908  13.343  1.00 32.07 ? 301 SO4 A O2  1 
HETATM 1019 O O3  . SO4 C 3 .   ? 9.451   -4.642  15.503  1.00 33.74 ? 301 SO4 A O3  1 
HETATM 1020 O O4  . SO4 C 3 .   ? 8.587   -2.612  14.596  1.00 31.31 ? 301 SO4 A O4  1 
HETATM 1021 S S   . SO4 D 3 .   ? 2.056   -15.910 11.581  1.00 38.93 ? 302 SO4 A S   1 
HETATM 1022 O O1  . SO4 D 3 .   ? 2.505   -15.062 12.675  1.00 38.57 ? 302 SO4 A O1  1 
HETATM 1023 O O2  . SO4 D 3 .   ? 3.211   -16.522 10.917  1.00 38.46 ? 302 SO4 A O2  1 
HETATM 1024 O O3  . SO4 D 3 .   ? 1.205   -16.968 12.111  1.00 38.98 ? 302 SO4 A O3  1 
HETATM 1025 O O4  . SO4 D 3 .   ? 1.326   -15.099 10.615  1.00 37.16 ? 302 SO4 A O4  1 
HETATM 1026 S S   . SO4 E 3 .   ? -6.640  -2.494  -16.067 1.00 17.66 ? 303 SO4 A S   1 
HETATM 1027 O O1  . SO4 E 3 .   ? -6.635  -2.252  -14.624 1.00 18.03 ? 303 SO4 A O1  1 
HETATM 1028 O O2  . SO4 E 3 .   ? -5.441  -1.955  -16.693 1.00 18.75 ? 303 SO4 A O2  1 
HETATM 1029 O O3  . SO4 E 3 .   ? -6.742  -3.945  -16.272 1.00 18.48 ? 303 SO4 A O3  1 
HETATM 1030 O O4  . SO4 E 3 .   ? -7.823  -1.861  -16.654 1.00 17.76 ? 303 SO4 A O4  1 
HETATM 1031 O O   . HOH F 4 .   ? 5.262   1.680   0.848   1.00 11.03 ? 304 HOH A O   1 
HETATM 1032 O O   . HOH F 4 .   ? -4.585  16.615  -10.572 1.00 12.96 ? 305 HOH A O   1 
HETATM 1033 O O   . HOH F 4 .   ? 8.585   -1.094  5.882   1.00 12.15 ? 306 HOH A O   1 
HETATM 1034 O O   . HOH F 4 .   ? 4.623   3.593   -1.001  1.00 10.99 ? 307 HOH A O   1 
HETATM 1035 O O   . HOH F 4 .   ? 6.071   -7.212  8.932   1.00 12.27 ? 308 HOH A O   1 
HETATM 1036 O O   . HOH F 4 .   ? -3.802  2.745   -7.174  1.00 11.71 ? 309 HOH A O   1 
HETATM 1037 O O   . HOH F 4 .   ? -5.269  10.947  -14.243 1.00 10.80 ? 310 HOH A O   1 
HETATM 1038 O O   . HOH F 4 .   ? 10.153  0.064   7.806   1.00 12.80 ? 311 HOH A O   1 
HETATM 1039 O O   . HOH F 4 .   ? -6.934  10.179  -16.378 1.00 12.70 ? 312 HOH A O   1 
HETATM 1040 O O   . HOH F 4 .   ? 4.424   -8.311  4.012   1.00 13.32 ? 313 HOH A O   1 
HETATM 1041 O O   . HOH F 4 .   ? -5.797  10.711  -10.232 1.00 13.06 ? 314 HOH A O   1 
HETATM 1042 O O   . HOH F 4 .   ? 10.708  -7.639  7.977   1.00 16.32 ? 315 HOH A O   1 
HETATM 1043 O O   . HOH F 4 .   ? -10.765 4.955   -13.437 1.00 14.77 ? 316 HOH A O   1 
HETATM 1044 O O   . HOH F 4 .   ? -8.579  5.278   -14.976 1.00 12.62 ? 317 HOH A O   1 
HETATM 1045 O O   . HOH F 4 .   ? 8.810   -6.022  11.600  1.00 17.85 ? 318 HOH A O   1 
HETATM 1046 O O   . HOH F 4 .   ? -7.059  13.236  -10.525 1.00 13.59 ? 319 HOH A O   1 
HETATM 1047 O O   . HOH F 4 .   ? 7.256   5.417   -3.971  1.00 12.76 ? 320 HOH A O   1 
HETATM 1048 O O   . HOH F 4 .   ? -0.912  14.483  -16.902 1.00 14.75 ? 321 HOH A O   1 
HETATM 1049 O O   . HOH F 4 .   ? 8.455   3.041   -6.638  1.00 14.51 ? 322 HOH A O   1 
HETATM 1050 O O   . HOH F 4 .   ? -2.494  -13.329 5.510   1.00 18.21 ? 323 HOH A O   1 
HETATM 1051 O O   . HOH F 4 .   ? -2.211  14.182  -13.711 1.00 16.98 ? 324 HOH A O   1 
HETATM 1052 O O   . HOH F 4 .   ? 1.350   -14.669 -6.804  1.00 17.53 ? 325 HOH A O   1 
HETATM 1053 O O   . HOH F 4 .   ? -1.862  15.881  -6.372  1.00 18.06 ? 326 HOH A O   1 
HETATM 1054 O O   . HOH F 4 .   ? 4.802   8.880   -6.278  1.00 14.10 ? 327 HOH A O   1 
HETATM 1055 O O   . HOH F 4 .   ? -8.859  7.997   -4.631  1.00 18.09 ? 328 HOH A O   1 
HETATM 1056 O O   . HOH F 4 .   ? 6.762   1.100   13.764  1.00 16.62 ? 329 HOH A O   1 
HETATM 1057 O O   . HOH F 4 .   ? 6.003   -0.432  -22.654 1.00 19.76 ? 330 HOH A O   1 
HETATM 1058 O O   . HOH F 4 .   ? 5.285   -8.707  12.788  1.00 18.13 ? 331 HOH A O   1 
HETATM 1059 O O   . HOH F 4 .   ? -5.091  -9.394  -4.281  1.00 17.99 ? 332 HOH A O   1 
HETATM 1060 O O   . HOH F 4 .   ? -5.417  -7.509  6.804   1.00 18.44 ? 333 HOH A O   1 
HETATM 1061 O O   . HOH F 4 .   ? -4.869  3.907   12.432  1.00 21.21 ? 334 HOH A O   1 
HETATM 1062 O O   . HOH F 4 .   ? 10.775  -1.970  4.463   1.00 16.08 ? 335 HOH A O   1 
HETATM 1063 O O   . HOH F 4 .   ? -14.113 1.461   -13.664 1.00 20.51 ? 336 HOH A O   1 
HETATM 1064 O O   . HOH F 4 .   ? -7.597  -8.944  -2.940  1.00 18.19 ? 337 HOH A O   1 
HETATM 1065 O O   . HOH F 4 .   ? 1.545   17.512  -15.210 1.00 22.18 ? 338 HOH A O   1 
HETATM 1066 O O   . HOH F 4 .   ? 5.162   4.217   -21.355 1.00 23.51 ? 339 HOH A O   1 
HETATM 1067 O O   . HOH F 4 .   ? -0.767  -2.800  -16.487 1.00 18.03 ? 340 HOH A O   1 
HETATM 1068 O O   . HOH F 4 .   ? -4.160  -14.196 1.391   1.00 18.62 ? 341 HOH A O   1 
HETATM 1069 O O   . HOH F 4 .   ? -5.643  -8.178  15.189  1.00 20.03 ? 342 HOH A O   1 
HETATM 1070 O O   . HOH F 4 .   ? 8.643   2.055   -12.491 1.00 18.66 ? 343 HOH A O   1 
HETATM 1071 O O   . HOH F 4 .   ? -3.157  20.140  -9.019  1.00 20.71 ? 344 HOH A O   1 
HETATM 1072 O O   . HOH F 4 .   ? 3.668   10.671  -4.019  1.00 19.81 ? 345 HOH A O   1 
HETATM 1073 O O   . HOH F 4 .   ? -10.166 -0.050  -7.700  1.00 21.49 ? 346 HOH A O   1 
HETATM 1074 O O   . HOH F 4 .   ? -8.424  -3.238  -12.797 1.00 22.36 ? 347 HOH A O   1 
HETATM 1075 O O   . HOH F 4 .   ? 2.509   4.560   -22.042 1.00 20.11 ? 348 HOH A O   1 
HETATM 1076 O O   . HOH F 4 .   ? -1.345  -5.318  20.147  1.00 26.83 ? 349 HOH A O   1 
HETATM 1077 O O   . HOH F 4 .   ? -5.716  -1.440  9.279   1.00 19.12 ? 350 HOH A O   1 
HETATM 1078 O O   . HOH F 4 .   ? 0.532   7.958   7.052   1.00 20.67 ? 351 HOH A O   1 
HETATM 1079 O O   . HOH F 4 .   ? -3.093  -2.023  -15.215 1.00 18.04 ? 352 HOH A O   1 
HETATM 1080 O O   . HOH F 4 .   ? -0.099  4.382   -16.835 1.00 20.07 ? 353 HOH A O   1 
HETATM 1081 O O   . HOH F 4 .   ? -4.492  4.219   -17.502 1.00 19.36 ? 354 HOH A O   1 
HETATM 1082 O O   . HOH F 4 .   ? -5.510  -5.411  -14.061 1.00 22.54 ? 355 HOH A O   1 
HETATM 1083 O O   . HOH F 4 .   ? -6.535  -0.850  12.790  1.00 22.75 ? 356 HOH A O   1 
HETATM 1084 O O   . HOH F 4 .   ? -8.589  7.686   -16.400 1.00 21.31 ? 357 HOH A O   1 
HETATM 1085 O O   . HOH F 4 .   ? -4.412  7.854   -19.173 1.00 17.93 ? 358 HOH A O   1 
HETATM 1086 O O   . HOH F 4 .   ? 5.836   5.955   17.219  1.00 32.83 ? 359 HOH A O   1 
HETATM 1087 O O   . HOH F 4 .   ? 11.265  -0.021  15.268  1.00 30.26 ? 360 HOH A O   1 
HETATM 1088 O O   . HOH F 4 .   ? 12.468  -4.073  6.734   1.00 25.00 ? 361 HOH A O   1 
HETATM 1089 O O   . HOH F 4 .   ? 16.079  -6.954  -0.801  1.00 24.43 ? 362 HOH A O   1 
HETATM 1090 O O   . HOH F 4 .   ? -3.069  -4.326  -13.673 1.00 22.34 ? 363 HOH A O   1 
HETATM 1091 O O   . HOH F 4 .   ? 14.386  -1.914  2.969   1.00 22.79 ? 364 HOH A O   1 
HETATM 1092 O O   . HOH F 4 .   ? 4.661   -7.555  -18.048 1.00 27.34 ? 365 HOH A O   1 
HETATM 1093 O O   . HOH F 4 .   ? -9.260  -5.268  -16.407 1.00 32.70 ? 366 HOH A O   1 
HETATM 1094 O O   . HOH F 4 .   ? -0.243  8.950   11.857  1.00 21.21 ? 367 HOH A O   1 
HETATM 1095 O O   . HOH F 4 .   ? 10.783  -11.181 3.064   1.00 23.58 ? 368 HOH A O   1 
HETATM 1096 O O   . HOH F 4 .   ? 9.885   -4.145  -9.005  1.00 20.96 ? 369 HOH A O   1 
HETATM 1097 O O   . HOH F 4 .   ? 4.410   -3.803  17.649  1.00 26.50 ? 370 HOH A O   1 
HETATM 1098 O O   . HOH F 4 .   ? -10.957 1.994   -11.809 1.00 20.67 ? 371 HOH A O   1 
HETATM 1099 O O   . HOH F 4 .   ? -7.840  0.226   -18.414 1.00 21.69 ? 372 HOH A O   1 
HETATM 1100 O O   . HOH F 4 .   ? 2.943   -0.270  17.622  1.00 27.94 ? 373 HOH A O   1 
HETATM 1101 O O   . HOH F 4 .   ? 2.379   -6.581  19.315  1.00 34.02 ? 374 HOH A O   1 
HETATM 1102 O O   . HOH F 4 .   ? 13.352  -8.841  8.100   1.00 33.07 ? 375 HOH A O   1 
HETATM 1103 O O   . HOH F 4 .   ? 2.288   3.780   -14.509 1.00 20.56 ? 376 HOH A O   1 
HETATM 1104 O O   . HOH F 4 .   ? 12.039  -1.476  -12.745 1.00 30.33 ? 377 HOH A O   1 
HETATM 1105 O O   . HOH F 4 .   ? 4.721   12.223  -14.693 1.00 26.32 ? 378 HOH A O   1 
HETATM 1106 O O   . HOH F 4 .   ? -10.568 -6.208  5.058   1.00 31.41 ? 379 HOH A O   1 
HETATM 1107 O O   . HOH F 4 .   ? 2.814   -8.203  -13.526 1.00 25.52 ? 380 HOH A O   1 
HETATM 1108 O O   . HOH F 4 .   ? 5.634   6.057   -12.384 1.00 29.65 ? 381 HOH A O   1 
HETATM 1109 O O   . HOH F 4 .   ? -1.078  -17.393 -4.124  1.00 33.32 ? 382 HOH A O   1 
HETATM 1110 O O   . HOH F 4 .   ? 5.181   6.075   -15.221 1.00 25.52 ? 383 HOH A O   1 
HETATM 1111 O O   . HOH F 4 .   ? -0.960  -0.673  20.152  1.00 29.52 ? 384 HOH A O   1 
HETATM 1112 O O   . HOH F 4 .   ? -10.335 -7.288  15.657  1.00 24.37 ? 385 HOH A O   1 
HETATM 1113 O O   . HOH F 4 .   ? -8.872  -0.864  -11.777 1.00 20.97 ? 386 HOH A O   1 
HETATM 1114 O O   . HOH F 4 .   ? -1.166  -10.861 -12.222 1.00 34.17 ? 387 HOH A O   1 
HETATM 1115 O O   . HOH F 4 .   ? 13.786  -8.158  5.042   1.00 26.45 ? 388 HOH A O   1 
HETATM 1116 O O   . HOH F 4 .   ? 15.016  -12.658 -14.083 1.00 38.86 ? 389 HOH A O   1 
HETATM 1117 O O   . HOH F 4 .   ? -9.753  -2.147  7.048   1.00 23.81 ? 390 HOH A O   1 
HETATM 1118 O O   . HOH F 4 .   ? -6.565  -0.301  -21.336 1.00 30.94 ? 391 HOH A O   1 
HETATM 1119 O O   . HOH F 4 .   ? 8.823   -6.413  -20.368 1.00 32.97 ? 392 HOH A O   1 
HETATM 1120 O O   . HOH F 4 .   ? 6.756   -5.621  15.498  1.00 29.36 ? 393 HOH A O   1 
HETATM 1121 O O   . HOH F 4 .   ? 6.069   12.234  13.967  1.00 30.47 ? 394 HOH A O   1 
HETATM 1122 O O   . HOH F 4 .   ? -7.122  -7.083  -7.323  1.00 29.84 ? 395 HOH A O   1 
HETATM 1123 O O   . HOH F 4 .   ? 2.300   -3.647  20.484  1.00 37.16 ? 396 HOH A O   1 
HETATM 1124 O O   . HOH F 4 .   ? -4.836  -5.045  -18.198 1.00 33.31 ? 397 HOH A O   1 
HETATM 1125 O O   . HOH F 4 .   ? -8.796  -8.624  6.519   1.00 27.20 ? 398 HOH A O   1 
HETATM 1126 O O   . HOH F 4 .   ? 0.051   1.173   17.546  1.00 32.89 ? 399 HOH A O   1 
HETATM 1127 O O   . HOH F 4 .   ? -0.005  -5.344  -15.294 1.00 32.35 ? 400 HOH A O   1 
HETATM 1128 O O   . HOH F 4 .   ? -8.402  -6.774  -4.401  1.00 24.62 ? 401 HOH A O   1 
HETATM 1129 O O   . HOH F 4 .   ? 4.159   10.990  -24.508 1.00 29.18 ? 402 HOH A O   1 
HETATM 1130 O O   . HOH F 4 .   ? -4.812  9.124   18.198  1.00 33.44 ? 403 HOH A O   1 
HETATM 1131 O O   . HOH F 4 .   ? 7.703   17.723  13.710  1.00 34.36 ? 404 HOH A O   1 
HETATM 1132 O O   . HOH F 4 .   ? 1.933   12.814  2.648   1.00 27.27 ? 405 HOH A O   1 
HETATM 1133 O O   . HOH F 4 .   ? 0.892   -16.574 2.670   1.00 35.82 ? 406 HOH A O   1 
HETATM 1134 O O   . HOH F 4 .   ? -6.706  9.644   8.831   1.00 38.30 ? 407 HOH A O   1 
HETATM 1135 O O   . HOH F 4 .   ? 1.266   1.624   -20.944 1.00 50.94 ? 408 HOH A O   1 
HETATM 1136 O O   . HOH F 4 .   ? -15.227 0.316   -11.414 1.00 27.84 ? 409 HOH A O   1 
HETATM 1137 O O   . HOH F 4 .   ? -0.865  -3.727  -19.151 1.00 24.02 ? 410 HOH A O   1 
HETATM 1138 O O   . HOH F 4 .   ? 4.984   -10.142 15.325  1.00 31.85 ? 411 HOH A O   1 
HETATM 1139 O O   . HOH F 4 .   ? -9.747  -11.000 -2.488  1.00 30.63 ? 412 HOH A O   1 
HETATM 1140 O O   . HOH F 4 .   ? -7.772  4.820   21.012  1.00 41.27 ? 413 HOH A O   1 
HETATM 1141 O O   . HOH F 4 .   ? -3.444  -16.107 -1.287  1.00 34.87 ? 414 HOH A O   1 
HETATM 1142 O O   . HOH F 4 .   ? 10.173  -3.654  -21.667 1.00 37.79 ? 415 HOH A O   1 
HETATM 1143 O O   . HOH F 4 .   ? -0.326  -9.356  -15.964 1.00 32.89 ? 416 HOH A O   1 
HETATM 1144 O O   . HOH F 4 .   ? -5.830  -3.698  -3.150  1.00 25.72 ? 417 HOH A O   1 
HETATM 1145 O O   . HOH F 4 .   ? 9.530   -0.789  -24.131 1.00 26.83 ? 418 HOH A O   1 
HETATM 1146 O O   . HOH F 4 .   ? -10.796 -12.139 0.313   1.00 37.88 ? 419 HOH A O   1 
HETATM 1147 O O   . HOH F 4 .   ? -2.335  7.399   7.360   1.00 27.54 ? 420 HOH A O   1 
HETATM 1148 O O   . HOH F 4 .   ? 0.459   10.143  9.087   1.00 29.03 ? 421 HOH A O   1 
HETATM 1149 O O   . HOH F 4 .   ? 6.077   -1.075  16.512  1.00 33.23 ? 422 HOH A O   1 
HETATM 1150 O O   . HOH F 4 .   ? 0.380   -14.306 14.642  1.00 34.12 ? 423 HOH A O   1 
HETATM 1151 O O   . HOH F 4 .   ? 1.978   12.187  -19.373 1.00 32.21 ? 424 HOH A O   1 
HETATM 1152 O O   . HOH F 4 .   ? 1.142   3.788   18.981  1.00 37.70 ? 425 HOH A O   1 
HETATM 1153 O O   . HOH F 4 .   ? -7.967  5.069   17.732  1.00 30.33 ? 426 HOH A O   1 
HETATM 1154 O O   . HOH F 4 .   ? 2.854   -10.154 20.629  1.00 40.89 ? 427 HOH A O   1 
HETATM 1155 O O   . HOH F 4 .   ? -9.839  6.056   15.571  1.00 39.08 ? 428 HOH A O   1 
HETATM 1156 O O   . HOH F 4 .   ? 2.434   12.335  -22.424 1.00 38.16 ? 429 HOH A O   1 
HETATM 1157 O O   . HOH F 4 .   ? 15.917  -6.300  2.724   1.00 44.53 ? 430 HOH A O   1 
HETATM 1158 O O   . HOH F 4 .   ? 5.857   16.847  16.783  1.00 35.19 ? 431 HOH A O   1 
HETATM 1159 O O   . HOH F 4 .   ? 4.229   15.716  1.037   1.00 34.01 ? 432 HOH A O   1 
HETATM 1160 O O   . HOH F 4 .   ? 2.866   -15.968 0.334   1.00 34.92 ? 433 HOH A O   1 
HETATM 1161 O O   . HOH F 4 .   ? -0.969  9.621   5.226   1.00 31.84 ? 434 HOH A O   1 
HETATM 1162 O O   . HOH F 4 .   ? 4.942   17.775  -5.614  1.00 37.78 ? 435 HOH A O   1 
HETATM 1163 O O   . HOH F 4 .   ? -8.248  9.164   19.788  1.00 44.31 ? 436 HOH A O   1 
HETATM 1164 O O   . HOH F 4 .   ? 2.867   16.795  -11.192 1.00 34.84 ? 437 HOH A O   1 
HETATM 1165 O O   . HOH F 4 .   ? -7.471  5.957   13.501  1.00 46.38 ? 438 HOH A O   1 
HETATM 1166 O O   . HOH F 4 .   ? -0.545  -17.348 0.005   1.00 35.45 ? 439 HOH A O   1 
HETATM 1167 O O   . HOH F 4 .   ? 12.216  -8.320  -9.696  1.00 37.14 ? 440 HOH A O   1 
HETATM 1168 O O   . HOH F 4 .   ? -3.033  16.096  13.494  1.00 35.68 ? 441 HOH A O   1 
HETATM 1169 O O   . HOH F 4 .   ? -4.737  0.753   -16.248 1.00 34.22 ? 442 HOH A O   1 
HETATM 1170 O O   . HOH F 4 .   ? 1.066   -6.436  -18.432 1.00 43.45 ? 443 HOH A O   1 
HETATM 1171 O O   . HOH F 4 .   ? 11.267  2.298   -14.035 1.00 41.28 ? 444 HOH A O   1 
HETATM 1172 O O   . HOH F 4 .   ? 11.779  -6.399  -21.680 1.00 36.36 ? 445 HOH A O   1 
HETATM 1173 O O   . HOH F 4 .   ? -7.213  14.947  -1.119  1.00 45.58 ? 446 HOH A O   1 
HETATM 1174 O O   . HOH F 4 .   ? 0.386   16.117  2.058   1.00 40.41 ? 447 HOH A O   1 
HETATM 1175 O O   . HOH F 4 .   ? -9.047  -2.862  -19.302 1.00 42.06 ? 448 HOH A O   1 
HETATM 1176 O O   . HOH F 4 .   ? 8.047   -4.929  18.213  1.00 41.22 ? 449 HOH A O   1 
HETATM 1177 O O   . HOH F 4 .   ? 6.934   5.118   -1.256  1.00 11.56 ? 450 HOH A O   1 
HETATM 1178 O O   . HOH F 4 .   ? -6.284  2.446   -18.272 1.00 20.37 ? 451 HOH A O   1 
HETATM 1179 O O   . HOH F 4 .   ? 7.325   5.920   -22.249 1.00 23.51 ? 452 HOH A O   1 
HETATM 1180 O O   . HOH F 4 .   ? -2.071  16.339  -9.376  1.00 19.98 ? 453 HOH A O   1 
HETATM 1181 O O   . HOH F 4 .   ? -13.375 4.277   -13.257 1.00 19.70 ? 454 HOH A O   1 
HETATM 1182 O O   . HOH F 4 .   ? 1.739   14.731  -18.125 1.00 22.71 ? 455 HOH A O   1 
HETATM 1183 O O   . HOH F 4 .   ? 7.923   -7.800  13.481  1.00 24.37 ? 456 HOH A O   1 
HETATM 1184 O O   . HOH F 4 .   ? 2.509   -5.504  -20.853 1.00 26.46 ? 457 HOH A O   1 
HETATM 1185 O O   . HOH F 4 .   ? -10.112 -10.021 16.341  1.00 26.59 ? 458 HOH A O   1 
HETATM 1186 O O   . HOH F 4 .   ? 3.719   8.224   -23.197 1.00 33.12 ? 459 HOH A O   1 
HETATM 1187 O O   . HOH F 4 .   ? 6.732   2.199   -22.163 1.00 25.22 ? 460 HOH A O   1 
HETATM 1188 O O   . HOH F 4 .   ? -1.718  22.807  -9.317  1.00 32.01 ? 461 HOH A O   1 
HETATM 1189 O O   . HOH F 4 .   ? -8.680  -4.397  -2.527  1.00 33.68 ? 462 HOH A O   1 
HETATM 1190 O O   . HOH F 4 .   ? 8.472   1.127   15.984  1.00 33.72 ? 463 HOH A O   1 
HETATM 1191 O O   . HOH F 4 .   ? -0.612  -15.649 -8.629  1.00 32.46 ? 464 HOH A O   1 
HETATM 1192 O O   . HOH F 4 .   ? 12.080  -2.369  -8.995  1.00 27.65 ? 465 HOH A O   1 
HETATM 1193 O O   . HOH F 4 .   ? 11.223  1.668   -22.963 1.00 43.65 ? 466 HOH A O   1 
HETATM 1194 O O   . HOH F 4 .   ? 4.956   -6.993  -21.018 1.00 26.15 ? 467 HOH A O   1 
HETATM 1195 O O   . HOH F 4 .   ? -0.357  12.420  4.493   1.00 28.98 ? 468 HOH A O   1 
HETATM 1196 O O   . HOH F 4 .   ? -6.459  -4.915  -11.423 1.00 26.94 ? 469 HOH A O   1 
HETATM 1197 O O   . HOH F 4 .   ? -3.718  -15.628 6.449   1.00 30.49 ? 470 HOH A O   1 
HETATM 1198 O O   . HOH F 4 .   ? 2.973   -10.209 -15.776 1.00 34.92 ? 471 HOH A O   1 
HETATM 1199 O O   . HOH F 4 .   ? -11.144 -0.312  -10.294 1.00 23.68 ? 472 HOH A O   1 
HETATM 1200 O O   . HOH F 4 .   ? -1.996  -4.773  -11.027 1.00 24.90 ? 473 HOH A O   1 
HETATM 1201 O O   . HOH F 4 .   ? -6.545  -10.856 -6.436  1.00 30.13 ? 474 HOH A O   1 
HETATM 1202 O O   . HOH F 4 .   ? 0.956   6.087   -15.242 1.00 28.21 ? 475 HOH A O   1 
HETATM 1203 O O   . HOH F 4 .   ? -13.693 -3.847  -11.672 1.00 37.27 ? 476 HOH A O   1 
HETATM 1204 O O   . HOH F 4 .   ? -0.810  -2.443  22.735  1.00 40.51 ? 477 HOH A O   1 
HETATM 1205 O O   . HOH F 4 .   ? -12.059 -9.200  -3.050  1.00 35.16 ? 478 HOH A O   1 
HETATM 1206 O O   . HOH F 4 .   ? -2.808  -6.827  -16.717 1.00 33.12 ? 479 HOH A O   1 
HETATM 1207 O O   . HOH F 4 .   ? 7.329   -6.582  -22.815 1.00 34.48 ? 480 HOH A O   1 
HETATM 1208 O O   . HOH F 4 .   ? 7.542   10.606  16.281  1.00 43.22 ? 481 HOH A O   1 
HETATM 1209 O O   . HOH F 4 .   ? -5.749  -8.288  -15.152 1.00 32.17 ? 482 HOH A O   1 
HETATM 1210 O O   . HOH F 4 .   ? -11.352 -7.009  -5.000  1.00 36.67 ? 483 HOH A O   1 
HETATM 1211 O O   . HOH F 4 .   ? 2.163   6.677   18.436  1.00 37.11 ? 484 HOH A O   1 
HETATM 1212 O O   . HOH F 4 .   ? 0.968   18.136  -5.759  1.00 38.86 ? 485 HOH A O   1 
HETATM 1213 O O   . HOH F 4 .   ? 14.327  -4.295  4.700   1.00 29.13 ? 486 HOH A O   1 
HETATM 1214 O O   . HOH F 4 .   ? -4.561  13.128  -0.405  1.00 42.66 ? 487 HOH A O   1 
HETATM 1215 O O   . HOH F 4 .   ? 10.959  -9.858  -18.870 1.00 42.91 ? 488 HOH A O   1 
HETATM 1216 O O   . HOH F 4 .   ? 6.853   -13.941 -1.889  1.00 42.03 ? 489 HOH A O   1 
HETATM 1217 O O   . HOH F 4 .   ? 11.313  -6.448  10.555  1.00 28.52 ? 490 HOH A O   1 
HETATM 1218 O O   . HOH F 4 .   ? 5.754   -11.398 -16.063 1.00 27.99 ? 491 HOH A O   1 
HETATM 1219 O O   . HOH F 4 .   ? -7.802  1.760   12.154  1.00 43.72 ? 492 HOH A O   1 
HETATM 1220 O O   . HOH F 4 .   ? -2.529  -15.721 14.493  1.00 40.12 ? 493 HOH A O   1 
HETATM 1221 O O   . HOH F 4 .   ? 1.138   3.631   22.133  1.00 45.53 ? 494 HOH A O   1 
HETATM 1222 O O   . HOH F 4 .   ? 8.102   1.598   -19.739 1.00 37.88 ? 495 HOH A O   1 
HETATM 1223 O O   . HOH F 4 .   ? 8.187   4.210   -18.010 1.00 38.43 ? 496 HOH A O   1 
HETATM 1224 O O   . HOH F 4 .   ? -13.604 2.717   -10.348 1.00 35.01 ? 497 HOH A O   1 
HETATM 1225 O O   . HOH F 4 .   ? -3.083  -10.054 -17.371 1.00 42.42 ? 498 HOH A O   1 
HETATM 1226 O O   . HOH F 4 .   ? 15.643  -7.222  9.429   1.00 37.60 ? 499 HOH A O   1 
HETATM 1227 O O   . HOH F 4 .   ? -8.000  3.322   24.617  1.00 40.06 ? 500 HOH A O   1 
HETATM 1228 O O   . HOH F 4 .   ? -2.681  14.974  1.278   1.00 33.59 ? 501 HOH A O   1 
HETATM 1229 O O   . HOH F 4 .   ? 2.627   17.099  -3.161  1.00 42.03 ? 502 HOH A O   1 
HETATM 1230 O O   . HOH F 4 .   ? -7.960  14.090  -5.059  1.00 26.04 ? 503 HOH A O   1 
HETATM 1231 O O   . HOH F 4 .   ? 8.678   -10.766 -15.803 1.00 43.80 ? 504 HOH A O   1 
HETATM 1232 O O   . HOH F 4 .   ? -4.925  -10.646 -9.234  1.00 41.57 ? 505 HOH A O   1 
HETATM 1233 O O   . HOH F 4 .   ? -2.655  -12.518 -10.258 1.00 37.72 ? 506 HOH A O   1 
HETATM 1234 O O   . HOH F 4 .   ? 4.196   13.115  16.112  1.00 36.59 ? 507 HOH A O   1 
HETATM 1235 O O   . HOH F 4 .   ? 13.275  -2.881  -15.232 1.00 36.22 ? 508 HOH A O   1 
HETATM 1236 O O   . HOH F 4 .   ? -2.394  -4.990  22.952  1.00 36.18 ? 509 HOH A O   1 
HETATM 1237 O O   . HOH F 4 .   ? 9.266   -14.632 4.326   1.00 47.82 ? 510 HOH A O   1 
HETATM 1238 O O   . HOH F 4 .   ? 14.617  -1.958  -10.626 1.00 42.59 ? 511 HOH A O   1 
HETATM 1239 O O   . HOH F 4 .   ? 4.207   -19.130 12.240  1.00 40.14 ? 512 HOH A O   1 
HETATM 1240 O O   . HOH F 4 .   ? 6.681   8.553   -23.774 1.00 31.69 ? 513 HOH A O   1 
HETATM 1241 O O   . HOH F 4 .   ? 2.739   -6.358  -15.727 1.00 38.07 ? 514 HOH A O   1 
HETATM 1242 O O   . HOH F 4 .   ? -10.239 -9.348  -8.073  1.00 33.98 ? 515 HOH A O   1 
HETATM 1243 O O   . HOH F 4 .   ? 3.529   14.613  4.341   1.00 39.59 ? 516 HOH A O   1 
HETATM 1244 O O   . HOH F 4 .   ? 8.921   4.017   -15.111 1.00 40.15 ? 517 HOH A O   1 
HETATM 1245 O O   . HOH F 4 .   ? -13.871 -1.602  -9.679  1.00 41.47 ? 518 HOH A O   1 
HETATM 1246 O O   . HOH F 4 .   ? -0.642  18.839  -8.874  1.00 34.46 ? 519 HOH A O   1 
HETATM 1247 O O   . HOH F 4 .   ? 5.290   -14.235 -16.954 1.00 39.04 ? 520 HOH A O   1 
HETATM 1248 O O   . HOH F 4 .   ? -11.042 -14.890 -0.729  1.00 29.43 ? 521 HOH A O   1 
HETATM 1249 O O   . HOH F 4 .   ? -7.652  -7.493  -10.410 1.00 38.52 ? 522 HOH A O   1 
HETATM 1250 O O   . HOH F 4 .   ? -1.588  2.823   19.758  1.00 39.06 ? 523 HOH A O   1 
HETATM 1251 O O   . HOH F 4 .   ? 0.417   4.105   -19.579 1.00 40.52 ? 524 HOH A O   1 
HETATM 1252 O O   . HOH F 4 .   ? -4.680  1.983   23.218  1.00 32.62 ? 525 HOH A O   1 
HETATM 1253 O O   . HOH F 4 .   ? -6.644  -14.056 -7.051  1.00 34.48 ? 526 HOH A O   1 
HETATM 1254 O O   . HOH F 4 .   ? -3.419  -3.380  -20.772 1.00 37.61 ? 527 HOH A O   1 
HETATM 1255 O O   . HOH F 4 .   ? 15.793  -3.977  -13.289 1.00 39.73 ? 528 HOH A O   1 
HETATM 1256 O O   . HOH F 4 .   ? -4.595  -14.974 -10.290 1.00 40.43 ? 529 HOH A O   1 
HETATM 1257 O O   . HOH F 4 .   ? 3.341   -15.122 8.162   1.00 34.25 ? 530 HOH A O   1 
HETATM 1258 O O   . HOH F 4 .   ? 5.488   15.806  6.695   1.00 36.66 ? 531 HOH A O   1 
HETATM 1259 O O   . HOH F 4 .   ? -12.223 -7.435  -9.593  1.00 36.53 ? 532 HOH A O   1 
HETATM 1260 O O   . HOH F 4 .   ? 8.236   3.866   17.105  1.00 36.59 ? 533 HOH A O   1 
HETATM 1261 O O   . HOH F 4 .   ? -3.372  20.777  -4.028  1.00 31.82 ? 534 HOH A O   1 
HETATM 1262 O O   . HOH F 4 .   ? -10.101 1.947   26.272  1.00 35.55 ? 535 HOH A O   1 
HETATM 1263 O O   . HOH F 4 .   ? 8.227   20.663  14.027  1.00 33.47 ? 536 HOH A O   1 
HETATM 1264 O O   . HOH F 4 .   ? 6.546   7.985   -17.200 1.00 34.75 ? 537 HOH A O   1 
HETATM 1265 O O   . HOH F 4 .   ? 14.415  -10.734 -11.735 1.00 36.66 ? 538 HOH A O   1 
HETATM 1266 O O   . HOH F 4 .   ? 5.328   12.310  19.021  1.00 35.36 ? 539 HOH A O   1 
HETATM 1267 O O   . HOH F 4 .   ? 1.186   9.657   -20.967 1.00 36.24 ? 540 HOH A O   1 
HETATM 1268 O O   . HOH F 4 .   ? 5.485   14.643  -11.327 1.00 35.45 ? 541 HOH A O   1 
HETATM 1269 O O   . HOH F 4 .   ? -3.693  13.701  3.914   1.00 39.23 ? 542 HOH A O   1 
HETATM 1270 O O   . HOH F 4 .   ? -4.859  17.204  1.798   1.00 38.55 ? 543 HOH A O   1 
HETATM 1271 O O   . HOH F 4 .   ? 14.923  -6.796  -9.958  1.00 34.89 ? 544 HOH A O   1 
HETATM 1272 O O   . HOH F 4 .   ? -10.827 -5.004  -13.671 1.00 45.58 ? 545 HOH A O   1 
HETATM 1273 O O   . HOH F 4 .   ? 1.922   0.694   -9.159  1.00 41.71 ? 546 HOH A O   1 
HETATM 1274 O O   . HOH F 4 .   ? -10.416 -12.841 -4.697  1.00 42.80 ? 547 HOH A O   1 
HETATM 1275 O O   . HOH F 4 .   ? 2.220   -18.425 -1.265  1.00 46.05 ? 548 HOH A O   1 
HETATM 1276 O O   . HOH F 4 .   ? 16.810  -5.649  7.238   1.00 40.70 ? 549 HOH A O   1 
HETATM 1277 O O   . HOH F 4 .   ? 5.451   -12.402 -19.540 1.00 38.30 ? 550 HOH A O   1 
HETATM 1278 O O   . HOH F 4 .   ? 6.919   -9.810  -18.638 1.00 36.12 ? 551 HOH A O   1 
HETATM 1279 O O   . HOH F 4 .   ? 7.600   -9.585  -23.624 1.00 41.60 ? 552 HOH A O   1 
HETATM 1280 O O   . HOH F 4 .   ? 9.359   6.660   -20.297 1.00 42.26 ? 553 HOH A O   1 
HETATM 1281 O O   . HOH F 4 .   ? -3.058  2.606   28.662  1.00 40.41 ? 554 HOH A O   1 
HETATM 1282 O O   . HOH F 4 .   ? -5.893  1.946   28.059  1.00 37.17 ? 555 HOH A O   1 
HETATM 1283 O O   . HOH F 4 .   ? 15.028  -6.379  -14.818 1.00 38.39 ? 556 HOH A O   1 
HETATM 1284 O O   . HOH F 4 .   ? 5.482   8.916   17.572  1.00 43.31 ? 557 HOH A O   1 
HETATM 1285 O O   . HOH F 4 .   ? 7.352   10.317  -15.061 1.00 44.40 ? 558 HOH A O   1 
HETATM 1286 O O   . HOH F 4 .   ? -5.682  -10.065 -12.730 1.00 45.52 ? 559 HOH A O   1 
HETATM 1287 O O   . HOH F 4 .   ? 7.410   3.114   20.066  1.00 42.34 ? 560 HOH A O   1 
HETATM 1288 O O   . HOH F 4 .   ? -10.104 -7.525  -12.093 1.00 34.55 ? 561 HOH A O   1 
HETATM 1289 O O   . HOH F 4 .   ? 5.758   -5.595  20.134  1.00 43.56 ? 562 HOH A O   1 
HETATM 1290 O O   . HOH F 4 .   ? 1.276   20.078  -10.782 1.00 43.77 ? 563 HOH A O   1 
HETATM 1291 O O   . HOH F 4 .   ? -6.787  -8.034  -18.364 1.00 40.88 ? 564 HOH A O   1 
HETATM 1292 O O   . HOH F 4 .   ? -3.122  8.835   2.571   1.00 39.20 ? 565 HOH A O   1 
HETATM 1293 O O   . HOH F 4 .   ? -2.667  -2.739  1.508   1.00 37.58 ? 566 HOH A O   1 
HETATM 1294 O O   . HOH F 4 .   ? -5.406  2.325   -4.267  1.00 24.02 ? 567 HOH A O   1 
HETATM 1295 O O   . HOH F 4 .   ? -5.616  10.026  -2.075  1.00 41.50 ? 568 HOH A O   1 
HETATM 1296 O O   . HOH F 4 .   ? -8.175  8.355   -1.783  1.00 34.52 ? 569 HOH A O   1 
HETATM 1297 O O   . HOH F 4 .   ? -4.915  10.268  0.794   1.00 35.38 ? 570 HOH A O   1 
HETATM 1298 O O   . HOH F 4 .   ? -1.429  1.782   2.397   1.00 15.88 ? 571 HOH A O   1 
HETATM 1299 O O   . HOH F 4 .   ? -4.930  -2.949  -0.455  1.00 41.52 ? 572 HOH A O   1 
HETATM 1300 O O   . HOH F 4 .   ? -3.756  0.073   2.151   1.00 35.64 ? 573 HOH A O   1 
# 
